data_2KLQ
#
_entry.id   2KLQ
#
_entity_poly.entity_id   1
_entity_poly.type   'polypeptide(L)'
_entity_poly.pdbx_seq_one_letter_code
;APKASLRLGFSEYSRISNLIVLHLRKVEEEEDESALKRSELVNWYLKEIESEIDSEEELINKKRIIEKVIHRLTHYDHVL
IELTQAGLKGSTEGSESYEEDPYLVVNPNYLLED
;
_entity_poly.pdbx_strand_id   A
#
# COMPACT_ATOMS: atom_id res chain seq x y z
N ALA A 1 -10.66 -17.66 13.10
CA ALA A 1 -11.93 -17.29 12.52
C ALA A 1 -11.91 -17.60 11.04
N PRO A 2 -13.02 -18.16 10.50
CA PRO A 2 -13.13 -18.45 9.07
C PRO A 2 -13.16 -17.16 8.26
N LYS A 3 -13.77 -16.16 8.85
CA LYS A 3 -13.94 -14.83 8.33
C LYS A 3 -14.65 -14.03 9.39
N ALA A 4 -14.50 -12.73 9.36
CA ALA A 4 -15.21 -11.87 10.28
C ALA A 4 -16.46 -11.33 9.60
N SER A 5 -16.34 -11.15 8.28
CA SER A 5 -17.40 -10.62 7.43
C SER A 5 -17.77 -9.20 7.82
N LEU A 6 -17.03 -8.26 7.27
CA LEU A 6 -17.21 -6.88 7.57
C LEU A 6 -18.49 -6.34 6.97
N ARG A 7 -19.49 -6.20 7.82
CA ARG A 7 -20.80 -5.69 7.45
C ARG A 7 -20.74 -4.26 6.93
N LEU A 8 -20.64 -4.19 5.62
CA LEU A 8 -20.48 -3.00 4.81
C LEU A 8 -20.19 -3.45 3.40
N GLY A 9 -19.31 -4.42 3.30
CA GLY A 9 -18.84 -4.87 2.02
C GLY A 9 -17.41 -4.42 1.87
N PHE A 10 -16.49 -5.36 1.87
CA PHE A 10 -15.10 -4.99 1.86
C PHE A 10 -14.33 -5.66 0.74
N SER A 11 -15.02 -6.11 -0.30
CA SER A 11 -14.34 -6.72 -1.43
C SER A 11 -13.35 -5.74 -2.07
N GLU A 12 -13.72 -4.46 -2.01
CA GLU A 12 -12.88 -3.36 -2.46
C GLU A 12 -11.58 -3.37 -1.66
N TYR A 13 -11.73 -3.38 -0.35
CA TYR A 13 -10.58 -3.39 0.55
C TYR A 13 -9.76 -4.65 0.37
N SER A 14 -10.42 -5.75 0.06
CA SER A 14 -9.77 -7.01 -0.16
C SER A 14 -8.90 -6.93 -1.45
N ARG A 15 -9.41 -6.26 -2.48
CA ARG A 15 -8.68 -6.08 -3.73
C ARG A 15 -7.44 -5.22 -3.49
N ILE A 16 -7.58 -4.22 -2.68
CA ILE A 16 -6.46 -3.37 -2.30
C ILE A 16 -5.46 -4.12 -1.41
N SER A 17 -5.98 -4.85 -0.43
CA SER A 17 -5.14 -5.67 0.43
C SER A 17 -4.39 -6.73 -0.39
N ASN A 18 -5.04 -7.24 -1.43
CA ASN A 18 -4.45 -8.20 -2.34
C ASN A 18 -3.27 -7.54 -3.05
N LEU A 19 -3.48 -6.30 -3.48
CA LEU A 19 -2.42 -5.48 -4.07
C LEU A 19 -1.23 -5.36 -3.12
N ILE A 20 -1.51 -5.08 -1.87
CA ILE A 20 -0.46 -4.95 -0.86
C ILE A 20 0.31 -6.23 -0.70
N VAL A 21 -0.40 -7.33 -0.54
CA VAL A 21 0.25 -8.59 -0.36
C VAL A 21 0.99 -9.04 -1.63
N LEU A 22 0.38 -8.81 -2.80
CA LEU A 22 0.99 -9.16 -4.09
C LEU A 22 2.27 -8.40 -4.36
N HIS A 23 2.22 -7.08 -4.20
CA HIS A 23 3.38 -6.25 -4.46
C HIS A 23 4.51 -6.67 -3.55
N LEU A 24 4.22 -6.70 -2.26
CA LEU A 24 5.21 -7.05 -1.28
C LEU A 24 5.77 -8.47 -1.50
N ARG A 25 4.89 -9.48 -1.73
CA ARG A 25 5.38 -10.87 -1.91
C ARG A 25 6.33 -11.00 -3.10
N LYS A 26 6.05 -10.26 -4.15
CA LYS A 26 6.91 -10.26 -5.30
C LYS A 26 8.20 -9.54 -4.99
N VAL A 27 8.08 -8.33 -4.50
CA VAL A 27 9.23 -7.49 -4.23
C VAL A 27 10.18 -8.10 -3.17
N GLU A 28 9.64 -8.77 -2.17
CA GLU A 28 10.51 -9.38 -1.15
C GLU A 28 11.29 -10.57 -1.72
N GLU A 29 10.72 -11.20 -2.72
CA GLU A 29 11.33 -12.35 -3.35
C GLU A 29 12.32 -11.89 -4.43
N GLU A 30 11.94 -10.84 -5.12
CA GLU A 30 12.76 -10.27 -6.19
C GLU A 30 13.91 -9.42 -5.65
N GLU A 31 13.60 -8.52 -4.73
CA GLU A 31 14.59 -7.56 -4.26
C GLU A 31 14.75 -7.56 -2.74
N ASP A 32 13.76 -6.97 -2.06
CA ASP A 32 13.92 -6.66 -0.63
C ASP A 32 12.61 -6.71 0.16
N GLU A 33 11.82 -5.60 0.22
CA GLU A 33 10.55 -5.55 1.00
C GLU A 33 9.68 -4.37 0.67
N SER A 34 9.29 -4.31 -0.59
CA SER A 34 8.45 -3.28 -1.19
C SER A 34 9.20 -1.97 -1.24
N ALA A 35 9.39 -1.44 -0.06
CA ALA A 35 10.01 -0.11 0.19
C ALA A 35 9.62 0.97 -0.86
N LEU A 36 10.42 2.06 -0.91
CA LEU A 36 10.32 3.11 -1.94
C LEU A 36 9.04 3.97 -1.85
N LYS A 37 8.68 4.61 -2.96
CA LYS A 37 7.61 5.58 -3.01
C LYS A 37 6.24 4.90 -2.94
N ARG A 38 5.56 5.08 -1.80
CA ARG A 38 4.20 4.53 -1.58
C ARG A 38 3.20 4.93 -2.67
N SER A 39 3.36 6.13 -3.19
CA SER A 39 2.47 6.68 -4.20
C SER A 39 2.54 5.86 -5.50
N GLU A 40 3.69 5.25 -5.76
CA GLU A 40 3.92 4.44 -6.95
C GLU A 40 3.05 3.21 -6.93
N LEU A 41 2.78 2.70 -5.73
CA LEU A 41 1.92 1.53 -5.56
C LEU A 41 0.52 1.83 -6.05
N VAL A 42 0.01 3.01 -5.71
CA VAL A 42 -1.32 3.43 -6.18
C VAL A 42 -1.25 3.63 -7.67
N ASN A 43 -0.17 4.28 -8.09
CA ASN A 43 0.08 4.64 -9.48
C ASN A 43 -0.08 3.43 -10.40
N TRP A 44 0.73 2.41 -10.18
CA TRP A 44 0.67 1.23 -11.02
C TRP A 44 -0.63 0.45 -10.78
N TYR A 45 -1.18 0.55 -9.56
CA TYR A 45 -2.41 -0.16 -9.22
C TYR A 45 -3.53 0.33 -10.10
N LEU A 46 -3.60 1.62 -10.25
CA LEU A 46 -4.62 2.24 -11.07
C LEU A 46 -4.41 1.84 -12.50
N LYS A 47 -3.16 1.73 -12.87
CA LYS A 47 -2.77 1.29 -14.20
C LYS A 47 -3.20 -0.16 -14.47
N GLU A 48 -3.31 -0.96 -13.44
CA GLU A 48 -3.78 -2.33 -13.64
C GLU A 48 -5.28 -2.42 -13.65
N ILE A 49 -5.88 -1.82 -12.64
CA ILE A 49 -7.32 -1.92 -12.45
C ILE A 49 -8.08 -1.12 -13.44
N GLU A 50 -7.37 -0.32 -14.22
CA GLU A 50 -8.03 0.51 -15.21
C GLU A 50 -8.73 -0.34 -16.27
N SER A 51 -8.26 -1.55 -16.43
CA SER A 51 -8.81 -2.47 -17.37
C SER A 51 -10.14 -3.08 -16.86
N GLU A 52 -10.36 -3.09 -15.54
CA GLU A 52 -11.57 -3.69 -15.00
C GLU A 52 -12.63 -2.62 -14.76
N ILE A 53 -12.25 -1.38 -14.94
CA ILE A 53 -13.14 -0.25 -14.70
C ILE A 53 -14.25 -0.22 -15.73
N ASP A 54 -15.45 -0.51 -15.29
CA ASP A 54 -16.63 -0.45 -16.14
C ASP A 54 -17.13 0.97 -16.25
N SER A 55 -17.02 1.71 -15.17
CA SER A 55 -17.56 3.02 -15.05
C SER A 55 -16.68 3.84 -14.14
N GLU A 56 -16.75 5.16 -14.30
CA GLU A 56 -15.96 6.13 -13.57
C GLU A 56 -16.05 5.91 -12.05
N GLU A 57 -17.23 5.52 -11.58
CA GLU A 57 -17.44 5.25 -10.15
C GLU A 57 -16.49 4.18 -9.61
N GLU A 58 -16.21 3.20 -10.43
CA GLU A 58 -15.30 2.12 -10.07
C GLU A 58 -13.89 2.65 -9.88
N LEU A 59 -13.50 3.53 -10.77
CA LEU A 59 -12.19 4.14 -10.73
C LEU A 59 -12.06 5.00 -9.50
N ILE A 60 -13.04 5.87 -9.29
CA ILE A 60 -13.08 6.76 -8.15
C ILE A 60 -13.05 5.97 -6.85
N ASN A 61 -13.85 4.90 -6.80
CA ASN A 61 -13.90 4.04 -5.65
C ASN A 61 -12.54 3.42 -5.37
N LYS A 62 -11.94 2.82 -6.38
CA LYS A 62 -10.67 2.13 -6.26
C LYS A 62 -9.62 3.09 -5.70
N LYS A 63 -9.56 4.28 -6.29
CA LYS A 63 -8.65 5.34 -5.88
C LYS A 63 -8.85 5.75 -4.42
N ARG A 64 -10.08 5.97 -4.03
CA ARG A 64 -10.35 6.40 -2.67
C ARG A 64 -10.15 5.26 -1.66
N ILE A 65 -10.37 4.02 -2.10
CA ILE A 65 -10.15 2.85 -1.23
C ILE A 65 -8.67 2.66 -0.97
N ILE A 66 -7.85 2.63 -2.03
CA ILE A 66 -6.41 2.44 -1.89
C ILE A 66 -5.81 3.57 -1.02
N GLU A 67 -6.30 4.78 -1.24
CA GLU A 67 -5.91 5.94 -0.48
C GLU A 67 -6.27 5.79 1.00
N LYS A 68 -7.51 5.35 1.28
CA LYS A 68 -7.95 5.14 2.66
C LYS A 68 -7.14 4.07 3.35
N VAL A 69 -6.81 3.03 2.62
CA VAL A 69 -6.01 1.96 3.17
C VAL A 69 -4.61 2.45 3.51
N ILE A 70 -3.99 3.22 2.61
CA ILE A 70 -2.67 3.77 2.87
C ILE A 70 -2.72 4.78 4.04
N HIS A 71 -3.77 5.58 4.07
CA HIS A 71 -3.98 6.52 5.16
C HIS A 71 -4.15 5.77 6.49
N ARG A 72 -4.85 4.67 6.45
CA ARG A 72 -5.09 3.89 7.63
C ARG A 72 -3.80 3.22 8.08
N LEU A 73 -3.12 2.60 7.12
CA LEU A 73 -1.87 1.88 7.28
C LEU A 73 -0.84 2.72 8.02
N THR A 74 -0.69 3.94 7.57
CA THR A 74 0.30 4.86 8.07
C THR A 74 -0.03 5.40 9.47
N HIS A 75 -1.31 5.39 9.83
CA HIS A 75 -1.75 6.03 11.07
C HIS A 75 -2.23 5.05 12.14
N TYR A 76 -3.08 4.13 11.76
CA TYR A 76 -3.73 3.25 12.73
C TYR A 76 -2.99 1.95 12.82
N ASP A 77 -2.89 1.27 11.68
CA ASP A 77 -2.25 -0.06 11.57
C ASP A 77 -0.86 -0.04 12.15
N HIS A 78 -0.05 0.91 11.67
CA HIS A 78 1.35 1.09 12.08
C HIS A 78 2.19 -0.09 11.55
N VAL A 79 1.71 -0.65 10.45
CA VAL A 79 2.41 -1.73 9.78
C VAL A 79 3.40 -1.15 8.77
N LEU A 80 3.58 0.14 8.88
CA LEU A 80 4.50 0.88 8.08
C LEU A 80 5.84 0.96 8.79
N ILE A 81 6.89 0.71 8.07
CA ILE A 81 8.22 0.84 8.59
C ILE A 81 8.89 1.96 7.79
N GLU A 82 9.52 2.88 8.48
CA GLU A 82 10.19 4.01 7.87
C GLU A 82 11.44 4.35 8.70
N LEU A 83 12.49 4.89 8.07
CA LEU A 83 13.73 5.15 8.84
C LEU A 83 14.06 6.62 9.13
N THR A 84 14.47 7.39 8.14
CA THR A 84 14.99 8.74 8.39
C THR A 84 13.92 9.78 8.71
N GLN A 85 13.51 10.44 7.67
CA GLN A 85 12.55 11.50 7.68
C GLN A 85 12.43 12.00 6.25
N ALA A 86 13.57 11.90 5.55
CA ALA A 86 13.74 12.46 4.24
C ALA A 86 12.87 11.77 3.18
N GLY A 87 13.17 10.52 2.89
CA GLY A 87 12.42 9.78 1.88
C GLY A 87 11.05 9.36 2.38
N LEU A 88 10.85 9.52 3.66
CA LEU A 88 9.62 9.11 4.32
C LEU A 88 8.52 10.09 3.97
N LYS A 89 8.79 11.36 4.19
CA LYS A 89 7.82 12.40 3.92
C LYS A 89 7.73 12.66 2.43
N GLY A 90 8.88 12.85 1.80
CA GLY A 90 8.91 13.19 0.39
C GLY A 90 8.34 14.58 0.17
N SER A 91 8.81 15.51 0.95
CA SER A 91 8.34 16.88 0.87
C SER A 91 9.43 17.76 0.29
N THR A 92 10.58 17.19 0.07
CA THR A 92 11.70 17.89 -0.46
C THR A 92 12.38 16.97 -1.48
N GLU A 93 12.78 17.52 -2.59
CA GLU A 93 13.42 16.76 -3.62
C GLU A 93 14.85 16.41 -3.23
N GLY A 94 15.31 15.31 -3.73
CA GLY A 94 16.64 14.89 -3.42
C GLY A 94 16.68 14.02 -2.20
N SER A 95 15.83 13.04 -2.17
CA SER A 95 15.87 12.06 -1.11
C SER A 95 16.93 11.05 -1.51
N GLU A 96 17.97 10.95 -0.72
CA GLU A 96 19.10 10.13 -1.08
C GLU A 96 18.95 8.71 -0.59
N SER A 97 19.37 7.80 -1.42
CA SER A 97 19.29 6.38 -1.16
C SER A 97 20.51 5.91 -0.35
N TYR A 98 21.63 6.65 -0.49
CA TYR A 98 22.88 6.28 0.23
C TYR A 98 22.71 6.43 1.73
N GLU A 99 21.66 7.11 2.13
CA GLU A 99 21.35 7.35 3.51
C GLU A 99 20.61 6.18 4.14
N GLU A 100 20.50 5.10 3.38
CA GLU A 100 19.96 3.79 3.81
C GLU A 100 18.47 3.81 4.08
N ASP A 101 17.88 4.88 3.73
CA ASP A 101 16.46 5.08 3.94
C ASP A 101 15.65 4.26 2.95
N PRO A 102 14.68 3.46 3.44
CA PRO A 102 13.85 2.62 2.59
C PRO A 102 12.53 3.28 2.22
N TYR A 103 12.32 4.53 2.66
CA TYR A 103 11.11 5.28 2.41
C TYR A 103 9.95 4.65 3.18
N LEU A 104 9.05 4.00 2.49
CA LEU A 104 7.90 3.43 3.13
C LEU A 104 7.84 1.96 2.92
N VAL A 105 7.83 1.24 3.98
CA VAL A 105 7.81 -0.18 3.91
C VAL A 105 6.53 -0.68 4.55
N VAL A 106 5.95 -1.71 3.99
CA VAL A 106 4.75 -2.29 4.54
C VAL A 106 5.04 -3.69 5.06
N ASN A 107 4.53 -3.99 6.24
CA ASN A 107 4.67 -5.29 6.87
C ASN A 107 3.92 -6.33 6.06
N PRO A 108 4.54 -7.49 5.77
CA PRO A 108 3.89 -8.60 5.08
C PRO A 108 2.61 -9.09 5.78
N ASN A 109 2.47 -8.78 7.06
CA ASN A 109 1.32 -9.21 7.82
C ASN A 109 0.38 -8.06 8.07
N TYR A 110 -0.50 -7.87 7.14
CA TYR A 110 -1.49 -6.82 7.21
C TYR A 110 -2.76 -7.39 7.87
N LEU A 111 -3.64 -6.54 8.34
CA LEU A 111 -4.84 -6.98 9.03
C LEU A 111 -6.03 -6.06 8.74
N LEU A 112 -7.18 -6.43 9.21
CA LEU A 112 -8.37 -5.60 9.12
C LEU A 112 -8.68 -5.05 10.48
N GLU A 113 -9.54 -4.05 10.54
CA GLU A 113 -9.88 -3.38 11.80
C GLU A 113 -10.88 -4.17 12.62
N ASP A 114 -11.39 -5.21 12.06
CA ASP A 114 -12.37 -6.01 12.73
C ASP A 114 -12.15 -7.43 12.29
N ALA A 1 -16.08 -2.87 15.51
CA ALA A 1 -14.89 -3.45 15.01
C ALA A 1 -15.00 -3.69 13.53
N PRO A 2 -13.91 -3.50 12.78
CA PRO A 2 -13.88 -3.79 11.37
C PRO A 2 -13.88 -5.30 11.15
N LYS A 3 -15.07 -5.85 11.09
CA LYS A 3 -15.28 -7.27 10.99
C LYS A 3 -14.91 -7.78 9.62
N ALA A 4 -13.73 -8.32 9.52
CA ALA A 4 -13.24 -8.87 8.30
C ALA A 4 -13.62 -10.34 8.23
N SER A 5 -14.75 -10.60 7.62
CA SER A 5 -15.24 -11.94 7.47
C SER A 5 -14.85 -12.49 6.11
N LEU A 6 -14.27 -11.62 5.27
CA LEU A 6 -13.85 -11.93 3.91
C LEU A 6 -15.05 -12.41 3.10
N ARG A 7 -15.70 -11.46 2.48
CA ARG A 7 -16.96 -11.70 1.82
C ARG A 7 -17.14 -10.69 0.68
N LEU A 8 -18.04 -10.99 -0.25
CA LEU A 8 -18.40 -10.09 -1.31
C LEU A 8 -18.90 -8.77 -0.70
N GLY A 9 -18.32 -7.67 -1.13
CA GLY A 9 -18.65 -6.37 -0.55
C GLY A 9 -17.53 -5.91 0.35
N PHE A 10 -16.59 -6.79 0.54
CA PHE A 10 -15.38 -6.54 1.29
C PHE A 10 -14.23 -7.09 0.44
N SER A 11 -14.58 -7.46 -0.78
CA SER A 11 -13.70 -8.10 -1.73
C SER A 11 -12.60 -7.14 -2.15
N GLU A 12 -12.96 -5.88 -2.18
CA GLU A 12 -12.05 -4.82 -2.46
C GLU A 12 -10.91 -4.76 -1.47
N TYR A 13 -11.21 -5.03 -0.20
CA TYR A 13 -10.19 -5.00 0.85
C TYR A 13 -9.16 -6.09 0.56
N SER A 14 -9.67 -7.26 0.25
CA SER A 14 -8.84 -8.38 -0.10
C SER A 14 -8.04 -8.10 -1.36
N ARG A 15 -8.67 -7.50 -2.36
CA ARG A 15 -8.00 -7.17 -3.61
C ARG A 15 -6.84 -6.21 -3.41
N ILE A 16 -7.01 -5.24 -2.56
CA ILE A 16 -5.96 -4.30 -2.24
C ILE A 16 -4.84 -4.99 -1.44
N SER A 17 -5.23 -5.75 -0.46
CA SER A 17 -4.29 -6.47 0.38
C SER A 17 -3.51 -7.53 -0.43
N ASN A 18 -4.17 -8.08 -1.45
CA ASN A 18 -3.56 -9.03 -2.35
C ASN A 18 -2.53 -8.31 -3.20
N LEU A 19 -2.92 -7.11 -3.65
CA LEU A 19 -2.04 -6.20 -4.38
C LEU A 19 -0.77 -5.93 -3.58
N ILE A 20 -0.93 -5.71 -2.29
CA ILE A 20 0.18 -5.47 -1.41
C ILE A 20 1.16 -6.64 -1.40
N VAL A 21 0.66 -7.83 -1.17
CA VAL A 21 1.56 -8.97 -1.09
C VAL A 21 2.13 -9.34 -2.48
N LEU A 22 1.31 -9.25 -3.53
CA LEU A 22 1.76 -9.57 -4.89
C LEU A 22 2.81 -8.60 -5.38
N HIS A 23 2.58 -7.32 -5.15
CA HIS A 23 3.51 -6.33 -5.61
C HIS A 23 4.82 -6.44 -4.85
N LEU A 24 4.72 -6.48 -3.52
CA LEU A 24 5.91 -6.56 -2.69
C LEU A 24 6.68 -7.84 -3.00
N ARG A 25 5.98 -8.98 -3.13
CA ARG A 25 6.64 -10.27 -3.37
C ARG A 25 7.49 -10.20 -4.64
N LYS A 26 6.97 -9.52 -5.66
CA LYS A 26 7.75 -9.31 -6.84
C LYS A 26 8.86 -8.28 -6.64
N VAL A 27 8.54 -7.17 -6.03
CA VAL A 27 9.50 -6.09 -5.83
C VAL A 27 10.72 -6.54 -5.01
N GLU A 28 10.50 -7.28 -3.94
CA GLU A 28 11.61 -7.75 -3.13
C GLU A 28 12.42 -8.78 -3.90
N GLU A 29 11.77 -9.50 -4.79
CA GLU A 29 12.41 -10.52 -5.58
C GLU A 29 13.21 -9.89 -6.72
N GLU A 30 12.66 -8.85 -7.30
CA GLU A 30 13.27 -8.18 -8.42
C GLU A 30 14.33 -7.16 -7.98
N GLU A 31 13.95 -6.22 -7.14
CA GLU A 31 14.86 -5.11 -6.80
C GLU A 31 15.18 -5.04 -5.32
N ASP A 32 14.62 -5.95 -4.53
CA ASP A 32 14.87 -6.08 -3.06
C ASP A 32 14.38 -4.84 -2.29
N GLU A 33 13.42 -4.13 -2.84
CA GLU A 33 12.95 -2.91 -2.24
C GLU A 33 11.63 -3.12 -1.56
N SER A 34 11.66 -3.45 -0.33
CA SER A 34 10.45 -3.65 0.41
C SER A 34 9.89 -2.29 0.90
N ALA A 35 10.65 -1.22 0.71
CA ALA A 35 10.24 0.12 1.04
C ALA A 35 10.01 0.89 -0.24
N LEU A 36 8.83 1.40 -0.43
CA LEU A 36 8.48 2.06 -1.66
C LEU A 36 7.70 3.34 -1.42
N LYS A 37 7.45 4.03 -2.52
CA LYS A 37 6.65 5.25 -2.54
C LYS A 37 5.20 4.82 -2.31
N ARG A 38 4.47 5.55 -1.50
CA ARG A 38 3.09 5.18 -1.22
C ARG A 38 2.21 5.43 -2.43
N SER A 39 2.51 6.49 -3.15
CA SER A 39 1.74 6.90 -4.28
C SER A 39 1.91 5.91 -5.43
N GLU A 40 3.11 5.35 -5.55
CA GLU A 40 3.47 4.46 -6.66
C GLU A 40 2.59 3.21 -6.64
N LEU A 41 2.39 2.67 -5.44
CA LEU A 41 1.57 1.46 -5.24
C LEU A 41 0.19 1.71 -5.80
N VAL A 42 -0.44 2.73 -5.25
CA VAL A 42 -1.77 3.15 -5.63
C VAL A 42 -1.82 3.52 -7.12
N ASN A 43 -0.77 4.19 -7.58
CA ASN A 43 -0.69 4.72 -8.93
C ASN A 43 -0.89 3.65 -9.98
N TRP A 44 -0.02 2.66 -9.98
CA TRP A 44 -0.12 1.65 -11.00
C TRP A 44 -1.36 0.83 -10.77
N TYR A 45 -1.77 0.70 -9.49
CA TYR A 45 -2.93 -0.11 -9.13
C TYR A 45 -4.18 0.44 -9.79
N LEU A 46 -4.35 1.74 -9.70
CA LEU A 46 -5.49 2.41 -10.29
C LEU A 46 -5.47 2.29 -11.79
N LYS A 47 -4.30 2.38 -12.34
CA LYS A 47 -4.13 2.34 -13.80
C LYS A 47 -4.36 0.92 -14.32
N GLU A 48 -3.94 -0.01 -13.52
CA GLU A 48 -4.10 -1.44 -13.73
C GLU A 48 -5.58 -1.87 -13.68
N ILE A 49 -6.27 -1.51 -12.61
CA ILE A 49 -7.66 -1.93 -12.40
C ILE A 49 -8.57 -1.37 -13.47
N GLU A 50 -8.16 -0.27 -14.07
CA GLU A 50 -8.92 0.39 -15.14
C GLU A 50 -9.28 -0.56 -16.28
N SER A 51 -8.53 -1.65 -16.42
CA SER A 51 -8.79 -2.60 -17.46
C SER A 51 -10.11 -3.38 -17.20
N GLU A 52 -10.54 -3.45 -15.93
CA GLU A 52 -11.78 -4.17 -15.60
C GLU A 52 -12.83 -3.26 -14.97
N ILE A 53 -12.45 -2.02 -14.65
CA ILE A 53 -13.39 -1.10 -14.02
C ILE A 53 -14.47 -0.68 -15.00
N ASP A 54 -15.68 -1.02 -14.67
CA ASP A 54 -16.86 -0.68 -15.47
C ASP A 54 -17.60 0.47 -14.84
N SER A 55 -17.46 0.59 -13.55
CA SER A 55 -18.24 1.51 -12.79
C SER A 55 -17.36 2.58 -12.18
N GLU A 56 -17.77 3.83 -12.29
CA GLU A 56 -17.03 4.95 -11.70
C GLU A 56 -16.96 4.74 -10.19
N GLU A 57 -18.02 4.13 -9.65
CA GLU A 57 -18.14 3.79 -8.24
C GLU A 57 -16.95 2.96 -7.82
N GLU A 58 -16.61 1.97 -8.64
CA GLU A 58 -15.50 1.08 -8.38
C GLU A 58 -14.19 1.76 -8.38
N LEU A 59 -13.98 2.63 -9.34
CA LEU A 59 -12.73 3.36 -9.41
C LEU A 59 -12.55 4.18 -8.14
N ILE A 60 -13.59 4.91 -7.77
CA ILE A 60 -13.59 5.70 -6.55
C ILE A 60 -13.41 4.78 -5.33
N ASN A 61 -14.16 3.69 -5.31
CA ASN A 61 -14.11 2.70 -4.24
C ASN A 61 -12.73 2.15 -4.03
N LYS A 62 -12.10 1.72 -5.11
CA LYS A 62 -10.76 1.17 -5.05
C LYS A 62 -9.81 2.19 -4.45
N LYS A 63 -9.95 3.46 -4.85
CA LYS A 63 -9.15 4.55 -4.30
C LYS A 63 -9.38 4.69 -2.79
N ARG A 64 -10.64 4.64 -2.38
CA ARG A 64 -11.01 4.74 -0.97
C ARG A 64 -10.42 3.58 -0.18
N ILE A 65 -10.55 2.39 -0.74
CA ILE A 65 -10.08 1.17 -0.11
C ILE A 65 -8.55 1.11 -0.04
N ILE A 66 -7.88 1.45 -1.13
CA ILE A 66 -6.43 1.38 -1.16
C ILE A 66 -5.81 2.30 -0.08
N GLU A 67 -6.33 3.52 0.05
CA GLU A 67 -5.81 4.41 1.08
C GLU A 67 -6.28 3.99 2.47
N LYS A 68 -7.45 3.36 2.54
CA LYS A 68 -8.02 2.85 3.79
C LYS A 68 -7.10 1.76 4.35
N VAL A 69 -6.73 0.84 3.49
CA VAL A 69 -5.88 -0.26 3.88
C VAL A 69 -4.52 0.25 4.28
N ILE A 70 -3.93 1.13 3.43
CA ILE A 70 -2.62 1.75 3.75
C ILE A 70 -2.68 2.43 5.13
N HIS A 71 -3.80 3.10 5.40
CA HIS A 71 -4.03 3.74 6.69
C HIS A 71 -4.10 2.72 7.83
N ARG A 72 -4.96 1.71 7.70
CA ARG A 72 -5.17 0.72 8.77
C ARG A 72 -3.87 -0.04 9.06
N LEU A 73 -3.20 -0.37 7.97
CA LEU A 73 -1.95 -1.07 7.90
C LEU A 73 -0.88 -0.46 8.84
N THR A 74 -0.67 0.82 8.71
CA THR A 74 0.36 1.49 9.45
C THR A 74 -0.16 2.05 10.77
N HIS A 75 -1.46 2.18 10.89
CA HIS A 75 -2.02 2.86 12.06
C HIS A 75 -2.26 1.88 13.19
N TYR A 76 -3.04 0.86 12.91
CA TYR A 76 -3.45 -0.05 13.96
C TYR A 76 -2.60 -1.30 13.96
N ASP A 77 -2.22 -1.73 12.80
CA ASP A 77 -1.55 -3.00 12.68
C ASP A 77 -0.07 -2.96 12.80
N HIS A 78 0.53 -1.83 12.42
CA HIS A 78 1.99 -1.62 12.54
C HIS A 78 2.80 -2.61 11.71
N VAL A 79 2.17 -3.23 10.74
CA VAL A 79 2.86 -4.17 9.88
C VAL A 79 3.59 -3.37 8.77
N LEU A 80 3.30 -2.08 8.74
CA LEU A 80 4.00 -1.15 7.91
C LEU A 80 4.95 -0.33 8.80
N ILE A 81 6.10 -0.06 8.28
CA ILE A 81 7.15 0.64 8.94
C ILE A 81 7.48 1.84 8.05
N GLU A 82 7.76 2.98 8.61
CA GLU A 82 8.13 4.14 7.83
C GLU A 82 9.58 4.47 8.05
N LEU A 83 10.27 4.76 6.99
CA LEU A 83 11.65 5.12 7.06
C LEU A 83 11.73 6.61 6.96
N THR A 84 12.11 7.24 8.06
CA THR A 84 12.24 8.69 8.16
C THR A 84 13.06 9.27 7.00
N GLN A 85 12.59 10.40 6.47
CA GLN A 85 13.21 11.07 5.33
C GLN A 85 14.66 11.51 5.58
N ALA A 86 15.05 11.51 6.83
CA ALA A 86 16.39 11.88 7.19
C ALA A 86 17.30 10.66 7.20
N GLY A 87 16.68 9.50 7.25
CA GLY A 87 17.41 8.28 7.33
C GLY A 87 17.16 7.41 6.14
N LEU A 88 16.81 8.03 5.02
CA LEU A 88 16.60 7.32 3.76
C LEU A 88 17.95 7.03 3.17
N LYS A 89 18.88 7.91 3.53
CA LYS A 89 20.25 7.88 3.11
C LYS A 89 20.36 8.13 1.61
N GLY A 90 19.42 8.93 1.09
CA GLY A 90 19.50 9.41 -0.27
C GLY A 90 20.60 10.46 -0.31
N SER A 91 20.74 11.10 0.83
CA SER A 91 21.81 11.98 1.14
C SER A 91 22.00 11.82 2.62
N THR A 92 23.07 11.14 3.01
CA THR A 92 23.32 10.83 4.40
C THR A 92 23.62 12.12 5.19
N GLU A 93 24.12 13.11 4.48
CA GLU A 93 24.39 14.40 5.06
C GLU A 93 23.35 15.38 4.60
N GLY A 94 22.96 16.26 5.48
CA GLY A 94 22.07 17.35 5.13
C GLY A 94 20.61 16.99 5.18
N SER A 95 20.26 15.80 4.68
CA SER A 95 18.88 15.33 4.57
C SER A 95 18.11 16.17 3.54
N GLU A 96 17.79 15.57 2.43
CA GLU A 96 17.13 16.26 1.34
C GLU A 96 15.69 16.59 1.71
N SER A 97 15.00 15.59 2.29
CA SER A 97 13.61 15.74 2.77
C SER A 97 12.66 16.17 1.63
N TYR A 98 12.99 15.81 0.38
CA TYR A 98 12.15 16.15 -0.76
C TYR A 98 10.84 15.36 -0.75
N GLU A 99 10.83 14.29 0.02
CA GLU A 99 9.63 13.54 0.21
C GLU A 99 8.75 14.25 1.20
N GLU A 100 7.46 14.27 0.91
CA GLU A 100 6.48 14.95 1.73
C GLU A 100 6.42 14.29 3.09
N ASP A 101 6.01 13.11 3.09
CA ASP A 101 6.03 12.27 4.25
C ASP A 101 6.94 11.13 3.83
N PRO A 102 7.65 10.44 4.73
CA PRO A 102 8.64 9.41 4.37
C PRO A 102 8.07 8.22 3.54
N TYR A 103 8.92 7.29 3.17
CA TYR A 103 8.46 6.19 2.39
C TYR A 103 8.21 4.98 3.22
N LEU A 104 7.37 4.14 2.72
CA LEU A 104 6.80 3.12 3.53
C LEU A 104 7.25 1.76 3.14
N VAL A 105 7.44 0.94 4.13
CA VAL A 105 7.76 -0.43 3.94
C VAL A 105 6.77 -1.25 4.72
N VAL A 106 6.31 -2.31 4.15
CA VAL A 106 5.35 -3.16 4.80
C VAL A 106 5.88 -4.58 4.77
N ASN A 107 5.49 -5.37 5.72
CA ASN A 107 5.85 -6.76 5.70
C ASN A 107 4.70 -7.55 5.08
N PRO A 108 4.99 -8.43 4.10
CA PRO A 108 3.96 -9.17 3.32
C PRO A 108 3.23 -10.25 4.13
N ASN A 109 3.57 -10.35 5.41
CA ASN A 109 2.93 -11.30 6.32
C ASN A 109 1.47 -10.96 6.42
N TYR A 110 1.23 -9.67 6.64
CA TYR A 110 -0.09 -9.06 6.75
C TYR A 110 -0.85 -9.60 7.99
N LEU A 111 -2.07 -9.17 8.17
CA LEU A 111 -2.85 -9.52 9.35
C LEU A 111 -4.12 -10.27 8.98
N LEU A 112 -4.24 -10.66 7.73
CA LEU A 112 -5.41 -11.34 7.25
C LEU A 112 -4.96 -12.27 6.16
N GLU A 113 -5.72 -13.31 5.92
CA GLU A 113 -5.34 -14.34 4.96
C GLU A 113 -5.61 -13.90 3.53
N ASP A 114 -6.51 -12.94 3.36
CA ASP A 114 -6.88 -12.44 2.05
C ASP A 114 -6.92 -10.94 2.07
N ALA A 1 -17.56 -7.41 16.70
CA ALA A 1 -16.78 -6.22 16.55
C ALA A 1 -17.15 -5.54 15.24
N PRO A 2 -16.98 -4.21 15.13
CA PRO A 2 -17.23 -3.47 13.88
C PRO A 2 -16.00 -3.55 12.95
N LYS A 3 -15.15 -4.51 13.22
CA LYS A 3 -13.97 -4.73 12.47
C LYS A 3 -14.22 -5.79 11.43
N ALA A 4 -13.29 -5.88 10.49
CA ALA A 4 -13.30 -6.85 9.41
C ALA A 4 -14.37 -6.58 8.38
N SER A 5 -13.98 -5.86 7.36
CA SER A 5 -14.81 -5.62 6.23
C SER A 5 -14.74 -6.90 5.41
N LEU A 6 -13.53 -7.48 5.37
CA LEU A 6 -13.31 -8.75 4.77
C LEU A 6 -13.83 -9.80 5.74
N ARG A 7 -15.13 -9.95 5.67
CA ARG A 7 -15.93 -10.82 6.49
C ARG A 7 -17.38 -10.69 6.00
N LEU A 8 -17.77 -9.46 5.63
CA LEU A 8 -19.12 -9.21 5.13
C LEU A 8 -19.13 -8.96 3.61
N GLY A 9 -18.77 -7.76 3.21
CA GLY A 9 -18.71 -7.40 1.79
C GLY A 9 -17.33 -6.93 1.48
N PHE A 10 -16.59 -7.68 0.68
CA PHE A 10 -15.18 -7.38 0.53
C PHE A 10 -14.59 -7.80 -0.81
N SER A 11 -15.40 -7.99 -1.83
CA SER A 11 -14.89 -8.44 -3.12
C SER A 11 -13.82 -7.47 -3.70
N GLU A 12 -14.09 -6.19 -3.61
CA GLU A 12 -13.15 -5.17 -4.06
C GLU A 12 -12.02 -5.00 -3.07
N TYR A 13 -12.35 -5.03 -1.78
CA TYR A 13 -11.38 -4.89 -0.69
C TYR A 13 -10.31 -5.98 -0.81
N SER A 14 -10.73 -7.14 -1.27
CA SER A 14 -9.84 -8.25 -1.48
C SER A 14 -8.84 -7.96 -2.58
N ARG A 15 -9.23 -7.20 -3.59
CA ARG A 15 -8.33 -6.86 -4.68
C ARG A 15 -7.27 -5.90 -4.18
N ILE A 16 -7.68 -4.97 -3.35
CA ILE A 16 -6.74 -4.04 -2.73
C ILE A 16 -5.73 -4.82 -1.83
N SER A 17 -6.27 -5.66 -0.97
CA SER A 17 -5.47 -6.45 -0.04
C SER A 17 -4.58 -7.46 -0.79
N ASN A 18 -5.08 -7.96 -1.91
CA ASN A 18 -4.36 -8.89 -2.77
C ASN A 18 -3.16 -8.18 -3.36
N LEU A 19 -3.32 -6.88 -3.68
CA LEU A 19 -2.22 -6.06 -4.14
C LEU A 19 -1.13 -6.04 -3.12
N ILE A 20 -1.50 -5.84 -1.87
CA ILE A 20 -0.54 -5.76 -0.79
C ILE A 20 0.27 -7.02 -0.66
N VAL A 21 -0.40 -8.14 -0.59
CA VAL A 21 0.28 -9.40 -0.42
C VAL A 21 1.13 -9.75 -1.67
N LEU A 22 0.57 -9.53 -2.86
CA LEU A 22 1.27 -9.82 -4.12
C LEU A 22 2.44 -8.93 -4.35
N HIS A 23 2.23 -7.63 -4.21
CA HIS A 23 3.28 -6.66 -4.49
C HIS A 23 4.46 -6.91 -3.61
N LEU A 24 4.24 -7.02 -2.31
CA LEU A 24 5.30 -7.25 -1.36
C LEU A 24 6.08 -8.55 -1.70
N ARG A 25 5.36 -9.64 -1.95
CA ARG A 25 6.02 -10.91 -2.23
C ARG A 25 6.77 -10.87 -3.57
N LYS A 26 6.28 -10.09 -4.51
CA LYS A 26 6.97 -9.90 -5.76
C LYS A 26 8.21 -9.06 -5.56
N VAL A 27 8.04 -7.95 -4.87
CA VAL A 27 9.10 -6.99 -4.63
C VAL A 27 10.30 -7.61 -3.92
N GLU A 28 10.07 -8.38 -2.86
CA GLU A 28 11.19 -9.00 -2.11
C GLU A 28 11.99 -9.99 -3.00
N GLU A 29 11.32 -10.57 -3.97
CA GLU A 29 11.90 -11.57 -4.86
C GLU A 29 12.56 -10.89 -6.07
N GLU A 30 11.76 -10.13 -6.77
CA GLU A 30 12.12 -9.53 -8.03
C GLU A 30 12.95 -8.26 -7.86
N GLU A 31 12.42 -7.27 -7.19
CA GLU A 31 13.07 -5.97 -7.12
C GLU A 31 14.04 -5.85 -5.95
N ASP A 32 13.94 -6.80 -5.02
CA ASP A 32 14.86 -7.01 -3.86
C ASP A 32 14.73 -5.95 -2.76
N GLU A 33 14.84 -4.70 -3.14
CA GLU A 33 14.74 -3.61 -2.21
C GLU A 33 13.29 -3.31 -1.97
N SER A 34 12.78 -4.01 -1.03
CA SER A 34 11.44 -3.92 -0.62
C SER A 34 11.27 -2.73 0.29
N ALA A 35 11.30 -1.59 -0.32
CA ALA A 35 11.03 -0.31 0.30
C ALA A 35 10.73 0.69 -0.79
N LEU A 36 9.47 1.09 -0.93
CA LEU A 36 9.06 1.97 -2.03
C LEU A 36 8.21 3.13 -1.52
N LYS A 37 7.92 4.07 -2.44
CA LYS A 37 7.10 5.23 -2.16
C LYS A 37 5.64 4.76 -2.12
N ARG A 38 4.90 5.14 -1.07
CA ARG A 38 3.53 4.64 -0.88
C ARG A 38 2.59 4.99 -2.06
N SER A 39 2.84 6.12 -2.67
CA SER A 39 1.99 6.63 -3.73
C SER A 39 2.03 5.73 -4.98
N GLU A 40 3.14 5.05 -5.18
CA GLU A 40 3.31 4.21 -6.36
C GLU A 40 2.37 3.01 -6.28
N LEU A 41 2.10 2.54 -5.05
CA LEU A 41 1.18 1.42 -4.83
C LEU A 41 -0.16 1.72 -5.45
N VAL A 42 -0.69 2.88 -5.13
CA VAL A 42 -1.95 3.34 -5.64
C VAL A 42 -1.81 3.57 -7.14
N ASN A 43 -0.71 4.20 -7.49
CA ASN A 43 -0.43 4.63 -8.86
C ASN A 43 -0.46 3.45 -9.85
N TRP A 44 0.34 2.41 -9.60
CA TRP A 44 0.36 1.27 -10.50
C TRP A 44 -0.95 0.50 -10.41
N TYR A 45 -1.59 0.54 -9.22
CA TYR A 45 -2.84 -0.18 -8.99
C TYR A 45 -3.90 0.36 -9.92
N LEU A 46 -3.99 1.68 -9.99
CA LEU A 46 -4.94 2.35 -10.84
C LEU A 46 -4.68 1.96 -12.27
N LYS A 47 -3.43 1.97 -12.66
CA LYS A 47 -3.02 1.59 -14.04
C LYS A 47 -3.38 0.15 -14.41
N GLU A 48 -3.52 -0.68 -13.42
CA GLU A 48 -3.89 -2.08 -13.64
C GLU A 48 -5.38 -2.23 -13.77
N ILE A 49 -6.08 -1.63 -12.85
CA ILE A 49 -7.52 -1.77 -12.77
C ILE A 49 -8.22 -0.91 -13.80
N GLU A 50 -7.55 0.11 -14.31
CA GLU A 50 -8.17 1.08 -15.20
C GLU A 50 -8.71 0.47 -16.50
N SER A 51 -8.26 -0.72 -16.81
CA SER A 51 -8.72 -1.44 -17.96
C SER A 51 -10.10 -2.07 -17.69
N GLU A 52 -10.39 -2.37 -16.43
CA GLU A 52 -11.63 -3.02 -16.06
C GLU A 52 -12.56 -2.04 -15.34
N ILE A 53 -12.14 -0.80 -15.27
CA ILE A 53 -12.94 0.23 -14.67
C ILE A 53 -14.02 0.66 -15.63
N ASP A 54 -15.21 0.22 -15.36
CA ASP A 54 -16.39 0.53 -16.15
C ASP A 54 -16.87 1.95 -15.92
N SER A 55 -16.69 2.44 -14.72
CA SER A 55 -17.23 3.72 -14.34
C SER A 55 -16.24 4.45 -13.45
N GLU A 56 -16.26 5.78 -13.52
CA GLU A 56 -15.36 6.64 -12.75
C GLU A 56 -15.51 6.34 -11.27
N GLU A 57 -16.76 6.06 -10.85
CA GLU A 57 -17.08 5.74 -9.46
C GLU A 57 -16.22 4.60 -8.93
N GLU A 58 -16.05 3.58 -9.76
CA GLU A 58 -15.20 2.45 -9.42
C GLU A 58 -13.79 2.85 -9.19
N LEU A 59 -13.27 3.67 -10.05
CA LEU A 59 -11.89 4.12 -9.93
C LEU A 59 -11.72 4.98 -8.68
N ILE A 60 -12.70 5.85 -8.43
CA ILE A 60 -12.70 6.69 -7.24
C ILE A 60 -12.75 5.80 -5.99
N ASN A 61 -13.67 4.84 -6.01
CA ASN A 61 -13.85 3.88 -4.93
C ASN A 61 -12.59 3.05 -4.69
N LYS A 62 -12.03 2.50 -5.76
CA LYS A 62 -10.84 1.68 -5.66
C LYS A 62 -9.68 2.49 -5.09
N LYS A 63 -9.53 3.73 -5.59
CA LYS A 63 -8.49 4.62 -5.14
C LYS A 63 -8.71 5.06 -3.70
N ARG A 64 -9.96 5.20 -3.34
CA ARG A 64 -10.35 5.56 -1.98
C ARG A 64 -9.97 4.44 -1.03
N ILE A 65 -10.31 3.20 -1.40
CA ILE A 65 -10.02 2.04 -0.57
C ILE A 65 -8.52 1.79 -0.47
N ILE A 66 -7.82 1.82 -1.61
CA ILE A 66 -6.37 1.58 -1.59
C ILE A 66 -5.68 2.63 -0.69
N GLU A 67 -6.16 3.88 -0.76
CA GLU A 67 -5.68 4.96 0.08
C GLU A 67 -5.99 4.64 1.54
N LYS A 68 -7.24 4.30 1.82
CA LYS A 68 -7.67 3.99 3.18
C LYS A 68 -6.97 2.78 3.78
N VAL A 69 -6.66 1.79 2.96
CA VAL A 69 -5.94 0.62 3.45
C VAL A 69 -4.48 0.97 3.75
N ILE A 70 -3.87 1.79 2.90
CA ILE A 70 -2.51 2.27 3.14
C ILE A 70 -2.51 3.17 4.40
N HIS A 71 -3.56 3.98 4.51
CA HIS A 71 -3.79 4.86 5.65
C HIS A 71 -3.96 4.03 6.92
N ARG A 72 -4.77 3.01 6.83
CA ARG A 72 -5.04 2.09 7.92
C ARG A 72 -3.73 1.45 8.39
N LEU A 73 -2.99 0.94 7.44
CA LEU A 73 -1.70 0.32 7.66
C LEU A 73 -0.73 1.26 8.41
N THR A 74 -0.64 2.47 7.95
CA THR A 74 0.33 3.42 8.46
C THR A 74 -0.10 4.10 9.78
N HIS A 75 -1.39 4.08 10.08
CA HIS A 75 -1.90 4.85 11.23
C HIS A 75 -2.55 4.00 12.31
N TYR A 76 -3.14 2.90 11.93
CA TYR A 76 -3.87 2.08 12.88
C TYR A 76 -3.06 0.86 13.24
N ASP A 77 -2.46 0.26 12.23
CA ASP A 77 -1.69 -0.96 12.43
C ASP A 77 -0.28 -0.70 12.89
N HIS A 78 0.43 0.16 12.16
CA HIS A 78 1.84 0.49 12.45
C HIS A 78 2.74 -0.72 12.23
N VAL A 79 2.29 -1.64 11.39
CA VAL A 79 3.04 -2.86 11.11
C VAL A 79 3.90 -2.64 9.85
N LEU A 80 3.94 -1.42 9.41
CA LEU A 80 4.71 -1.06 8.29
C LEU A 80 6.09 -0.62 8.76
N ILE A 81 7.07 -1.07 8.07
CA ILE A 81 8.42 -0.75 8.36
C ILE A 81 8.76 0.50 7.56
N GLU A 82 9.33 1.46 8.23
CA GLU A 82 9.72 2.70 7.63
C GLU A 82 11.22 2.85 7.82
N LEU A 83 11.92 3.09 6.75
CA LEU A 83 13.37 3.06 6.81
C LEU A 83 13.97 4.34 7.33
N THR A 84 14.25 5.24 6.45
CA THR A 84 14.91 6.44 6.80
C THR A 84 14.13 7.64 6.29
N GLN A 85 14.42 8.76 6.87
CA GLN A 85 13.90 10.03 6.42
C GLN A 85 15.05 11.03 6.47
N ALA A 86 15.95 10.80 7.38
CA ALA A 86 17.15 11.59 7.51
C ALA A 86 18.19 11.06 6.53
N GLY A 87 18.59 9.83 6.72
CA GLY A 87 19.59 9.23 5.87
C GLY A 87 18.98 8.55 4.67
N LEU A 88 18.43 9.33 3.78
CA LEU A 88 17.83 8.79 2.58
C LEU A 88 18.85 8.63 1.47
N LYS A 89 20.00 9.24 1.63
CA LYS A 89 21.04 9.07 0.65
C LYS A 89 22.31 8.56 1.34
N GLY A 90 22.85 9.38 2.20
CA GLY A 90 24.04 9.01 2.93
C GLY A 90 24.71 10.22 3.51
N SER A 91 24.80 10.27 4.85
CA SER A 91 25.40 11.42 5.58
C SER A 91 24.59 12.70 5.25
N THR A 92 23.31 12.51 5.02
CA THR A 92 22.45 13.55 4.54
C THR A 92 21.80 14.31 5.70
N GLU A 93 21.05 13.58 6.54
CA GLU A 93 20.23 14.10 7.64
C GLU A 93 19.03 14.92 7.11
N GLY A 94 19.29 15.89 6.28
CA GLY A 94 18.25 16.70 5.73
C GLY A 94 17.92 16.31 4.31
N SER A 95 16.98 15.42 4.16
CA SER A 95 16.49 15.00 2.88
C SER A 95 15.20 15.74 2.58
N GLU A 96 14.76 15.74 1.35
CA GLU A 96 13.55 16.46 0.99
C GLU A 96 12.29 15.59 1.10
N SER A 97 11.82 15.47 2.30
CA SER A 97 10.67 14.67 2.65
C SER A 97 9.38 15.52 2.68
N TYR A 98 9.37 16.61 1.93
CA TYR A 98 8.23 17.55 1.90
C TYR A 98 7.01 16.96 1.19
N GLU A 99 7.21 15.89 0.48
CA GLU A 99 6.15 15.30 -0.31
C GLU A 99 5.30 14.27 0.47
N GLU A 100 5.66 13.03 0.38
CA GLU A 100 4.99 11.93 1.00
C GLU A 100 5.95 11.23 1.93
N ASP A 101 5.48 10.19 2.56
CA ASP A 101 6.30 9.40 3.46
C ASP A 101 7.28 8.59 2.58
N PRO A 102 8.60 8.69 2.86
CA PRO A 102 9.70 8.17 2.01
C PRO A 102 9.59 6.75 1.46
N TYR A 103 10.00 5.76 2.22
CA TYR A 103 10.00 4.40 1.76
C TYR A 103 9.41 3.50 2.79
N LEU A 104 8.31 2.90 2.46
CA LEU A 104 7.59 2.08 3.38
C LEU A 104 7.54 0.67 2.87
N VAL A 105 7.49 -0.25 3.78
CA VAL A 105 7.38 -1.66 3.47
C VAL A 105 6.59 -2.37 4.56
N VAL A 106 5.75 -3.29 4.20
CA VAL A 106 4.95 -4.00 5.18
C VAL A 106 5.21 -5.50 5.10
N ASN A 107 6.04 -6.04 5.98
CA ASN A 107 6.33 -7.46 5.86
C ASN A 107 6.49 -8.29 7.13
N PRO A 108 5.40 -8.55 7.81
CA PRO A 108 5.30 -9.68 8.73
C PRO A 108 4.49 -10.74 7.99
N ASN A 109 4.42 -10.48 6.67
CA ASN A 109 3.58 -11.13 5.71
C ASN A 109 2.14 -10.78 6.06
N TYR A 110 1.72 -9.65 5.50
CA TYR A 110 0.45 -8.98 5.82
C TYR A 110 -0.72 -9.95 5.79
N LEU A 111 -1.45 -9.94 6.86
CA LEU A 111 -2.58 -10.81 7.05
C LEU A 111 -3.86 -10.08 6.69
N LEU A 112 -4.93 -10.81 6.61
CA LEU A 112 -6.20 -10.21 6.29
C LEU A 112 -6.90 -9.83 7.58
N GLU A 113 -8.01 -9.13 7.49
CA GLU A 113 -8.74 -8.69 8.66
C GLU A 113 -9.22 -9.88 9.48
N ASP A 114 -9.96 -10.75 8.83
CA ASP A 114 -10.47 -11.92 9.46
C ASP A 114 -10.06 -13.12 8.65
N ALA A 1 -18.66 -14.99 19.27
CA ALA A 1 -19.05 -13.77 18.61
C ALA A 1 -18.60 -13.77 17.15
N PRO A 2 -19.51 -13.45 16.22
CA PRO A 2 -19.17 -13.32 14.84
C PRO A 2 -18.78 -11.88 14.56
N LYS A 3 -17.55 -11.66 14.24
CA LYS A 3 -17.09 -10.32 13.97
C LYS A 3 -17.34 -10.01 12.51
N ALA A 4 -17.00 -10.98 11.67
CA ALA A 4 -17.16 -10.91 10.21
C ALA A 4 -16.35 -9.75 9.62
N SER A 5 -15.28 -9.37 10.32
CA SER A 5 -14.45 -8.20 10.00
C SER A 5 -13.90 -8.30 8.57
N LEU A 6 -13.50 -9.48 8.17
CA LEU A 6 -13.02 -9.71 6.83
C LEU A 6 -13.83 -10.81 6.21
N ARG A 7 -13.72 -10.93 4.89
CA ARG A 7 -14.48 -11.91 4.07
C ARG A 7 -15.96 -11.51 3.95
N LEU A 8 -16.25 -10.33 4.46
CA LEU A 8 -17.55 -9.71 4.37
C LEU A 8 -17.59 -9.01 2.99
N GLY A 9 -18.68 -8.36 2.67
CA GLY A 9 -18.81 -7.62 1.42
C GLY A 9 -17.88 -6.40 1.32
N PHE A 10 -16.61 -6.68 1.20
CA PHE A 10 -15.60 -5.69 0.99
C PHE A 10 -14.79 -6.10 -0.23
N SER A 11 -15.42 -6.11 -1.37
CA SER A 11 -14.79 -6.50 -2.60
C SER A 11 -13.67 -5.50 -2.93
N GLU A 12 -13.93 -4.23 -2.68
CA GLU A 12 -12.96 -3.20 -2.98
C GLU A 12 -11.77 -3.30 -2.06
N TYR A 13 -12.01 -3.46 -0.76
CA TYR A 13 -10.91 -3.61 0.18
C TYR A 13 -10.13 -4.87 -0.10
N SER A 14 -10.81 -5.92 -0.54
CA SER A 14 -10.15 -7.15 -0.86
C SER A 14 -9.20 -7.00 -2.06
N ARG A 15 -9.62 -6.23 -3.07
CA ARG A 15 -8.76 -6.00 -4.23
C ARG A 15 -7.54 -5.17 -3.88
N ILE A 16 -7.72 -4.22 -2.99
CA ILE A 16 -6.62 -3.41 -2.50
C ILE A 16 -5.71 -4.25 -1.58
N SER A 17 -6.32 -5.04 -0.72
CA SER A 17 -5.59 -5.96 0.16
C SER A 17 -4.79 -6.94 -0.69
N ASN A 18 -5.39 -7.37 -1.80
CA ASN A 18 -4.75 -8.24 -2.76
C ASN A 18 -3.51 -7.56 -3.32
N LEU A 19 -3.65 -6.26 -3.64
CA LEU A 19 -2.53 -5.45 -4.08
C LEU A 19 -1.41 -5.49 -3.07
N ILE A 20 -1.74 -5.36 -1.81
CA ILE A 20 -0.76 -5.34 -0.74
C ILE A 20 0.01 -6.63 -0.66
N VAL A 21 -0.69 -7.73 -0.68
CA VAL A 21 -0.02 -9.00 -0.59
C VAL A 21 0.77 -9.29 -1.87
N LEU A 22 0.17 -9.02 -3.04
CA LEU A 22 0.83 -9.20 -4.33
C LEU A 22 2.05 -8.35 -4.47
N HIS A 23 1.93 -7.08 -4.11
CA HIS A 23 3.01 -6.12 -4.18
C HIS A 23 4.19 -6.62 -3.41
N LEU A 24 3.98 -6.91 -2.15
CA LEU A 24 5.07 -7.34 -1.31
C LEU A 24 5.69 -8.66 -1.80
N ARG A 25 4.86 -9.65 -2.08
CA ARG A 25 5.36 -10.94 -2.54
C ARG A 25 6.13 -10.84 -3.84
N LYS A 26 5.67 -9.98 -4.72
CA LYS A 26 6.33 -9.79 -5.98
C LYS A 26 7.62 -9.03 -5.81
N VAL A 27 7.59 -7.95 -5.05
CA VAL A 27 8.76 -7.12 -4.95
C VAL A 27 9.91 -7.81 -4.23
N GLU A 28 9.66 -8.44 -3.09
CA GLU A 28 10.78 -9.06 -2.36
C GLU A 28 11.35 -10.28 -3.07
N GLU A 29 10.51 -10.97 -3.82
CA GLU A 29 10.94 -12.17 -4.48
C GLU A 29 11.58 -11.88 -5.84
N GLU A 30 11.01 -10.97 -6.61
CA GLU A 30 11.51 -10.73 -7.95
C GLU A 30 12.40 -9.49 -8.06
N GLU A 31 11.92 -8.37 -7.56
CA GLU A 31 12.62 -7.11 -7.76
C GLU A 31 13.59 -6.83 -6.61
N ASP A 32 13.48 -7.64 -5.57
CA ASP A 32 14.27 -7.59 -4.32
C ASP A 32 13.96 -6.37 -3.44
N GLU A 33 13.72 -5.26 -4.08
CA GLU A 33 13.45 -4.02 -3.46
C GLU A 33 12.04 -4.00 -2.97
N SER A 34 11.91 -4.39 -1.76
CA SER A 34 10.67 -4.36 -1.05
C SER A 34 10.26 -2.92 -0.74
N ALA A 35 11.25 -2.05 -0.67
CA ALA A 35 11.03 -0.67 -0.36
C ALA A 35 10.79 0.14 -1.62
N LEU A 36 9.56 0.22 -2.00
CA LEU A 36 9.17 0.91 -3.21
C LEU A 36 8.44 2.21 -2.82
N LYS A 37 7.53 2.73 -3.63
CA LYS A 37 6.96 4.02 -3.35
C LYS A 37 5.43 4.02 -3.58
N ARG A 38 4.72 4.75 -2.74
CA ARG A 38 3.24 4.72 -2.68
C ARG A 38 2.50 5.33 -3.88
N SER A 39 2.96 6.44 -4.41
CA SER A 39 2.27 7.05 -5.53
C SER A 39 2.35 6.16 -6.77
N GLU A 40 3.46 5.47 -6.91
CA GLU A 40 3.69 4.52 -7.98
C GLU A 40 2.79 3.30 -7.78
N LEU A 41 2.63 2.90 -6.51
CA LEU A 41 1.76 1.79 -6.12
C LEU A 41 0.35 2.01 -6.66
N VAL A 42 -0.20 3.18 -6.36
CA VAL A 42 -1.50 3.58 -6.85
C VAL A 42 -1.49 3.66 -8.37
N ASN A 43 -0.39 4.19 -8.90
CA ASN A 43 -0.20 4.42 -10.33
C ASN A 43 -0.41 3.14 -11.12
N TRP A 44 0.39 2.11 -10.80
CA TRP A 44 0.29 0.88 -11.53
C TRP A 44 -1.01 0.18 -11.25
N TYR A 45 -1.56 0.39 -10.06
CA TYR A 45 -2.80 -0.25 -9.66
C TYR A 45 -3.92 0.20 -10.55
N LEU A 46 -4.08 1.50 -10.68
CA LEU A 46 -5.13 2.12 -11.48
C LEU A 46 -5.03 1.66 -12.93
N LYS A 47 -3.81 1.67 -13.44
CA LYS A 47 -3.53 1.28 -14.82
C LYS A 47 -3.85 -0.20 -15.10
N GLU A 48 -3.75 -1.02 -14.09
CA GLU A 48 -4.04 -2.42 -14.25
C GLU A 48 -5.53 -2.69 -14.11
N ILE A 49 -6.11 -2.14 -13.08
CA ILE A 49 -7.50 -2.40 -12.75
C ILE A 49 -8.46 -1.64 -13.63
N GLU A 50 -7.94 -0.74 -14.45
CA GLU A 50 -8.79 0.05 -15.33
C GLU A 50 -9.61 -0.83 -16.29
N SER A 51 -9.19 -2.07 -16.45
CA SER A 51 -9.87 -3.02 -17.30
C SER A 51 -11.07 -3.67 -16.56
N GLU A 52 -11.10 -3.61 -15.22
CA GLU A 52 -12.20 -4.22 -14.46
C GLU A 52 -13.26 -3.18 -14.15
N ILE A 53 -12.88 -1.94 -14.39
CA ILE A 53 -13.69 -0.79 -14.09
C ILE A 53 -14.99 -0.78 -14.89
N ASP A 54 -16.07 -1.02 -14.17
CA ASP A 54 -17.42 -1.04 -14.72
C ASP A 54 -17.92 0.36 -14.98
N SER A 55 -17.51 1.26 -14.13
CA SER A 55 -17.96 2.61 -14.18
C SER A 55 -16.91 3.49 -13.54
N GLU A 56 -16.93 4.77 -13.89
CA GLU A 56 -16.01 5.78 -13.34
C GLU A 56 -16.03 5.74 -11.81
N GLU A 57 -17.23 5.46 -11.28
CA GLU A 57 -17.47 5.31 -9.84
C GLU A 57 -16.51 4.28 -9.25
N GLU A 58 -16.38 3.16 -9.93
CA GLU A 58 -15.50 2.07 -9.53
C GLU A 58 -14.06 2.50 -9.49
N LEU A 59 -13.66 3.29 -10.48
CA LEU A 59 -12.30 3.77 -10.58
C LEU A 59 -12.01 4.71 -9.43
N ILE A 60 -12.91 5.65 -9.22
CA ILE A 60 -12.80 6.61 -8.13
C ILE A 60 -12.83 5.88 -6.79
N ASN A 61 -13.71 4.89 -6.67
CA ASN A 61 -13.79 4.05 -5.49
C ASN A 61 -12.49 3.32 -5.22
N LYS A 62 -11.95 2.67 -6.24
CA LYS A 62 -10.70 1.93 -6.12
C LYS A 62 -9.57 2.88 -5.73
N LYS A 63 -9.61 4.08 -6.28
CA LYS A 63 -8.65 5.13 -5.98
C LYS A 63 -8.84 5.62 -4.53
N ARG A 64 -10.08 5.72 -4.11
CA ARG A 64 -10.41 6.18 -2.77
C ARG A 64 -9.97 5.15 -1.73
N ILE A 65 -10.19 3.89 -2.04
CA ILE A 65 -9.84 2.82 -1.14
C ILE A 65 -8.33 2.69 -1.04
N ILE A 66 -7.63 2.74 -2.18
CA ILE A 66 -6.18 2.65 -2.16
C ILE A 66 -5.58 3.85 -1.40
N GLU A 67 -6.24 5.00 -1.52
CA GLU A 67 -5.86 6.21 -0.79
C GLU A 67 -6.07 6.00 0.73
N LYS A 68 -7.25 5.52 1.09
CA LYS A 68 -7.60 5.29 2.48
C LYS A 68 -6.67 4.29 3.14
N VAL A 69 -6.31 3.23 2.42
CA VAL A 69 -5.42 2.25 3.00
C VAL A 69 -4.02 2.80 3.16
N ILE A 70 -3.57 3.66 2.24
CA ILE A 70 -2.25 4.29 2.39
C ILE A 70 -2.24 5.12 3.68
N HIS A 71 -3.33 5.82 3.91
CA HIS A 71 -3.50 6.59 5.12
C HIS A 71 -3.55 5.67 6.36
N ARG A 72 -4.37 4.65 6.30
CA ARG A 72 -4.54 3.74 7.42
C ARG A 72 -3.26 2.95 7.73
N LEU A 73 -2.63 2.45 6.70
CA LEU A 73 -1.41 1.65 6.78
C LEU A 73 -0.31 2.44 7.48
N THR A 74 -0.22 3.71 7.16
CA THR A 74 0.82 4.53 7.70
C THR A 74 0.45 5.10 9.08
N HIS A 75 -0.83 5.22 9.36
CA HIS A 75 -1.27 5.79 10.63
C HIS A 75 -1.81 4.76 11.61
N TYR A 76 -3.02 4.28 11.37
CA TYR A 76 -3.72 3.40 12.33
C TYR A 76 -3.07 2.04 12.46
N ASP A 77 -2.68 1.48 11.34
CA ASP A 77 -2.12 0.15 11.33
C ASP A 77 -0.67 0.17 11.76
N HIS A 78 0.07 1.19 11.28
CA HIS A 78 1.51 1.37 11.56
C HIS A 78 2.27 0.11 11.08
N VAL A 79 1.82 -0.41 9.98
CA VAL A 79 2.35 -1.64 9.42
C VAL A 79 3.39 -1.32 8.33
N LEU A 80 3.74 -0.05 8.27
CA LEU A 80 4.72 0.47 7.34
C LEU A 80 6.11 0.46 7.96
N ILE A 81 7.07 0.16 7.14
CA ILE A 81 8.44 0.32 7.45
C ILE A 81 8.97 1.33 6.44
N GLU A 82 9.29 2.50 6.89
CA GLU A 82 9.82 3.51 6.00
C GLU A 82 11.31 3.66 6.24
N LEU A 83 12.07 3.45 5.21
CA LEU A 83 13.51 3.47 5.31
C LEU A 83 14.03 4.88 5.28
N THR A 84 14.78 5.23 6.28
CA THR A 84 15.43 6.49 6.33
C THR A 84 16.79 6.37 5.73
N GLN A 85 16.89 6.69 4.45
CA GLN A 85 18.14 6.67 3.77
C GLN A 85 19.04 7.69 4.47
N ALA A 86 18.60 8.95 4.46
CA ALA A 86 19.23 10.00 5.22
C ALA A 86 18.44 11.29 5.09
N GLY A 87 18.02 11.80 6.22
CA GLY A 87 17.26 13.03 6.26
C GLY A 87 15.84 12.84 5.80
N LEU A 88 15.36 11.62 5.82
CA LEU A 88 14.02 11.34 5.32
C LEU A 88 13.00 11.44 6.45
N LYS A 89 13.48 11.52 7.65
CA LYS A 89 12.62 11.68 8.81
C LYS A 89 12.12 13.12 8.87
N GLY A 90 13.05 14.03 8.75
CA GLY A 90 12.78 15.42 8.78
C GLY A 90 13.95 16.17 8.27
N SER A 91 14.88 16.43 9.13
CA SER A 91 16.09 17.09 8.77
C SER A 91 17.25 16.40 9.46
N THR A 92 18.44 16.64 8.99
CA THR A 92 19.63 16.10 9.56
C THR A 92 20.79 16.95 9.04
N GLU A 93 21.96 16.75 9.55
CA GLU A 93 23.09 17.51 9.14
C GLU A 93 23.96 16.67 8.22
N GLY A 94 24.28 17.19 7.06
CA GLY A 94 25.16 16.50 6.17
C GLY A 94 24.44 15.56 5.23
N SER A 95 23.28 15.93 4.79
CA SER A 95 22.55 15.11 3.87
C SER A 95 21.71 15.99 2.97
N GLU A 96 21.58 15.61 1.73
CA GLU A 96 20.86 16.39 0.77
C GLU A 96 19.37 16.22 0.89
N SER A 97 18.71 17.31 1.12
CA SER A 97 17.29 17.34 1.37
C SER A 97 16.45 17.48 0.09
N TYR A 98 17.02 17.17 -1.06
CA TYR A 98 16.28 17.31 -2.32
C TYR A 98 15.45 16.07 -2.61
N GLU A 99 15.66 15.05 -1.84
CA GLU A 99 14.99 13.79 -2.07
C GLU A 99 13.53 13.81 -1.66
N GLU A 100 12.77 12.99 -2.32
CA GLU A 100 11.32 12.94 -2.20
C GLU A 100 10.87 11.90 -1.16
N ASP A 101 9.60 11.50 -1.28
CA ASP A 101 8.94 10.52 -0.39
C ASP A 101 9.80 9.27 -0.24
N PRO A 102 10.02 8.81 1.02
CA PRO A 102 10.94 7.71 1.32
C PRO A 102 10.52 6.37 0.74
N TYR A 103 11.35 5.40 0.95
CA TYR A 103 11.15 4.08 0.44
C TYR A 103 10.30 3.32 1.43
N LEU A 104 9.21 2.80 0.96
CA LEU A 104 8.20 2.23 1.82
C LEU A 104 8.08 0.74 1.62
N VAL A 105 7.90 0.05 2.71
CA VAL A 105 7.69 -1.39 2.72
C VAL A 105 6.70 -1.73 3.83
N VAL A 106 5.94 -2.78 3.64
CA VAL A 106 4.91 -3.18 4.58
C VAL A 106 5.29 -4.54 5.21
N ASN A 107 4.82 -4.78 6.43
CA ASN A 107 5.05 -6.06 7.13
C ASN A 107 4.45 -7.20 6.35
N PRO A 108 5.16 -8.33 6.24
CA PRO A 108 4.72 -9.47 5.47
C PRO A 108 3.58 -10.27 6.11
N ASN A 109 2.43 -9.67 6.11
CA ASN A 109 1.15 -10.34 6.48
C ASN A 109 0.02 -9.34 6.49
N TYR A 110 0.30 -8.15 7.03
CA TYR A 110 -0.70 -7.08 7.24
C TYR A 110 -1.66 -7.60 8.32
N LEU A 111 -2.79 -7.02 8.47
CA LEU A 111 -3.74 -7.50 9.43
C LEU A 111 -5.05 -7.86 8.77
N LEU A 112 -5.47 -9.07 8.97
CA LEU A 112 -6.73 -9.54 8.45
C LEU A 112 -7.30 -10.52 9.46
N GLU A 113 -8.39 -11.17 9.11
CA GLU A 113 -8.98 -12.15 10.00
C GLU A 113 -8.48 -13.53 9.70
N ASP A 114 -8.46 -13.86 8.45
CA ASP A 114 -8.06 -15.17 8.00
C ASP A 114 -7.36 -15.02 6.70
N ALA A 1 -25.77 -6.19 13.26
CA ALA A 1 -25.16 -6.68 12.07
C ALA A 1 -24.05 -7.63 12.44
N PRO A 2 -24.03 -8.82 11.86
CA PRO A 2 -23.00 -9.79 12.11
C PRO A 2 -21.82 -9.61 11.16
N LYS A 3 -20.65 -9.52 11.69
CA LYS A 3 -19.50 -9.35 10.88
C LYS A 3 -18.88 -10.67 10.53
N ALA A 4 -19.52 -11.38 9.64
CA ALA A 4 -18.98 -12.60 9.14
C ALA A 4 -18.13 -12.27 7.95
N SER A 5 -16.90 -11.93 8.20
CA SER A 5 -16.01 -11.46 7.19
C SER A 5 -14.57 -11.82 7.59
N LEU A 6 -13.60 -11.43 6.76
CA LEU A 6 -12.14 -11.60 6.98
C LEU A 6 -11.72 -13.06 7.04
N ARG A 7 -12.12 -13.74 8.10
CA ARG A 7 -11.85 -15.15 8.26
C ARG A 7 -12.76 -15.89 7.29
N LEU A 8 -13.93 -15.32 7.06
CA LEU A 8 -14.83 -15.79 6.04
C LEU A 8 -14.43 -15.18 4.71
N GLY A 9 -14.15 -13.89 4.72
CA GLY A 9 -13.69 -13.22 3.53
C GLY A 9 -13.95 -11.73 3.54
N PHE A 10 -13.09 -11.01 2.86
CA PHE A 10 -13.20 -9.60 2.55
C PHE A 10 -12.67 -9.44 1.17
N SER A 11 -13.53 -9.60 0.21
CA SER A 11 -13.17 -9.63 -1.18
C SER A 11 -12.36 -8.40 -1.62
N GLU A 12 -12.83 -7.21 -1.31
CA GLU A 12 -12.12 -6.01 -1.72
C GLU A 12 -10.82 -5.87 -0.96
N TYR A 13 -10.83 -6.16 0.32
CA TYR A 13 -9.62 -6.04 1.09
C TYR A 13 -8.58 -7.04 0.62
N SER A 14 -9.01 -8.23 0.24
CA SER A 14 -8.08 -9.22 -0.27
C SER A 14 -7.43 -8.76 -1.59
N ARG A 15 -8.14 -7.90 -2.35
CA ARG A 15 -7.60 -7.39 -3.62
C ARG A 15 -6.43 -6.46 -3.29
N ILE A 16 -6.65 -5.61 -2.30
CA ILE A 16 -5.64 -4.67 -1.83
C ILE A 16 -4.49 -5.43 -1.14
N SER A 17 -4.85 -6.39 -0.33
CA SER A 17 -3.89 -7.27 0.35
C SER A 17 -2.99 -7.97 -0.68
N ASN A 18 -3.61 -8.42 -1.79
CA ASN A 18 -2.85 -9.01 -2.89
C ASN A 18 -1.84 -8.04 -3.43
N LEU A 19 -2.26 -6.79 -3.61
CA LEU A 19 -1.37 -5.74 -4.08
C LEU A 19 -0.12 -5.66 -3.21
N ILE A 20 -0.29 -5.68 -1.91
CA ILE A 20 0.83 -5.55 -0.99
C ILE A 20 1.83 -6.69 -1.14
N VAL A 21 1.34 -7.90 -1.11
CA VAL A 21 2.22 -9.02 -1.20
C VAL A 21 2.84 -9.18 -2.59
N LEU A 22 2.03 -8.99 -3.63
CA LEU A 22 2.45 -9.13 -5.01
C LEU A 22 3.41 -8.03 -5.42
N HIS A 23 3.12 -6.81 -5.02
CA HIS A 23 3.96 -5.67 -5.35
C HIS A 23 5.34 -5.85 -4.73
N LEU A 24 5.39 -6.04 -3.42
CA LEU A 24 6.66 -6.17 -2.73
C LEU A 24 7.53 -7.32 -3.28
N ARG A 25 6.93 -8.50 -3.49
CA ARG A 25 7.69 -9.66 -4.00
C ARG A 25 8.26 -9.37 -5.40
N LYS A 26 7.48 -8.68 -6.21
CA LYS A 26 7.88 -8.34 -7.56
C LYS A 26 8.99 -7.27 -7.54
N VAL A 27 8.75 -6.25 -6.76
CA VAL A 27 9.64 -5.11 -6.66
C VAL A 27 11.02 -5.49 -6.13
N GLU A 28 11.08 -6.24 -5.03
CA GLU A 28 12.38 -6.62 -4.46
C GLU A 28 13.17 -7.53 -5.39
N GLU A 29 12.46 -8.29 -6.18
CA GLU A 29 13.06 -9.25 -7.07
C GLU A 29 13.62 -8.57 -8.31
N GLU A 30 12.87 -7.64 -8.88
CA GLU A 30 13.30 -6.96 -10.08
C GLU A 30 14.19 -5.77 -9.83
N GLU A 31 13.61 -4.73 -9.26
CA GLU A 31 14.29 -3.46 -9.13
C GLU A 31 15.01 -3.31 -7.79
N ASP A 32 14.73 -4.22 -6.86
CA ASP A 32 15.38 -4.31 -5.52
C ASP A 32 14.95 -3.21 -4.56
N GLU A 33 15.02 -1.98 -5.03
CA GLU A 33 14.68 -0.80 -4.29
C GLU A 33 13.18 -0.72 -4.13
N SER A 34 12.76 -1.34 -3.09
CA SER A 34 11.37 -1.48 -2.74
C SER A 34 10.75 -0.18 -2.21
N ALA A 35 11.60 0.77 -1.84
CA ALA A 35 11.14 2.06 -1.36
C ALA A 35 10.61 2.90 -2.51
N LEU A 36 9.33 2.80 -2.75
CA LEU A 36 8.69 3.48 -3.84
C LEU A 36 7.79 4.61 -3.35
N LYS A 37 7.05 5.19 -4.26
CA LYS A 37 6.22 6.32 -3.93
C LYS A 37 4.77 5.94 -3.67
N ARG A 38 4.03 6.85 -3.03
CA ARG A 38 2.66 6.62 -2.57
C ARG A 38 1.69 6.60 -3.73
N SER A 39 1.65 7.70 -4.45
CA SER A 39 0.73 7.89 -5.54
C SER A 39 0.92 6.82 -6.63
N GLU A 40 2.18 6.42 -6.88
CA GLU A 40 2.51 5.38 -7.86
C GLU A 40 1.78 4.07 -7.56
N LEU A 41 1.75 3.68 -6.30
CA LEU A 41 1.13 2.41 -5.90
C LEU A 41 -0.34 2.38 -6.32
N VAL A 42 -1.03 3.45 -5.99
CA VAL A 42 -2.43 3.58 -6.34
C VAL A 42 -2.54 3.73 -7.86
N ASN A 43 -1.62 4.48 -8.43
CA ASN A 43 -1.57 4.79 -9.85
C ASN A 43 -1.62 3.55 -10.71
N TRP A 44 -0.68 2.62 -10.49
CA TRP A 44 -0.68 1.42 -11.29
C TRP A 44 -1.84 0.51 -10.91
N TYR A 45 -2.25 0.57 -9.64
CA TYR A 45 -3.33 -0.27 -9.14
C TYR A 45 -4.59 0.01 -9.91
N LEU A 46 -4.86 1.29 -10.07
CA LEU A 46 -6.04 1.74 -10.78
C LEU A 46 -5.98 1.32 -12.23
N LYS A 47 -4.84 1.54 -12.85
CA LYS A 47 -4.62 1.13 -14.25
C LYS A 47 -4.87 -0.37 -14.47
N GLU A 48 -4.54 -1.16 -13.47
CA GLU A 48 -4.71 -2.61 -13.55
C GLU A 48 -6.15 -3.03 -13.25
N ILE A 49 -6.77 -2.40 -12.25
CA ILE A 49 -8.15 -2.76 -11.87
C ILE A 49 -9.13 -2.29 -12.91
N GLU A 50 -8.76 -1.29 -13.70
CA GLU A 50 -9.63 -0.75 -14.74
C GLU A 50 -9.99 -1.78 -15.82
N SER A 51 -9.36 -2.92 -15.76
CA SER A 51 -9.68 -4.03 -16.61
C SER A 51 -11.05 -4.65 -16.18
N GLU A 52 -11.39 -4.51 -14.90
CA GLU A 52 -12.62 -5.09 -14.36
C GLU A 52 -13.63 -4.00 -13.96
N ILE A 53 -13.24 -2.75 -14.08
CA ILE A 53 -14.09 -1.64 -13.68
C ILE A 53 -15.11 -1.35 -14.75
N ASP A 54 -16.35 -1.64 -14.46
CA ASP A 54 -17.45 -1.38 -15.39
C ASP A 54 -18.28 -0.20 -14.91
N SER A 55 -18.08 0.16 -13.68
CA SER A 55 -18.83 1.22 -13.05
C SER A 55 -17.91 2.06 -12.20
N GLU A 56 -18.23 3.35 -12.06
CA GLU A 56 -17.42 4.25 -11.25
C GLU A 56 -17.43 3.79 -9.79
N GLU A 57 -18.51 3.12 -9.40
CA GLU A 57 -18.68 2.54 -8.07
C GLU A 57 -17.51 1.63 -7.70
N GLU A 58 -17.11 0.79 -8.63
CA GLU A 58 -16.03 -0.14 -8.41
C GLU A 58 -14.72 0.60 -8.26
N LEU A 59 -14.56 1.64 -9.06
CA LEU A 59 -13.36 2.44 -9.04
C LEU A 59 -13.24 3.16 -7.71
N ILE A 60 -14.30 3.90 -7.34
CA ILE A 60 -14.35 4.66 -6.08
C ILE A 60 -14.13 3.75 -4.88
N ASN A 61 -14.81 2.61 -4.87
CA ASN A 61 -14.68 1.63 -3.81
C ASN A 61 -13.24 1.18 -3.67
N LYS A 62 -12.64 0.79 -4.79
CA LYS A 62 -11.30 0.27 -4.81
C LYS A 62 -10.29 1.35 -4.38
N LYS A 63 -10.51 2.57 -4.84
CA LYS A 63 -9.68 3.71 -4.48
C LYS A 63 -9.79 4.00 -2.99
N ARG A 64 -11.00 3.95 -2.48
CA ARG A 64 -11.25 4.20 -1.07
C ARG A 64 -10.54 3.16 -0.21
N ILE A 65 -10.62 1.89 -0.61
CA ILE A 65 -10.00 0.82 0.14
C ILE A 65 -8.49 0.98 0.10
N ILE A 66 -7.92 1.11 -1.10
CA ILE A 66 -6.47 1.22 -1.22
C ILE A 66 -5.92 2.45 -0.46
N GLU A 67 -6.61 3.57 -0.58
CA GLU A 67 -6.17 4.80 0.06
C GLU A 67 -6.33 4.71 1.59
N LYS A 68 -7.44 4.14 2.06
CA LYS A 68 -7.64 3.98 3.51
C LYS A 68 -6.64 2.98 4.07
N VAL A 69 -6.32 1.95 3.29
CA VAL A 69 -5.33 0.98 3.71
C VAL A 69 -3.95 1.61 3.77
N ILE A 70 -3.60 2.45 2.81
CA ILE A 70 -2.32 3.17 2.83
C ILE A 70 -2.25 4.08 4.06
N HIS A 71 -3.36 4.76 4.35
CA HIS A 71 -3.48 5.59 5.55
C HIS A 71 -3.28 4.74 6.81
N ARG A 72 -3.91 3.58 6.85
CA ARG A 72 -3.76 2.66 7.97
C ARG A 72 -2.29 2.21 8.09
N LEU A 73 -1.76 1.81 6.97
CA LEU A 73 -0.41 1.32 6.81
C LEU A 73 0.63 2.32 7.32
N THR A 74 0.42 3.59 7.04
CA THR A 74 1.35 4.63 7.43
C THR A 74 1.02 5.26 8.79
N HIS A 75 -0.04 4.82 9.44
CA HIS A 75 -0.45 5.51 10.65
C HIS A 75 -0.81 4.56 11.79
N TYR A 76 -1.70 3.64 11.52
CA TYR A 76 -2.19 2.69 12.53
C TYR A 76 -1.16 1.64 12.83
N ASP A 77 -0.66 1.03 11.79
CA ASP A 77 0.23 -0.09 11.93
C ASP A 77 1.67 0.30 11.84
N HIS A 78 1.98 1.14 10.86
CA HIS A 78 3.32 1.68 10.66
C HIS A 78 4.32 0.55 10.32
N VAL A 79 3.81 -0.49 9.66
CA VAL A 79 4.67 -1.60 9.21
C VAL A 79 5.35 -1.24 7.90
N LEU A 80 5.12 -0.03 7.48
CA LEU A 80 5.69 0.47 6.28
C LEU A 80 6.93 1.24 6.66
N ILE A 81 8.00 0.91 6.01
CA ILE A 81 9.27 1.44 6.27
C ILE A 81 9.41 2.66 5.41
N GLU A 82 9.55 3.78 6.01
CA GLU A 82 9.76 4.97 5.27
C GLU A 82 11.18 5.41 5.42
N LEU A 83 11.75 5.76 4.33
CA LEU A 83 13.07 6.25 4.28
C LEU A 83 13.01 7.61 3.67
N THR A 84 13.66 8.53 4.26
CA THR A 84 13.72 9.84 3.71
C THR A 84 14.83 9.85 2.67
N GLN A 85 14.95 10.94 1.95
CA GLN A 85 15.92 11.10 0.85
C GLN A 85 17.35 10.74 1.30
N ALA A 86 17.66 11.10 2.51
CA ALA A 86 18.96 10.85 3.08
C ALA A 86 19.14 9.40 3.55
N GLY A 87 18.05 8.77 3.93
CA GLY A 87 18.13 7.44 4.51
C GLY A 87 18.10 6.34 3.49
N LEU A 88 18.10 6.71 2.22
CA LEU A 88 18.03 5.75 1.12
C LEU A 88 19.29 4.91 1.04
N LYS A 89 20.39 5.51 0.63
CA LYS A 89 21.66 4.81 0.60
C LYS A 89 22.32 4.93 1.97
N GLY A 90 22.11 6.07 2.60
CA GLY A 90 22.66 6.30 3.92
C GLY A 90 21.71 5.83 4.99
N SER A 91 21.43 4.53 5.01
CA SER A 91 20.53 3.94 5.98
C SER A 91 21.27 3.71 7.33
N THR A 92 21.75 4.79 7.90
CA THR A 92 22.45 4.74 9.15
C THR A 92 21.45 4.76 10.30
N GLU A 93 20.60 5.75 10.28
CA GLU A 93 19.58 5.93 11.25
C GLU A 93 18.59 6.88 10.60
N GLY A 94 17.39 6.97 11.15
CA GLY A 94 16.39 7.85 10.62
C GLY A 94 16.84 9.29 10.63
N SER A 95 17.17 9.78 9.47
CA SER A 95 17.58 11.15 9.28
C SER A 95 16.33 12.06 9.35
N GLU A 96 16.52 13.35 9.21
CA GLU A 96 15.41 14.29 9.28
C GLU A 96 14.46 14.12 8.08
N SER A 97 13.20 13.86 8.39
CA SER A 97 12.18 13.53 7.39
C SER A 97 11.61 14.80 6.70
N TYR A 98 12.22 15.97 6.94
CA TYR A 98 11.70 17.22 6.39
C TYR A 98 11.97 17.35 4.91
N GLU A 99 12.89 16.54 4.41
CA GLU A 99 13.38 16.62 3.03
C GLU A 99 12.24 16.59 2.01
N GLU A 100 11.64 15.44 1.85
CA GLU A 100 10.56 15.25 0.91
C GLU A 100 9.62 14.21 1.45
N ASP A 101 8.58 13.98 0.68
CA ASP A 101 7.66 12.89 0.91
C ASP A 101 8.50 11.61 0.85
N PRO A 102 8.38 10.71 1.82
CA PRO A 102 9.30 9.59 1.96
C PRO A 102 9.15 8.52 0.90
N TYR A 103 10.08 7.63 0.90
CA TYR A 103 10.11 6.51 0.03
C TYR A 103 9.69 5.32 0.87
N LEU A 104 8.70 4.61 0.43
CA LEU A 104 8.04 3.62 1.26
C LEU A 104 8.30 2.19 0.83
N VAL A 105 8.66 1.37 1.77
CA VAL A 105 8.88 -0.05 1.57
C VAL A 105 8.18 -0.86 2.66
N VAL A 106 7.56 -1.96 2.31
CA VAL A 106 6.82 -2.74 3.29
C VAL A 106 7.49 -4.11 3.45
N ASN A 107 7.24 -4.75 4.56
CA ASN A 107 7.78 -6.06 4.84
C ASN A 107 6.65 -7.09 4.72
N PRO A 108 6.97 -8.39 4.53
CA PRO A 108 5.97 -9.44 4.38
C PRO A 108 5.28 -9.85 5.69
N ASN A 109 5.56 -9.13 6.79
CA ASN A 109 4.92 -9.45 8.11
C ASN A 109 3.62 -8.68 8.24
N TYR A 110 3.13 -8.25 7.10
CA TYR A 110 1.91 -7.48 6.96
C TYR A 110 0.70 -8.24 7.55
N LEU A 111 -0.18 -7.49 8.15
CA LEU A 111 -1.35 -8.01 8.81
C LEU A 111 -2.62 -7.56 8.10
N LEU A 112 -3.72 -8.24 8.37
CA LEU A 112 -4.99 -7.92 7.74
C LEU A 112 -5.81 -7.01 8.67
N GLU A 113 -7.15 -7.01 8.51
CA GLU A 113 -8.07 -6.19 9.32
C GLU A 113 -7.90 -6.46 10.81
N ASP A 114 -7.76 -7.72 11.14
CA ASP A 114 -7.62 -8.17 12.50
C ASP A 114 -6.57 -9.22 12.54
N ALA A 1 -18.42 -2.03 14.01
CA ALA A 1 -17.97 -3.39 14.07
C ALA A 1 -18.59 -4.14 12.91
N PRO A 2 -17.80 -4.89 12.16
CA PRO A 2 -18.30 -5.63 11.02
C PRO A 2 -19.00 -6.93 11.43
N LYS A 3 -20.19 -7.13 10.92
CA LYS A 3 -20.93 -8.35 11.17
C LYS A 3 -20.55 -9.39 10.13
N ALA A 4 -20.19 -8.93 8.95
CA ALA A 4 -19.85 -9.81 7.86
C ALA A 4 -18.46 -10.37 8.01
N SER A 5 -18.34 -11.67 7.85
CA SER A 5 -17.06 -12.33 7.91
C SER A 5 -16.24 -11.93 6.68
N LEU A 6 -15.10 -11.34 6.93
CA LEU A 6 -14.25 -10.85 5.90
C LEU A 6 -13.33 -11.95 5.43
N ARG A 7 -13.72 -12.64 4.36
CA ARG A 7 -12.88 -13.65 3.71
C ARG A 7 -13.51 -14.13 2.40
N LEU A 8 -14.78 -14.45 2.43
CA LEU A 8 -15.47 -14.92 1.25
C LEU A 8 -16.52 -13.91 0.83
N GLY A 9 -16.40 -13.44 -0.38
CA GLY A 9 -17.32 -12.45 -0.90
C GLY A 9 -16.70 -11.09 -0.93
N PHE A 10 -15.44 -11.04 -0.60
CA PHE A 10 -14.69 -9.83 -0.57
C PHE A 10 -13.69 -9.80 -1.70
N SER A 11 -14.22 -9.67 -2.89
CA SER A 11 -13.43 -9.65 -4.09
C SER A 11 -12.56 -8.40 -4.08
N GLU A 12 -13.15 -7.30 -3.65
CA GLU A 12 -12.49 -6.02 -3.69
C GLU A 12 -11.41 -5.92 -2.65
N TYR A 13 -11.72 -6.33 -1.44
CA TYR A 13 -10.75 -6.25 -0.36
C TYR A 13 -9.57 -7.17 -0.64
N SER A 14 -9.88 -8.35 -1.19
CA SER A 14 -8.86 -9.30 -1.52
C SER A 14 -7.91 -8.72 -2.56
N ARG A 15 -8.43 -7.91 -3.50
CA ARG A 15 -7.60 -7.27 -4.52
C ARG A 15 -6.65 -6.24 -3.89
N ILE A 16 -7.14 -5.50 -2.91
CA ILE A 16 -6.28 -4.53 -2.20
C ILE A 16 -5.15 -5.27 -1.44
N SER A 17 -5.53 -6.26 -0.66
CA SER A 17 -4.56 -7.06 0.09
C SER A 17 -3.63 -7.83 -0.86
N ASN A 18 -4.16 -8.20 -2.02
CA ASN A 18 -3.40 -8.88 -3.06
C ASN A 18 -2.32 -7.95 -3.58
N LEU A 19 -2.66 -6.65 -3.71
CA LEU A 19 -1.68 -5.63 -4.08
C LEU A 19 -0.52 -5.65 -3.11
N ILE A 20 -0.85 -5.71 -1.84
CA ILE A 20 0.16 -5.70 -0.79
C ILE A 20 1.14 -6.85 -0.93
N VAL A 21 0.63 -8.04 -1.03
CA VAL A 21 1.49 -9.18 -1.15
C VAL A 21 2.23 -9.21 -2.49
N LEU A 22 1.53 -8.91 -3.59
CA LEU A 22 2.15 -8.87 -4.93
C LEU A 22 3.25 -7.84 -5.02
N HIS A 23 2.95 -6.64 -4.58
CA HIS A 23 3.89 -5.55 -4.66
C HIS A 23 5.12 -5.84 -3.84
N LEU A 24 4.96 -6.24 -2.61
CA LEU A 24 6.12 -6.51 -1.80
C LEU A 24 6.89 -7.75 -2.32
N ARG A 25 6.17 -8.80 -2.75
CA ARG A 25 6.85 -10.01 -3.24
C ARG A 25 7.60 -9.77 -4.54
N LYS A 26 7.12 -8.84 -5.37
CA LYS A 26 7.83 -8.51 -6.58
C LYS A 26 9.08 -7.71 -6.22
N VAL A 27 8.91 -6.74 -5.34
CA VAL A 27 10.00 -5.89 -4.86
C VAL A 27 11.18 -6.71 -4.33
N GLU A 28 10.92 -7.64 -3.43
CA GLU A 28 11.98 -8.45 -2.85
C GLU A 28 12.64 -9.38 -3.89
N GLU A 29 11.84 -9.79 -4.85
CA GLU A 29 12.28 -10.70 -5.88
C GLU A 29 13.15 -9.98 -6.91
N GLU A 30 12.68 -8.85 -7.35
CA GLU A 30 13.33 -8.09 -8.39
C GLU A 30 14.58 -7.41 -7.85
N GLU A 31 14.48 -6.75 -6.72
CA GLU A 31 15.63 -6.12 -6.14
C GLU A 31 15.84 -6.53 -4.68
N ASP A 32 15.01 -6.03 -3.77
CA ASP A 32 15.12 -6.27 -2.32
C ASP A 32 14.13 -5.37 -1.57
N GLU A 33 14.31 -4.07 -1.70
CA GLU A 33 13.43 -3.09 -1.08
C GLU A 33 13.42 -1.77 -1.86
N SER A 34 12.51 -1.70 -2.81
CA SER A 34 12.30 -0.51 -3.61
C SER A 34 11.80 0.63 -2.73
N ALA A 35 10.72 0.34 -1.98
CA ALA A 35 10.02 1.31 -1.14
C ALA A 35 9.38 2.43 -1.99
N LEU A 36 8.08 2.38 -2.12
CA LEU A 36 7.37 3.30 -2.99
C LEU A 36 6.55 4.30 -2.21
N LYS A 37 5.99 5.24 -2.89
CA LYS A 37 5.24 6.29 -2.27
C LYS A 37 3.80 5.85 -1.99
N ARG A 38 3.23 6.37 -0.91
CA ARG A 38 1.90 5.97 -0.42
C ARG A 38 0.80 6.23 -1.45
N SER A 39 0.75 7.43 -1.95
CA SER A 39 -0.27 7.79 -2.92
C SER A 39 0.03 7.13 -4.26
N GLU A 40 1.31 6.97 -4.56
CA GLU A 40 1.77 6.34 -5.79
C GLU A 40 1.33 4.86 -5.83
N LEU A 41 1.27 4.23 -4.65
CA LEU A 41 0.80 2.86 -4.51
C LEU A 41 -0.66 2.78 -5.00
N VAL A 42 -1.48 3.73 -4.53
CA VAL A 42 -2.87 3.81 -4.95
C VAL A 42 -2.93 4.14 -6.43
N ASN A 43 -2.07 5.06 -6.80
CA ASN A 43 -1.96 5.59 -8.15
C ASN A 43 -1.79 4.49 -9.17
N TRP A 44 -0.79 3.62 -8.97
CA TRP A 44 -0.58 2.56 -9.93
C TRP A 44 -1.69 1.54 -9.82
N TYR A 45 -2.25 1.38 -8.62
CA TYR A 45 -3.32 0.41 -8.38
C TYR A 45 -4.51 0.73 -9.26
N LEU A 46 -4.89 2.00 -9.23
CA LEU A 46 -6.00 2.50 -10.02
C LEU A 46 -5.73 2.30 -11.49
N LYS A 47 -4.53 2.68 -11.91
CA LYS A 47 -4.10 2.55 -13.32
C LYS A 47 -4.11 1.10 -13.83
N GLU A 48 -3.98 0.16 -12.92
CA GLU A 48 -3.99 -1.26 -13.27
C GLU A 48 -5.39 -1.77 -13.41
N ILE A 49 -6.18 -1.53 -12.40
CA ILE A 49 -7.51 -2.08 -12.34
C ILE A 49 -8.51 -1.28 -13.15
N GLU A 50 -8.14 -0.05 -13.54
CA GLU A 50 -9.08 0.83 -14.25
C GLU A 50 -9.62 0.20 -15.53
N SER A 51 -8.82 -0.63 -16.14
CA SER A 51 -9.17 -1.27 -17.38
C SER A 51 -10.17 -2.45 -17.17
N GLU A 52 -10.49 -2.75 -15.93
CA GLU A 52 -11.52 -3.74 -15.60
C GLU A 52 -12.59 -3.09 -14.72
N ILE A 53 -12.48 -1.77 -14.55
CA ILE A 53 -13.44 -1.02 -13.77
C ILE A 53 -14.63 -0.72 -14.66
N ASP A 54 -15.63 -1.54 -14.53
CA ASP A 54 -16.83 -1.39 -15.33
C ASP A 54 -17.73 -0.29 -14.80
N SER A 55 -17.64 -0.01 -13.54
CA SER A 55 -18.55 0.92 -12.95
C SER A 55 -17.82 1.98 -12.15
N GLU A 56 -18.46 3.12 -11.97
CA GLU A 56 -17.92 4.17 -11.14
C GLU A 56 -17.86 3.68 -9.70
N GLU A 57 -18.82 2.83 -9.37
CA GLU A 57 -18.93 2.21 -8.06
C GLU A 57 -17.68 1.42 -7.74
N GLU A 58 -17.19 0.66 -8.72
CA GLU A 58 -15.94 -0.06 -8.61
C GLU A 58 -14.79 0.86 -8.24
N LEU A 59 -14.64 1.92 -9.00
CA LEU A 59 -13.54 2.86 -8.83
C LEU A 59 -13.57 3.51 -7.45
N ILE A 60 -14.74 4.05 -7.08
CA ILE A 60 -14.93 4.69 -5.79
C ILE A 60 -14.67 3.70 -4.65
N ASN A 61 -15.20 2.50 -4.80
CA ASN A 61 -15.04 1.48 -3.80
C ASN A 61 -13.58 1.04 -3.66
N LYS A 62 -12.94 0.76 -4.78
CA LYS A 62 -11.57 0.33 -4.77
C LYS A 62 -10.68 1.38 -4.12
N LYS A 63 -10.91 2.66 -4.46
CA LYS A 63 -10.17 3.73 -3.91
C LYS A 63 -10.37 3.86 -2.40
N ARG A 64 -11.63 3.91 -1.94
CA ARG A 64 -11.92 4.11 -0.50
C ARG A 64 -11.24 3.02 0.35
N ILE A 65 -11.18 1.80 -0.19
CA ILE A 65 -10.59 0.71 0.51
C ILE A 65 -9.08 0.82 0.49
N ILE A 66 -8.49 1.04 -0.69
CA ILE A 66 -7.03 1.14 -0.78
C ILE A 66 -6.49 2.28 0.10
N GLU A 67 -7.19 3.43 0.10
CA GLU A 67 -6.82 4.58 0.95
C GLU A 67 -6.89 4.16 2.42
N LYS A 68 -8.05 3.65 2.84
CA LYS A 68 -8.27 3.29 4.25
C LYS A 68 -7.38 2.14 4.71
N VAL A 69 -7.05 1.23 3.81
CA VAL A 69 -6.16 0.14 4.14
C VAL A 69 -4.74 0.66 4.36
N ILE A 70 -4.28 1.57 3.50
CA ILE A 70 -2.95 2.16 3.68
C ILE A 70 -2.93 2.97 4.96
N HIS A 71 -4.01 3.70 5.20
CA HIS A 71 -4.17 4.45 6.44
C HIS A 71 -4.09 3.49 7.64
N ARG A 72 -4.87 2.41 7.59
CA ARG A 72 -4.91 1.45 8.70
C ARG A 72 -3.52 0.87 8.92
N LEU A 73 -2.89 0.51 7.80
CA LEU A 73 -1.54 -0.04 7.76
C LEU A 73 -0.55 0.85 8.50
N THR A 74 -0.60 2.12 8.20
CA THR A 74 0.32 3.07 8.77
C THR A 74 -0.04 3.44 10.23
N HIS A 75 -1.29 3.27 10.59
CA HIS A 75 -1.77 3.78 11.86
C HIS A 75 -1.99 2.69 12.91
N TYR A 76 -2.84 1.73 12.60
CA TYR A 76 -3.23 0.70 13.56
C TYR A 76 -2.27 -0.45 13.52
N ASP A 77 -2.11 -1.02 12.32
CA ASP A 77 -1.22 -2.16 12.06
C ASP A 77 0.16 -1.82 12.54
N HIS A 78 0.71 -0.75 11.95
CA HIS A 78 2.03 -0.21 12.21
C HIS A 78 3.11 -1.23 11.79
N VAL A 79 2.73 -2.07 10.84
CA VAL A 79 3.60 -3.11 10.31
C VAL A 79 4.31 -2.55 9.03
N LEU A 80 4.35 -1.24 8.96
CA LEU A 80 4.96 -0.53 7.87
C LEU A 80 6.41 -0.23 8.22
N ILE A 81 7.20 -0.05 7.21
CA ILE A 81 8.53 0.44 7.34
C ILE A 81 8.57 1.63 6.41
N GLU A 82 8.86 2.78 6.92
CA GLU A 82 8.92 3.92 6.05
C GLU A 82 10.28 4.54 6.11
N LEU A 83 10.80 4.87 4.97
CA LEU A 83 12.10 5.46 4.88
C LEU A 83 11.97 6.92 5.20
N THR A 84 12.46 7.28 6.34
CA THR A 84 12.37 8.62 6.81
C THR A 84 13.33 9.52 6.07
N GLN A 85 12.93 10.77 5.91
CA GLN A 85 13.69 11.80 5.19
C GLN A 85 15.16 11.94 5.68
N ALA A 86 15.41 11.53 6.90
CA ALA A 86 16.74 11.61 7.50
C ALA A 86 17.38 10.23 7.63
N GLY A 87 16.76 9.25 7.04
CA GLY A 87 17.26 7.90 7.10
C GLY A 87 16.81 7.14 5.88
N LEU A 88 16.93 7.78 4.74
CA LEU A 88 16.51 7.20 3.47
C LEU A 88 17.48 6.13 3.03
N LYS A 89 18.75 6.42 3.15
CA LYS A 89 19.78 5.48 2.77
C LYS A 89 20.22 4.67 3.96
N GLY A 90 20.26 5.31 5.11
CA GLY A 90 20.71 4.66 6.31
C GLY A 90 22.17 4.97 6.52
N SER A 91 22.94 4.65 5.53
CA SER A 91 24.31 5.02 5.45
C SER A 91 24.37 6.39 4.78
N THR A 92 25.36 7.20 5.14
CA THR A 92 25.46 8.60 4.71
C THR A 92 24.51 9.43 5.59
N GLU A 93 25.10 10.35 6.31
CA GLU A 93 24.41 11.10 7.35
C GLU A 93 23.26 11.94 6.80
N GLY A 94 22.07 11.64 7.29
CA GLY A 94 20.88 12.35 6.90
C GLY A 94 20.28 11.83 5.60
N SER A 95 21.15 11.29 4.73
CA SER A 95 20.77 10.83 3.39
C SER A 95 20.33 12.05 2.55
N GLU A 96 19.86 11.84 1.36
CA GLU A 96 19.40 12.94 0.55
C GLU A 96 18.03 13.39 1.03
N SER A 97 18.02 14.31 1.96
CA SER A 97 16.79 14.83 2.48
C SER A 97 16.17 15.84 1.50
N TYR A 98 15.63 15.32 0.41
CA TYR A 98 14.93 16.13 -0.55
C TYR A 98 13.46 15.76 -0.50
N GLU A 99 13.20 14.61 0.07
CA GLU A 99 11.89 14.05 0.13
C GLU A 99 11.08 14.61 1.26
N GLU A 100 9.92 15.08 0.91
CA GLU A 100 8.92 15.55 1.84
C GLU A 100 7.93 14.42 2.01
N ASP A 101 7.90 13.62 1.00
CA ASP A 101 7.08 12.44 0.91
C ASP A 101 7.99 11.23 0.93
N PRO A 102 7.92 10.41 2.00
CA PRO A 102 8.85 9.30 2.20
C PRO A 102 8.52 8.08 1.35
N TYR A 103 9.18 6.99 1.63
CA TYR A 103 8.98 5.75 0.92
C TYR A 103 8.40 4.74 1.87
N LEU A 104 7.43 4.01 1.40
CA LEU A 104 6.70 3.07 2.21
C LEU A 104 7.02 1.64 1.73
N VAL A 105 7.29 0.81 2.68
CA VAL A 105 7.51 -0.61 2.48
C VAL A 105 6.82 -1.34 3.65
N VAL A 106 6.36 -2.54 3.44
CA VAL A 106 5.62 -3.26 4.46
C VAL A 106 6.25 -4.63 4.70
N ASN A 107 6.10 -5.17 5.90
CA ASN A 107 6.57 -6.52 6.18
C ASN A 107 5.72 -7.51 5.40
N PRO A 108 6.34 -8.56 4.83
CA PRO A 108 5.62 -9.61 4.07
C PRO A 108 4.51 -10.28 4.87
N ASN A 109 4.59 -10.21 6.20
CA ASN A 109 3.60 -10.80 7.10
C ASN A 109 2.22 -10.18 6.86
N TYR A 110 2.02 -8.96 7.38
CA TYR A 110 0.79 -8.17 7.19
C TYR A 110 -0.47 -8.87 7.82
N LEU A 111 -1.51 -8.10 8.04
CA LEU A 111 -2.73 -8.61 8.62
C LEU A 111 -3.95 -7.96 7.99
N LEU A 112 -5.11 -8.49 8.28
CA LEU A 112 -6.38 -7.96 7.79
C LEU A 112 -7.17 -7.56 9.01
N GLU A 113 -8.46 -7.31 8.88
CA GLU A 113 -9.31 -7.07 10.05
C GLU A 113 -9.24 -8.28 10.98
N ASP A 114 -9.71 -9.42 10.48
CA ASP A 114 -9.59 -10.71 11.14
C ASP A 114 -10.31 -11.76 10.34
N ALA A 1 -7.20 -17.83 12.52
CA ALA A 1 -8.47 -18.46 12.72
C ALA A 1 -9.43 -17.99 11.63
N PRO A 2 -10.21 -18.90 11.03
CA PRO A 2 -11.25 -18.52 10.10
C PRO A 2 -12.46 -18.05 10.88
N LYS A 3 -12.50 -16.78 11.16
CA LYS A 3 -13.50 -16.22 12.03
C LYS A 3 -14.60 -15.52 11.25
N ALA A 4 -14.27 -14.93 10.13
CA ALA A 4 -15.27 -14.18 9.40
C ALA A 4 -15.04 -14.19 7.91
N SER A 5 -13.79 -13.91 7.54
CA SER A 5 -13.37 -13.74 6.14
C SER A 5 -14.12 -12.54 5.52
N LEU A 6 -14.50 -11.61 6.42
CA LEU A 6 -15.26 -10.39 6.13
C LEU A 6 -16.70 -10.72 5.72
N ARG A 7 -17.51 -9.71 5.54
CA ARG A 7 -18.90 -9.90 5.19
C ARG A 7 -19.22 -9.02 4.01
N LEU A 8 -20.45 -9.08 3.52
CA LEU A 8 -20.86 -8.26 2.41
C LEU A 8 -21.04 -6.83 2.86
N GLY A 9 -20.20 -5.97 2.38
CA GLY A 9 -20.17 -4.60 2.81
C GLY A 9 -18.74 -4.12 2.94
N PHE A 10 -17.82 -5.04 2.74
CA PHE A 10 -16.39 -4.76 2.71
C PHE A 10 -15.88 -4.91 1.29
N SER A 11 -16.79 -4.78 0.34
CA SER A 11 -16.54 -5.01 -1.08
C SER A 11 -15.31 -4.23 -1.57
N GLU A 12 -15.26 -2.98 -1.25
CA GLU A 12 -14.19 -2.14 -1.64
C GLU A 12 -12.97 -2.41 -0.78
N TYR A 13 -13.19 -2.41 0.52
CA TYR A 13 -12.12 -2.51 1.49
C TYR A 13 -11.35 -3.83 1.42
N SER A 14 -12.03 -4.92 1.14
CA SER A 14 -11.39 -6.21 1.03
C SER A 14 -10.47 -6.22 -0.17
N ARG A 15 -10.97 -5.75 -1.32
CA ARG A 15 -10.19 -5.71 -2.56
C ARG A 15 -8.90 -4.91 -2.37
N ILE A 16 -9.04 -3.77 -1.75
CA ILE A 16 -7.89 -2.91 -1.47
C ILE A 16 -6.93 -3.57 -0.43
N SER A 17 -7.48 -4.09 0.65
CA SER A 17 -6.67 -4.76 1.68
C SER A 17 -5.92 -5.99 1.10
N ASN A 18 -6.62 -6.76 0.26
CA ASN A 18 -6.01 -7.90 -0.44
C ASN A 18 -4.86 -7.44 -1.28
N LEU A 19 -5.05 -6.32 -1.98
CA LEU A 19 -4.01 -5.69 -2.79
C LEU A 19 -2.76 -5.43 -1.97
N ILE A 20 -2.91 -4.89 -0.78
CA ILE A 20 -1.77 -4.61 0.08
C ILE A 20 -1.04 -5.87 0.46
N VAL A 21 -1.77 -6.87 0.89
CA VAL A 21 -1.16 -8.10 1.30
C VAL A 21 -0.52 -8.81 0.11
N LEU A 22 -1.24 -8.91 -1.00
CA LEU A 22 -0.77 -9.55 -2.23
C LEU A 22 0.45 -8.84 -2.79
N HIS A 23 0.42 -7.52 -2.79
CA HIS A 23 1.55 -6.75 -3.26
C HIS A 23 2.76 -6.99 -2.38
N LEU A 24 2.56 -6.99 -1.06
CA LEU A 24 3.66 -7.26 -0.13
C LEU A 24 4.19 -8.69 -0.37
N ARG A 25 3.28 -9.62 -0.66
CA ARG A 25 3.64 -11.01 -0.97
C ARG A 25 4.49 -11.06 -2.25
N LYS A 26 4.18 -10.19 -3.19
CA LYS A 26 5.01 -10.06 -4.38
C LYS A 26 6.33 -9.37 -4.05
N VAL A 27 6.28 -8.36 -3.21
CA VAL A 27 7.46 -7.62 -2.76
C VAL A 27 8.53 -8.54 -2.20
N GLU A 28 8.15 -9.38 -1.25
CA GLU A 28 9.07 -10.31 -0.61
C GLU A 28 9.57 -11.36 -1.60
N GLU A 29 8.75 -11.67 -2.58
CA GLU A 29 9.05 -12.66 -3.58
C GLU A 29 10.02 -12.10 -4.65
N GLU A 30 9.64 -10.99 -5.22
CA GLU A 30 10.36 -10.37 -6.31
C GLU A 30 11.67 -9.80 -5.85
N GLU A 31 11.63 -9.05 -4.79
CA GLU A 31 12.81 -8.40 -4.33
C GLU A 31 13.16 -8.87 -2.94
N ASP A 32 12.44 -8.34 -1.95
CA ASP A 32 12.69 -8.60 -0.53
C ASP A 32 11.85 -7.65 0.32
N GLU A 33 12.22 -6.38 0.27
CA GLU A 33 11.55 -5.36 1.04
C GLU A 33 11.02 -4.27 0.13
N SER A 34 11.74 -4.07 -0.92
CA SER A 34 11.47 -3.14 -2.02
C SER A 34 11.49 -1.67 -1.61
N ALA A 35 10.64 -1.33 -0.67
CA ALA A 35 10.38 0.05 -0.24
C ALA A 35 10.03 0.96 -1.44
N LEU A 36 8.75 1.07 -1.74
CA LEU A 36 8.31 1.73 -2.96
C LEU A 36 7.52 3.02 -2.69
N LYS A 37 6.88 3.54 -3.73
CA LYS A 37 6.12 4.80 -3.66
C LYS A 37 4.64 4.51 -3.48
N ARG A 38 3.94 5.45 -2.85
CA ARG A 38 2.50 5.32 -2.58
C ARG A 38 1.75 5.41 -3.89
N SER A 39 2.09 6.42 -4.67
CA SER A 39 1.45 6.70 -5.94
C SER A 39 1.64 5.54 -6.92
N GLU A 40 2.75 4.84 -6.80
CA GLU A 40 3.08 3.74 -7.67
C GLU A 40 2.16 2.56 -7.37
N LEU A 41 1.82 2.38 -6.10
CA LEU A 41 0.95 1.30 -5.66
C LEU A 41 -0.42 1.53 -6.27
N VAL A 42 -0.88 2.76 -6.15
CA VAL A 42 -2.16 3.18 -6.68
C VAL A 42 -2.15 3.06 -8.20
N ASN A 43 -1.03 3.45 -8.78
CA ASN A 43 -0.80 3.48 -10.23
C ASN A 43 -1.11 2.13 -10.87
N TRP A 44 -0.39 1.11 -10.43
CA TRP A 44 -0.57 -0.17 -11.02
C TRP A 44 -1.91 -0.73 -10.62
N TYR A 45 -2.38 -0.38 -9.40
CA TYR A 45 -3.63 -0.91 -8.86
C TYR A 45 -4.78 -0.56 -9.76
N LEU A 46 -4.88 0.72 -10.06
CA LEU A 46 -5.94 1.24 -10.89
C LEU A 46 -5.88 0.62 -12.27
N LYS A 47 -4.68 0.53 -12.78
CA LYS A 47 -4.47 0.09 -14.17
C LYS A 47 -4.72 -1.40 -14.34
N GLU A 48 -4.46 -2.09 -13.29
CA GLU A 48 -4.69 -3.48 -13.15
C GLU A 48 -6.20 -3.76 -13.04
N ILE A 49 -6.87 -3.04 -12.15
CA ILE A 49 -8.27 -3.29 -11.90
C ILE A 49 -9.15 -2.79 -13.02
N GLU A 50 -8.58 -1.98 -13.91
CA GLU A 50 -9.30 -1.50 -15.09
C GLU A 50 -9.82 -2.63 -15.96
N SER A 51 -9.32 -3.83 -15.72
CA SER A 51 -9.79 -5.04 -16.35
C SER A 51 -11.27 -5.30 -15.94
N GLU A 52 -11.61 -5.02 -14.69
CA GLU A 52 -12.96 -5.28 -14.20
C GLU A 52 -13.75 -3.98 -14.05
N ILE A 53 -13.04 -2.85 -14.01
CA ILE A 53 -13.67 -1.54 -13.93
C ILE A 53 -14.53 -1.32 -15.17
N ASP A 54 -15.81 -1.25 -14.97
CA ASP A 54 -16.76 -1.07 -16.07
C ASP A 54 -17.29 0.37 -16.04
N SER A 55 -16.97 1.08 -14.99
CA SER A 55 -17.48 2.40 -14.80
C SER A 55 -16.42 3.29 -14.21
N GLU A 56 -16.36 4.52 -14.67
CA GLU A 56 -15.45 5.54 -14.16
C GLU A 56 -15.72 5.77 -12.67
N GLU A 57 -16.97 5.58 -12.26
CA GLU A 57 -17.37 5.72 -10.87
C GLU A 57 -16.59 4.76 -9.99
N GLU A 58 -16.43 3.54 -10.46
CA GLU A 58 -15.62 2.53 -9.78
C GLU A 58 -14.20 2.97 -9.67
N LEU A 59 -13.68 3.53 -10.74
CA LEU A 59 -12.29 3.99 -10.78
C LEU A 59 -12.06 5.10 -9.75
N ILE A 60 -12.95 6.09 -9.75
CA ILE A 60 -12.89 7.21 -8.80
C ILE A 60 -13.01 6.68 -7.37
N ASN A 61 -13.98 5.80 -7.15
CA ASN A 61 -14.19 5.17 -5.86
C ASN A 61 -12.97 4.38 -5.39
N LYS A 62 -12.45 3.51 -6.25
CA LYS A 62 -11.30 2.67 -5.93
C LYS A 62 -10.09 3.52 -5.59
N LYS A 63 -9.91 4.60 -6.36
CA LYS A 63 -8.83 5.54 -6.14
C LYS A 63 -8.95 6.17 -4.75
N ARG A 64 -10.14 6.54 -4.38
CA ARG A 64 -10.36 7.14 -3.07
C ARG A 64 -10.21 6.14 -1.95
N ILE A 65 -10.63 4.91 -2.16
CA ILE A 65 -10.49 3.87 -1.13
C ILE A 65 -9.01 3.57 -0.92
N ILE A 66 -8.26 3.37 -2.02
CA ILE A 66 -6.85 3.06 -1.92
C ILE A 66 -6.07 4.24 -1.30
N GLU A 67 -6.45 5.45 -1.66
CA GLU A 67 -5.84 6.64 -1.11
C GLU A 67 -6.13 6.77 0.39
N LYS A 68 -7.37 6.53 0.76
CA LYS A 68 -7.80 6.63 2.15
C LYS A 68 -7.10 5.62 3.03
N VAL A 69 -6.90 4.40 2.55
CA VAL A 69 -6.19 3.40 3.34
C VAL A 69 -4.71 3.71 3.41
N ILE A 70 -4.15 4.32 2.36
CA ILE A 70 -2.76 4.75 2.36
C ILE A 70 -2.60 5.95 3.31
N HIS A 71 -3.61 6.79 3.35
CA HIS A 71 -3.66 7.90 4.27
C HIS A 71 -3.69 7.38 5.71
N ARG A 72 -4.53 6.38 5.94
CA ARG A 72 -4.61 5.67 7.23
C ARG A 72 -3.23 5.10 7.59
N LEU A 73 -2.67 4.38 6.64
CA LEU A 73 -1.37 3.74 6.69
C LEU A 73 -0.26 4.70 7.13
N THR A 74 -0.22 5.83 6.49
CA THR A 74 0.84 6.81 6.68
C THR A 74 0.62 7.72 7.89
N HIS A 75 -0.57 7.70 8.46
CA HIS A 75 -0.89 8.65 9.49
C HIS A 75 -1.33 8.01 10.79
N TYR A 76 -2.51 7.41 10.76
CA TYR A 76 -3.16 6.90 11.97
C TYR A 76 -2.38 5.74 12.56
N ASP A 77 -2.24 4.71 11.78
CA ASP A 77 -1.60 3.48 12.22
C ASP A 77 -0.10 3.62 12.25
N HIS A 78 0.44 4.14 11.16
CA HIS A 78 1.88 4.28 10.95
C HIS A 78 2.50 2.87 10.91
N VAL A 79 1.86 1.99 10.14
CA VAL A 79 2.39 0.65 9.93
C VAL A 79 3.23 0.65 8.67
N LEU A 80 3.54 1.83 8.23
CA LEU A 80 4.40 2.03 7.14
C LEU A 80 5.71 2.51 7.72
N ILE A 81 6.74 1.80 7.46
CA ILE A 81 8.03 2.13 7.93
C ILE A 81 8.64 2.97 6.86
N GLU A 82 8.78 4.21 7.14
CA GLU A 82 9.37 5.08 6.19
C GLU A 82 10.84 5.17 6.42
N LEU A 83 11.57 4.97 5.40
CA LEU A 83 12.95 5.18 5.45
C LEU A 83 13.19 6.47 4.80
N THR A 84 13.23 7.44 5.63
CA THR A 84 13.41 8.76 5.26
C THR A 84 14.81 8.92 4.68
N GLN A 85 14.92 9.69 3.57
CA GLN A 85 16.16 9.76 2.76
C GLN A 85 17.43 10.10 3.57
N ALA A 86 17.26 10.77 4.68
CA ALA A 86 18.37 11.17 5.50
C ALA A 86 18.88 10.03 6.38
N GLY A 87 18.06 9.03 6.63
CA GLY A 87 18.44 7.97 7.53
C GLY A 87 18.34 6.61 6.91
N LEU A 88 18.52 6.56 5.60
CA LEU A 88 18.40 5.32 4.80
C LEU A 88 19.40 4.27 5.21
N LYS A 89 20.54 4.71 5.66
CA LYS A 89 21.61 3.79 6.00
C LYS A 89 21.44 3.27 7.45
N GLY A 90 20.36 3.64 8.09
CA GLY A 90 20.11 3.16 9.43
C GLY A 90 20.27 4.25 10.46
N SER A 91 19.61 5.36 10.24
CA SER A 91 19.67 6.47 11.15
C SER A 91 18.25 6.98 11.40
N THR A 92 18.03 7.55 12.57
CA THR A 92 16.74 8.09 12.97
C THR A 92 16.43 9.42 12.23
N GLU A 93 17.43 9.91 11.50
CA GLU A 93 17.35 11.12 10.72
C GLU A 93 16.18 11.10 9.75
N GLY A 94 15.22 11.94 10.00
CA GLY A 94 14.07 12.07 9.14
C GLY A 94 14.10 13.38 8.40
N SER A 95 15.28 13.98 8.43
CA SER A 95 15.56 15.27 7.84
C SER A 95 15.21 15.36 6.34
N GLU A 96 14.01 15.88 6.09
CA GLU A 96 13.42 16.25 4.79
C GLU A 96 13.73 15.36 3.60
N SER A 97 12.74 14.65 3.12
CA SER A 97 12.90 13.94 1.89
C SER A 97 12.52 14.86 0.73
N TYR A 98 13.40 15.82 0.47
CA TYR A 98 13.17 16.82 -0.56
C TYR A 98 13.71 16.38 -1.91
N GLU A 99 14.71 15.50 -1.89
CA GLU A 99 15.34 15.04 -3.11
C GLU A 99 14.34 14.25 -3.93
N GLU A 100 13.60 13.43 -3.25
CA GLU A 100 12.52 12.67 -3.82
C GLU A 100 11.81 12.08 -2.62
N ASP A 101 10.81 11.27 -2.85
CA ASP A 101 10.05 10.59 -1.79
C ASP A 101 10.98 9.71 -0.97
N PRO A 102 10.62 9.37 0.26
CA PRO A 102 11.39 8.42 1.06
C PRO A 102 11.12 6.98 0.60
N TYR A 103 11.77 6.04 1.21
CA TYR A 103 11.57 4.64 0.88
C TYR A 103 10.53 4.06 1.83
N LEU A 104 9.40 3.72 1.30
CA LEU A 104 8.28 3.31 2.12
C LEU A 104 8.06 1.81 2.10
N VAL A 105 8.06 1.22 3.25
CA VAL A 105 7.84 -0.20 3.39
C VAL A 105 6.75 -0.47 4.43
N VAL A 106 5.87 -1.40 4.16
CA VAL A 106 4.76 -1.68 5.06
C VAL A 106 4.99 -3.02 5.77
N ASN A 107 4.47 -3.14 6.98
CA ASN A 107 4.53 -4.40 7.71
C ASN A 107 3.71 -5.43 6.97
N PRO A 108 4.26 -6.66 6.80
CA PRO A 108 3.53 -7.79 6.22
C PRO A 108 2.16 -8.01 6.89
N ASN A 109 2.08 -7.65 8.14
CA ASN A 109 0.87 -7.78 8.91
C ASN A 109 0.11 -6.47 8.91
N TYR A 110 -0.46 -6.13 7.78
CA TYR A 110 -1.29 -4.95 7.68
C TYR A 110 -2.64 -5.29 8.25
N LEU A 111 -3.26 -4.30 8.84
CA LEU A 111 -4.50 -4.45 9.51
C LEU A 111 -5.69 -4.80 8.60
N LEU A 112 -6.36 -5.83 9.00
CA LEU A 112 -7.53 -6.34 8.38
C LEU A 112 -8.25 -7.16 9.42
N GLU A 113 -9.25 -7.89 9.05
CA GLU A 113 -9.93 -8.67 10.04
C GLU A 113 -9.50 -10.13 9.95
N ASP A 114 -9.79 -10.73 8.85
CA ASP A 114 -9.57 -12.14 8.65
C ASP A 114 -8.79 -12.30 7.37
N ALA A 1 -20.89 -0.22 7.36
CA ALA A 1 -19.58 -0.72 7.03
C ALA A 1 -19.55 -2.24 7.25
N PRO A 2 -18.85 -3.00 6.36
CA PRO A 2 -18.73 -4.47 6.43
C PRO A 2 -18.55 -4.99 7.85
N LYS A 3 -19.58 -5.60 8.34
CA LYS A 3 -19.62 -6.15 9.68
C LYS A 3 -19.00 -7.54 9.64
N ALA A 4 -19.39 -8.28 8.62
CA ALA A 4 -18.97 -9.65 8.42
C ALA A 4 -17.59 -9.72 7.75
N SER A 5 -16.70 -8.85 8.17
CA SER A 5 -15.35 -8.81 7.68
C SER A 5 -14.65 -10.14 7.94
N LEU A 6 -14.30 -10.81 6.85
CA LEU A 6 -13.61 -12.12 6.84
C LEU A 6 -14.57 -13.28 6.95
N ARG A 7 -15.82 -12.99 7.13
CA ARG A 7 -16.81 -14.03 7.19
C ARG A 7 -17.83 -13.83 6.10
N LEU A 8 -17.55 -14.41 4.93
CA LEU A 8 -18.44 -14.34 3.76
C LEU A 8 -18.57 -12.92 3.23
N GLY A 9 -17.54 -12.13 3.43
CA GLY A 9 -17.54 -10.77 2.96
C GLY A 9 -16.26 -10.06 3.31
N PHE A 10 -15.23 -10.29 2.53
CA PHE A 10 -13.95 -9.66 2.76
C PHE A 10 -13.20 -9.49 1.46
N SER A 11 -13.92 -9.50 0.37
CA SER A 11 -13.36 -9.42 -0.98
C SER A 11 -12.43 -8.22 -1.14
N GLU A 12 -12.79 -7.12 -0.51
CA GLU A 12 -12.02 -5.90 -0.60
C GLU A 12 -10.71 -6.07 0.15
N TYR A 13 -10.81 -6.59 1.36
CA TYR A 13 -9.68 -6.81 2.23
C TYR A 13 -8.68 -7.72 1.54
N SER A 14 -9.18 -8.82 1.02
CA SER A 14 -8.37 -9.81 0.36
C SER A 14 -7.71 -9.25 -0.90
N ARG A 15 -8.48 -8.55 -1.72
CA ARG A 15 -7.98 -7.99 -2.99
C ARG A 15 -6.80 -7.03 -2.75
N ILE A 16 -6.98 -6.17 -1.78
CA ILE A 16 -5.96 -5.21 -1.42
C ILE A 16 -4.73 -5.93 -0.81
N SER A 17 -5.00 -6.87 0.07
CA SER A 17 -3.94 -7.67 0.70
C SER A 17 -3.18 -8.50 -0.36
N ASN A 18 -3.89 -8.89 -1.43
CA ASN A 18 -3.28 -9.56 -2.58
C ASN A 18 -2.20 -8.69 -3.14
N LEU A 19 -2.51 -7.41 -3.36
CA LEU A 19 -1.51 -6.46 -3.82
C LEU A 19 -0.29 -6.48 -2.92
N ILE A 20 -0.52 -6.41 -1.61
CA ILE A 20 0.55 -6.34 -0.64
C ILE A 20 1.51 -7.52 -0.72
N VAL A 21 0.98 -8.72 -0.70
CA VAL A 21 1.84 -9.89 -0.71
C VAL A 21 2.53 -10.06 -2.07
N LEU A 22 1.78 -9.88 -3.14
CA LEU A 22 2.26 -10.07 -4.50
C LEU A 22 3.27 -9.01 -4.92
N HIS A 23 2.97 -7.76 -4.62
CA HIS A 23 3.85 -6.67 -5.00
C HIS A 23 5.17 -6.77 -4.26
N LEU A 24 5.11 -7.07 -2.95
CA LEU A 24 6.33 -7.24 -2.18
C LEU A 24 7.22 -8.35 -2.76
N ARG A 25 6.59 -9.47 -3.17
CA ARG A 25 7.31 -10.58 -3.84
C ARG A 25 8.08 -10.04 -5.01
N LYS A 26 7.38 -9.31 -5.88
CA LYS A 26 7.98 -8.69 -7.05
C LYS A 26 9.12 -7.74 -6.67
N VAL A 27 8.89 -6.95 -5.64
CA VAL A 27 9.86 -5.98 -5.18
C VAL A 27 11.19 -6.62 -4.75
N GLU A 28 11.14 -7.57 -3.84
CA GLU A 28 12.36 -8.18 -3.34
C GLU A 28 13.02 -9.10 -4.37
N GLU A 29 12.22 -9.66 -5.23
CA GLU A 29 12.70 -10.52 -6.29
C GLU A 29 13.45 -9.73 -7.35
N GLU A 30 12.84 -8.66 -7.81
CA GLU A 30 13.34 -7.91 -8.95
C GLU A 30 14.27 -6.77 -8.57
N GLU A 31 13.75 -5.80 -7.85
CA GLU A 31 14.46 -4.56 -7.66
C GLU A 31 15.23 -4.51 -6.35
N ASP A 32 14.75 -5.25 -5.34
CA ASP A 32 15.37 -5.33 -3.98
C ASP A 32 15.10 -4.04 -3.16
N GLU A 33 15.09 -2.91 -3.83
CA GLU A 33 14.76 -1.63 -3.22
C GLU A 33 13.24 -1.41 -3.26
N SER A 34 12.82 -0.48 -4.11
CA SER A 34 11.40 -0.16 -4.42
C SER A 34 10.59 0.41 -3.24
N ALA A 35 11.12 0.30 -2.04
CA ALA A 35 10.51 0.82 -0.86
C ALA A 35 10.55 2.33 -0.92
N LEU A 36 9.54 2.93 -1.49
CA LEU A 36 9.52 4.36 -1.69
C LEU A 36 8.17 4.78 -2.21
N LYS A 37 7.68 5.92 -1.73
CA LYS A 37 6.50 6.59 -2.31
C LYS A 37 5.18 5.78 -2.14
N ARG A 38 4.43 6.06 -1.08
CA ARG A 38 3.19 5.31 -0.77
C ARG A 38 2.10 5.54 -1.79
N SER A 39 2.14 6.69 -2.42
CA SER A 39 1.13 7.06 -3.37
C SER A 39 1.26 6.23 -4.63
N GLU A 40 2.47 5.78 -4.93
CA GLU A 40 2.74 5.03 -6.14
C GLU A 40 2.04 3.68 -6.08
N LEU A 41 2.02 3.09 -4.89
CA LEU A 41 1.41 1.77 -4.66
C LEU A 41 -0.06 1.80 -5.06
N VAL A 42 -0.78 2.73 -4.48
CA VAL A 42 -2.17 2.89 -4.79
C VAL A 42 -2.36 3.39 -6.22
N ASN A 43 -1.42 4.22 -6.67
CA ASN A 43 -1.43 4.77 -8.04
C ASN A 43 -1.49 3.64 -9.08
N TRP A 44 -0.48 2.76 -9.06
CA TRP A 44 -0.44 1.70 -10.05
C TRP A 44 -1.62 0.76 -9.87
N TYR A 45 -2.08 0.60 -8.62
CA TYR A 45 -3.21 -0.27 -8.30
C TYR A 45 -4.45 0.19 -9.02
N LEU A 46 -4.71 1.47 -8.95
CA LEU A 46 -5.88 2.07 -9.56
C LEU A 46 -5.81 1.95 -11.06
N LYS A 47 -4.61 2.06 -11.58
CA LYS A 47 -4.38 1.98 -13.05
C LYS A 47 -4.51 0.55 -13.54
N GLU A 48 -4.31 -0.32 -12.63
CA GLU A 48 -4.31 -1.73 -12.82
C GLU A 48 -5.75 -2.27 -12.77
N ILE A 49 -6.49 -1.86 -11.79
CA ILE A 49 -7.85 -2.34 -11.60
C ILE A 49 -8.88 -1.54 -12.40
N GLU A 50 -8.46 -0.43 -12.99
CA GLU A 50 -9.42 0.46 -13.66
C GLU A 50 -10.15 -0.19 -14.83
N SER A 51 -9.58 -1.24 -15.40
CA SER A 51 -10.21 -1.93 -16.50
C SER A 51 -11.51 -2.62 -16.06
N GLU A 52 -11.60 -3.01 -14.79
CA GLU A 52 -12.80 -3.67 -14.29
C GLU A 52 -13.71 -2.67 -13.63
N ILE A 53 -13.26 -1.43 -13.58
CA ILE A 53 -14.01 -0.38 -12.97
C ILE A 53 -14.87 0.27 -14.00
N ASP A 54 -16.12 0.19 -13.80
CA ASP A 54 -17.07 0.83 -14.67
C ASP A 54 -17.66 2.03 -13.96
N SER A 55 -17.69 1.94 -12.65
CA SER A 55 -18.34 2.91 -11.86
C SER A 55 -17.36 3.54 -10.89
N GLU A 56 -17.47 4.86 -10.76
CA GLU A 56 -16.58 5.69 -9.96
C GLU A 56 -16.46 5.17 -8.53
N GLU A 57 -17.58 4.75 -7.95
CA GLU A 57 -17.55 4.27 -6.59
C GLU A 57 -16.76 3.00 -6.41
N GLU A 58 -16.69 2.19 -7.43
CA GLU A 58 -15.89 0.95 -7.39
C GLU A 58 -14.43 1.34 -7.21
N LEU A 59 -14.01 2.34 -7.99
CA LEU A 59 -12.63 2.84 -7.94
C LEU A 59 -12.37 3.48 -6.61
N ILE A 60 -13.30 4.33 -6.18
CA ILE A 60 -13.21 5.01 -4.89
C ILE A 60 -13.16 3.98 -3.76
N ASN A 61 -13.99 2.94 -3.85
CA ASN A 61 -14.03 1.86 -2.86
C ASN A 61 -12.68 1.19 -2.71
N LYS A 62 -12.09 0.78 -3.83
CA LYS A 62 -10.80 0.11 -3.82
C LYS A 62 -9.74 1.05 -3.28
N LYS A 63 -9.80 2.30 -3.72
CA LYS A 63 -8.86 3.33 -3.33
C LYS A 63 -8.95 3.61 -1.83
N ARG A 64 -10.17 3.62 -1.34
CA ARG A 64 -10.48 3.86 0.05
C ARG A 64 -9.84 2.76 0.89
N ILE A 65 -10.03 1.53 0.45
CA ILE A 65 -9.52 0.38 1.17
C ILE A 65 -8.00 0.31 1.09
N ILE A 66 -7.44 0.42 -0.12
CA ILE A 66 -5.99 0.32 -0.31
C ILE A 66 -5.26 1.38 0.52
N GLU A 67 -5.76 2.60 0.50
CA GLU A 67 -5.18 3.67 1.26
C GLU A 67 -5.36 3.46 2.76
N LYS A 68 -6.55 2.99 3.17
CA LYS A 68 -6.80 2.73 4.59
C LYS A 68 -5.90 1.60 5.09
N VAL A 69 -5.67 0.60 4.25
CA VAL A 69 -4.78 -0.49 4.61
C VAL A 69 -3.35 0.00 4.73
N ILE A 70 -2.89 0.82 3.78
CA ILE A 70 -1.53 1.40 3.84
C ILE A 70 -1.41 2.27 5.11
N HIS A 71 -2.47 3.02 5.38
CA HIS A 71 -2.57 3.86 6.57
C HIS A 71 -2.52 3.01 7.84
N ARG A 72 -3.27 1.92 7.86
CA ARG A 72 -3.29 1.07 9.03
C ARG A 72 -1.93 0.41 9.20
N LEU A 73 -1.38 -0.05 8.10
CA LEU A 73 -0.07 -0.69 8.01
C LEU A 73 1.00 0.17 8.66
N THR A 74 0.98 1.43 8.34
CA THR A 74 1.97 2.36 8.82
C THR A 74 1.67 2.81 10.26
N HIS A 75 0.41 2.97 10.59
CA HIS A 75 0.03 3.50 11.89
C HIS A 75 -0.36 2.43 12.92
N TYR A 76 -1.53 1.86 12.78
CA TYR A 76 -2.07 0.95 13.81
C TYR A 76 -1.41 -0.43 13.79
N ASP A 77 -1.24 -0.97 12.60
CA ASP A 77 -0.79 -2.35 12.42
C ASP A 77 0.70 -2.45 12.73
N HIS A 78 1.45 -1.55 12.13
CA HIS A 78 2.90 -1.44 12.29
C HIS A 78 3.65 -2.66 11.76
N VAL A 79 3.43 -2.95 10.51
CA VAL A 79 4.18 -3.98 9.81
C VAL A 79 5.04 -3.29 8.76
N LEU A 80 5.28 -2.03 9.03
CA LEU A 80 6.09 -1.17 8.21
C LEU A 80 7.54 -1.23 8.65
N ILE A 81 8.39 -1.41 7.70
CA ILE A 81 9.79 -1.35 7.87
C ILE A 81 10.21 -0.05 7.21
N GLU A 82 10.86 0.82 7.92
CA GLU A 82 11.28 2.07 7.35
C GLU A 82 12.72 2.36 7.65
N LEU A 83 13.35 3.09 6.79
CA LEU A 83 14.72 3.44 6.96
C LEU A 83 14.83 4.92 7.23
N THR A 84 15.84 5.31 8.00
CA THR A 84 16.05 6.69 8.37
C THR A 84 16.35 7.54 7.14
N GLN A 85 15.40 8.39 6.79
CA GLN A 85 15.40 9.18 5.56
C GLN A 85 16.62 10.08 5.42
N ALA A 86 17.13 10.53 6.55
CA ALA A 86 18.20 11.52 6.64
C ALA A 86 19.44 11.15 5.81
N GLY A 87 20.07 10.05 6.15
CA GLY A 87 21.31 9.70 5.51
C GLY A 87 21.20 8.52 4.57
N LEU A 88 20.12 8.45 3.82
CA LEU A 88 19.95 7.38 2.84
C LEU A 88 20.83 7.63 1.64
N LYS A 89 21.06 8.88 1.37
CA LYS A 89 21.83 9.31 0.29
C LYS A 89 22.69 10.48 0.70
N GLY A 90 23.85 10.57 0.12
CA GLY A 90 24.76 11.64 0.43
C GLY A 90 24.64 12.76 -0.57
N SER A 91 23.79 12.57 -1.55
CA SER A 91 23.55 13.56 -2.57
C SER A 91 22.60 14.64 -2.04
N THR A 92 22.08 14.41 -0.85
CA THR A 92 21.18 15.32 -0.20
C THR A 92 21.59 15.41 1.27
N GLU A 93 21.57 16.61 1.82
CA GLU A 93 21.95 16.82 3.19
C GLU A 93 20.77 16.55 4.10
N GLY A 94 19.86 17.49 4.14
CA GLY A 94 18.69 17.34 4.93
C GLY A 94 17.62 16.73 4.10
N SER A 95 17.58 15.44 4.09
CA SER A 95 16.63 14.71 3.30
C SER A 95 15.25 14.79 3.95
N GLU A 96 14.36 15.53 3.33
CA GLU A 96 13.03 15.70 3.83
C GLU A 96 12.14 14.74 3.13
N SER A 97 11.10 14.39 3.77
CA SER A 97 10.13 13.54 3.18
C SER A 97 9.03 14.33 2.56
N TYR A 98 8.21 14.95 3.42
CA TYR A 98 6.94 15.73 3.16
C TYR A 98 6.28 15.58 1.74
N GLU A 99 7.06 15.84 0.70
CA GLU A 99 6.60 15.86 -0.66
C GLU A 99 6.45 14.44 -1.18
N GLU A 100 7.32 13.57 -0.69
CA GLU A 100 7.32 12.16 -1.00
C GLU A 100 7.54 11.36 0.26
N ASP A 101 7.81 10.09 0.11
CA ASP A 101 8.00 9.21 1.24
C ASP A 101 9.40 8.66 1.21
N PRO A 102 9.95 8.25 2.36
CA PRO A 102 11.25 7.60 2.43
C PRO A 102 11.12 6.09 2.08
N TYR A 103 12.05 5.27 2.55
CA TYR A 103 12.01 3.86 2.26
C TYR A 103 11.01 3.16 3.13
N LEU A 104 9.84 2.96 2.58
CA LEU A 104 8.76 2.31 3.25
C LEU A 104 8.54 0.95 2.66
N VAL A 105 8.66 -0.04 3.48
CA VAL A 105 8.52 -1.40 3.04
C VAL A 105 7.71 -2.19 4.05
N VAL A 106 7.04 -3.20 3.60
CA VAL A 106 6.15 -3.97 4.43
C VAL A 106 6.72 -5.36 4.72
N ASN A 107 6.35 -5.91 5.87
CA ASN A 107 6.69 -7.27 6.29
C ASN A 107 6.19 -8.29 5.26
N PRO A 108 6.94 -9.40 5.03
CA PRO A 108 6.52 -10.50 4.12
C PRO A 108 5.41 -11.36 4.73
N ASN A 109 4.64 -10.76 5.57
CA ASN A 109 3.57 -11.38 6.27
C ASN A 109 2.61 -10.30 6.67
N TYR A 110 1.41 -10.40 6.21
CA TYR A 110 0.38 -9.46 6.58
C TYR A 110 -0.80 -10.27 7.05
N LEU A 111 -1.38 -9.86 8.14
CA LEU A 111 -2.46 -10.57 8.73
C LEU A 111 -3.82 -10.03 8.32
N LEU A 112 -4.80 -10.89 8.35
CA LEU A 112 -6.15 -10.49 8.05
C LEU A 112 -6.78 -9.95 9.32
N GLU A 113 -7.95 -9.36 9.20
CA GLU A 113 -8.58 -8.74 10.35
C GLU A 113 -9.15 -9.81 11.30
N ASP A 114 -9.45 -10.96 10.76
CA ASP A 114 -9.97 -12.07 11.51
C ASP A 114 -9.42 -13.33 10.92
N ALA A 1 -14.95 -9.97 18.65
CA ALA A 1 -13.81 -9.24 18.19
C ALA A 1 -14.21 -7.78 17.98
N PRO A 2 -13.42 -6.82 18.49
CA PRO A 2 -13.70 -5.39 18.29
C PRO A 2 -13.70 -5.02 16.80
N LYS A 3 -12.75 -5.58 16.05
CA LYS A 3 -12.69 -5.32 14.63
C LYS A 3 -13.17 -6.54 13.89
N ALA A 4 -14.33 -6.44 13.29
CA ALA A 4 -14.84 -7.52 12.49
C ALA A 4 -14.48 -7.25 11.05
N SER A 5 -15.13 -6.23 10.49
CA SER A 5 -14.96 -5.78 9.11
C SER A 5 -15.39 -6.86 8.09
N LEU A 6 -14.61 -7.91 7.99
CA LEU A 6 -14.84 -8.97 7.04
C LEU A 6 -15.94 -9.90 7.49
N ARG A 7 -17.14 -9.40 7.42
CA ARG A 7 -18.34 -10.18 7.69
C ARG A 7 -18.86 -10.64 6.33
N LEU A 8 -18.28 -10.04 5.31
CA LEU A 8 -18.55 -10.32 3.94
C LEU A 8 -17.21 -10.22 3.25
N GLY A 9 -16.99 -11.05 2.26
CA GLY A 9 -15.73 -11.03 1.56
C GLY A 9 -15.70 -9.95 0.52
N PHE A 10 -15.46 -8.72 0.97
CA PHE A 10 -15.43 -7.55 0.11
C PHE A 10 -14.38 -7.70 -0.97
N SER A 11 -14.82 -7.80 -2.21
CA SER A 11 -13.95 -7.98 -3.34
C SER A 11 -13.02 -6.78 -3.51
N GLU A 12 -13.49 -5.63 -3.09
CA GLU A 12 -12.71 -4.40 -3.12
C GLU A 12 -11.47 -4.56 -2.26
N TYR A 13 -11.68 -4.96 -1.02
CA TYR A 13 -10.57 -5.15 -0.10
C TYR A 13 -9.68 -6.30 -0.51
N SER A 14 -10.27 -7.40 -0.93
CA SER A 14 -9.51 -8.54 -1.39
C SER A 14 -8.63 -8.20 -2.60
N ARG A 15 -9.15 -7.44 -3.55
CA ARG A 15 -8.39 -7.08 -4.74
C ARG A 15 -7.21 -6.15 -4.40
N ILE A 16 -7.43 -5.24 -3.47
CA ILE A 16 -6.36 -4.36 -3.02
C ILE A 16 -5.33 -5.15 -2.18
N SER A 17 -5.82 -6.00 -1.31
CA SER A 17 -4.97 -6.85 -0.48
C SER A 17 -4.12 -7.78 -1.36
N ASN A 18 -4.73 -8.30 -2.43
CA ASN A 18 -4.05 -9.16 -3.40
C ASN A 18 -2.90 -8.40 -4.04
N LEU A 19 -3.18 -7.14 -4.38
CA LEU A 19 -2.19 -6.20 -4.90
C LEU A 19 -0.98 -6.11 -3.98
N ILE A 20 -1.23 -6.01 -2.69
CA ILE A 20 -0.16 -5.94 -1.71
C ILE A 20 0.73 -7.16 -1.77
N VAL A 21 0.10 -8.31 -1.82
CA VAL A 21 0.82 -9.55 -1.86
C VAL A 21 1.60 -9.70 -3.18
N LEU A 22 0.92 -9.41 -4.29
CA LEU A 22 1.53 -9.48 -5.63
C LEU A 22 2.67 -8.50 -5.79
N HIS A 23 2.47 -7.29 -5.31
CA HIS A 23 3.47 -6.26 -5.39
C HIS A 23 4.69 -6.67 -4.59
N LEU A 24 4.47 -7.12 -3.36
CA LEU A 24 5.55 -7.56 -2.51
C LEU A 24 6.36 -8.68 -3.14
N ARG A 25 5.68 -9.72 -3.63
CA ARG A 25 6.36 -10.85 -4.24
C ARG A 25 7.13 -10.44 -5.49
N LYS A 26 6.61 -9.46 -6.21
CA LYS A 26 7.30 -8.97 -7.37
C LYS A 26 8.54 -8.14 -7.00
N VAL A 27 8.40 -7.25 -6.03
CA VAL A 27 9.50 -6.37 -5.65
C VAL A 27 10.59 -7.10 -4.89
N GLU A 28 10.22 -8.11 -4.09
CA GLU A 28 11.22 -8.91 -3.38
C GLU A 28 12.05 -9.72 -4.39
N GLU A 29 11.41 -10.02 -5.52
CA GLU A 29 12.02 -10.72 -6.62
C GLU A 29 13.03 -9.81 -7.31
N GLU A 30 12.59 -8.63 -7.68
CA GLU A 30 13.41 -7.71 -8.43
C GLU A 30 14.41 -6.92 -7.57
N GLU A 31 13.91 -6.10 -6.67
CA GLU A 31 14.77 -5.17 -5.94
C GLU A 31 15.24 -5.73 -4.61
N ASP A 32 14.36 -6.51 -3.95
CA ASP A 32 14.62 -7.13 -2.61
C ASP A 32 14.53 -6.10 -1.46
N GLU A 33 14.70 -4.83 -1.77
CA GLU A 33 14.64 -3.74 -0.80
C GLU A 33 13.22 -3.65 -0.22
N SER A 34 12.30 -3.86 -1.09
CA SER A 34 10.85 -3.91 -0.85
C SER A 34 10.25 -2.61 -0.25
N ALA A 35 11.00 -1.53 -0.34
CA ALA A 35 10.56 -0.26 0.18
C ALA A 35 10.17 0.67 -0.97
N LEU A 36 8.89 0.74 -1.24
CA LEU A 36 8.39 1.47 -2.41
C LEU A 36 7.68 2.76 -2.06
N LYS A 37 7.15 3.40 -3.10
CA LYS A 37 6.48 4.68 -2.99
C LYS A 37 4.97 4.49 -2.98
N ARG A 38 4.30 5.22 -2.07
CA ARG A 38 2.84 5.19 -1.91
C ARG A 38 2.16 5.59 -3.21
N SER A 39 2.58 6.73 -3.74
CA SER A 39 2.02 7.28 -4.95
C SER A 39 2.19 6.31 -6.13
N GLU A 40 3.37 5.72 -6.24
CA GLU A 40 3.72 4.81 -7.33
C GLU A 40 2.91 3.51 -7.25
N LEU A 41 2.73 3.00 -6.04
CA LEU A 41 1.94 1.79 -5.81
C LEU A 41 0.53 1.97 -6.36
N VAL A 42 -0.08 3.05 -5.96
CA VAL A 42 -1.42 3.37 -6.39
C VAL A 42 -1.41 3.62 -7.90
N ASN A 43 -0.35 4.28 -8.36
CA ASN A 43 -0.18 4.68 -9.75
C ASN A 43 -0.31 3.50 -10.69
N TRP A 44 0.57 2.52 -10.53
CA TRP A 44 0.55 1.39 -11.44
C TRP A 44 -0.69 0.55 -11.22
N TYR A 45 -1.20 0.55 -9.97
CA TYR A 45 -2.36 -0.24 -9.64
C TYR A 45 -3.54 0.18 -10.48
N LEU A 46 -3.76 1.48 -10.55
CA LEU A 46 -4.87 2.04 -11.31
C LEU A 46 -4.67 1.73 -12.79
N LYS A 47 -3.44 1.89 -13.24
CA LYS A 47 -3.05 1.67 -14.65
C LYS A 47 -3.36 0.22 -15.11
N GLU A 48 -3.25 -0.67 -14.20
CA GLU A 48 -3.45 -2.08 -14.50
C GLU A 48 -4.92 -2.47 -14.48
N ILE A 49 -5.64 -1.97 -13.51
CA ILE A 49 -7.04 -2.36 -13.35
C ILE A 49 -7.99 -1.48 -14.15
N GLU A 50 -7.48 -0.39 -14.71
CA GLU A 50 -8.31 0.58 -15.44
C GLU A 50 -9.02 -0.02 -16.66
N SER A 51 -8.52 -1.16 -17.12
CA SER A 51 -9.06 -1.84 -18.27
C SER A 51 -10.49 -2.36 -18.03
N GLU A 52 -10.80 -2.70 -16.78
CA GLU A 52 -12.12 -3.26 -16.47
C GLU A 52 -13.06 -2.18 -15.97
N ILE A 53 -12.51 -1.01 -15.75
CA ILE A 53 -13.25 0.09 -15.18
C ILE A 53 -14.17 0.69 -16.22
N ASP A 54 -15.44 0.45 -16.04
CA ASP A 54 -16.46 1.00 -16.92
C ASP A 54 -16.95 2.33 -16.38
N SER A 55 -16.89 2.47 -15.08
CA SER A 55 -17.49 3.60 -14.42
C SER A 55 -16.44 4.34 -13.61
N GLU A 56 -16.49 5.66 -13.63
CA GLU A 56 -15.59 6.51 -12.87
C GLU A 56 -15.67 6.17 -11.39
N GLU A 57 -16.89 5.82 -10.93
CA GLU A 57 -17.13 5.41 -9.55
C GLU A 57 -16.21 4.27 -9.12
N GLU A 58 -16.04 3.28 -9.99
CA GLU A 58 -15.18 2.15 -9.75
C GLU A 58 -13.75 2.59 -9.61
N LEU A 59 -13.33 3.46 -10.50
CA LEU A 59 -11.98 4.01 -10.47
C LEU A 59 -11.76 4.75 -9.16
N ILE A 60 -12.74 5.54 -8.77
CA ILE A 60 -12.71 6.26 -7.50
C ILE A 60 -12.65 5.26 -6.36
N ASN A 61 -13.51 4.25 -6.41
CA ASN A 61 -13.55 3.19 -5.40
C ASN A 61 -12.21 2.52 -5.24
N LYS A 62 -11.66 2.00 -6.33
CA LYS A 62 -10.39 1.31 -6.32
C LYS A 62 -9.30 2.23 -5.74
N LYS A 63 -9.30 3.48 -6.20
CA LYS A 63 -8.33 4.48 -5.77
C LYS A 63 -8.48 4.81 -4.28
N ARG A 64 -9.70 4.92 -3.82
CA ARG A 64 -9.95 5.27 -2.44
C ARG A 64 -9.67 4.09 -1.53
N ILE A 65 -10.00 2.89 -1.97
CA ILE A 65 -9.72 1.70 -1.18
C ILE A 65 -8.23 1.53 -1.00
N ILE A 66 -7.47 1.60 -2.09
CA ILE A 66 -6.02 1.45 -2.02
C ILE A 66 -5.40 2.56 -1.14
N GLU A 67 -5.91 3.77 -1.30
CA GLU A 67 -5.45 4.91 -0.54
C GLU A 67 -5.77 4.72 0.95
N LYS A 68 -7.00 4.28 1.25
CA LYS A 68 -7.44 4.04 2.60
C LYS A 68 -6.65 2.90 3.24
N VAL A 69 -6.33 1.87 2.47
CA VAL A 69 -5.55 0.77 2.99
C VAL A 69 -4.14 1.23 3.36
N ILE A 70 -3.51 2.04 2.51
CA ILE A 70 -2.18 2.57 2.80
C ILE A 70 -2.22 3.43 4.08
N HIS A 71 -3.29 4.22 4.20
CA HIS A 71 -3.53 5.03 5.40
C HIS A 71 -3.74 4.12 6.61
N ARG A 72 -4.62 3.16 6.48
CA ARG A 72 -4.96 2.24 7.55
C ARG A 72 -3.72 1.51 8.07
N LEU A 73 -2.99 0.94 7.15
CA LEU A 73 -1.81 0.19 7.41
C LEU A 73 -0.76 1.01 8.21
N THR A 74 -0.68 2.29 7.95
CA THR A 74 0.27 3.15 8.65
C THR A 74 -0.35 3.83 9.89
N HIS A 75 -1.63 3.63 10.12
CA HIS A 75 -2.30 4.40 11.16
C HIS A 75 -2.92 3.51 12.23
N TYR A 76 -3.40 2.35 11.85
CA TYR A 76 -4.05 1.44 12.79
C TYR A 76 -3.23 0.19 13.00
N ASP A 77 -2.92 -0.47 11.90
CA ASP A 77 -2.25 -1.78 11.95
C ASP A 77 -0.79 -1.66 12.34
N HIS A 78 -0.07 -0.73 11.70
CA HIS A 78 1.37 -0.45 12.02
C HIS A 78 2.27 -1.64 11.72
N VAL A 79 1.85 -2.48 10.81
CA VAL A 79 2.66 -3.63 10.43
C VAL A 79 3.48 -3.32 9.15
N LEU A 80 3.50 -2.03 8.81
CA LEU A 80 4.23 -1.53 7.68
C LEU A 80 5.41 -0.75 8.22
N ILE A 81 6.57 -1.03 7.69
CA ILE A 81 7.78 -0.44 8.13
C ILE A 81 8.05 0.71 7.19
N GLU A 82 8.57 1.77 7.71
CA GLU A 82 8.82 2.92 6.89
C GLU A 82 10.26 3.34 6.99
N LEU A 83 10.83 3.57 5.88
CA LEU A 83 12.14 4.12 5.80
C LEU A 83 11.94 5.55 5.42
N THR A 84 12.07 6.42 6.38
CA THR A 84 11.75 7.81 6.18
C THR A 84 12.78 8.49 5.28
N GLN A 85 12.28 9.27 4.34
CA GLN A 85 13.10 10.00 3.43
C GLN A 85 13.68 11.22 4.11
N ALA A 86 14.61 10.92 4.95
CA ALA A 86 15.41 11.87 5.64
C ALA A 86 16.82 11.30 5.74
N GLY A 87 16.89 9.99 5.90
CA GLY A 87 18.16 9.32 5.95
C GLY A 87 18.34 8.37 4.80
N LEU A 88 17.75 8.69 3.68
CA LEU A 88 17.84 7.85 2.52
C LEU A 88 18.56 8.59 1.39
N LYS A 89 17.85 9.46 0.71
CA LYS A 89 18.44 10.27 -0.32
C LYS A 89 18.92 11.57 0.32
N GLY A 90 20.20 11.71 0.49
CA GLY A 90 20.74 12.89 1.11
C GLY A 90 21.30 12.57 2.46
N SER A 91 22.26 11.64 2.48
CA SER A 91 22.94 11.19 3.69
C SER A 91 21.96 10.51 4.67
N THR A 92 22.41 10.23 5.88
CA THR A 92 21.54 9.67 6.90
C THR A 92 20.85 10.83 7.64
N GLU A 93 21.44 11.99 7.54
CA GLU A 93 20.96 13.18 8.20
C GLU A 93 21.13 14.32 7.22
N GLY A 94 20.22 15.24 7.23
CA GLY A 94 20.34 16.39 6.38
C GLY A 94 19.15 16.57 5.49
N SER A 95 18.64 15.48 5.00
CA SER A 95 17.53 15.52 4.11
C SER A 95 16.25 15.63 4.95
N GLU A 96 15.33 16.45 4.50
CA GLU A 96 14.10 16.67 5.19
C GLU A 96 12.99 15.85 4.58
N SER A 97 12.11 15.37 5.41
CA SER A 97 11.08 14.45 5.00
C SER A 97 9.82 15.13 4.47
N TYR A 98 9.76 16.45 4.53
CA TYR A 98 8.55 17.16 4.10
C TYR A 98 8.33 17.07 2.58
N GLU A 99 9.37 16.79 1.85
CA GLU A 99 9.28 16.78 0.39
C GLU A 99 8.68 15.49 -0.16
N GLU A 100 8.85 14.40 0.55
CA GLU A 100 8.44 13.12 0.01
C GLU A 100 7.85 12.23 1.07
N ASP A 101 7.01 11.33 0.65
CA ASP A 101 6.51 10.27 1.51
C ASP A 101 7.66 9.28 1.72
N PRO A 102 7.67 8.52 2.81
CA PRO A 102 8.76 7.58 3.10
C PRO A 102 8.72 6.38 2.17
N TYR A 103 9.68 5.53 2.30
CA TYR A 103 9.74 4.32 1.54
C TYR A 103 9.13 3.23 2.39
N LEU A 104 8.04 2.68 1.93
CA LEU A 104 7.29 1.74 2.73
C LEU A 104 7.61 0.32 2.37
N VAL A 105 7.78 -0.47 3.39
CA VAL A 105 8.07 -1.88 3.27
C VAL A 105 7.15 -2.62 4.22
N VAL A 106 6.60 -3.72 3.80
CA VAL A 106 5.61 -4.39 4.60
C VAL A 106 6.11 -5.73 5.08
N ASN A 107 5.57 -6.17 6.19
CA ASN A 107 5.84 -7.48 6.71
C ASN A 107 5.13 -8.47 5.80
N PRO A 108 5.80 -9.56 5.38
CA PRO A 108 5.18 -10.61 4.56
C PRO A 108 3.92 -11.18 5.21
N ASN A 109 3.78 -10.98 6.52
CA ASN A 109 2.64 -11.46 7.23
C ASN A 109 1.58 -10.38 7.31
N TYR A 110 0.83 -10.26 6.25
CA TYR A 110 -0.25 -9.29 6.18
C TYR A 110 -1.60 -10.01 6.16
N LEU A 111 -2.62 -9.33 6.64
CA LEU A 111 -3.97 -9.87 6.75
C LEU A 111 -4.97 -8.81 6.32
N LEU A 112 -6.22 -9.21 6.17
CA LEU A 112 -7.26 -8.23 5.80
C LEU A 112 -7.81 -7.60 7.05
N GLU A 113 -7.98 -8.40 8.06
CA GLU A 113 -8.44 -7.99 9.36
C GLU A 113 -8.20 -9.20 10.22
N ASP A 114 -8.70 -10.29 9.72
CA ASP A 114 -8.41 -11.59 10.23
C ASP A 114 -8.26 -12.43 9.00
N ALA A 1 -20.90 -17.09 11.43
CA ALA A 1 -21.17 -17.29 10.03
C ALA A 1 -19.92 -16.98 9.22
N PRO A 2 -19.73 -17.67 8.07
CA PRO A 2 -18.57 -17.45 7.20
C PRO A 2 -18.41 -15.98 6.79
N LYS A 3 -17.26 -15.45 7.02
CA LYS A 3 -16.95 -14.07 6.73
C LYS A 3 -15.81 -14.02 5.74
N ALA A 4 -15.70 -12.93 5.03
CA ALA A 4 -14.59 -12.75 4.10
C ALA A 4 -13.37 -12.28 4.86
N SER A 5 -13.50 -11.15 5.54
CA SER A 5 -12.46 -10.62 6.40
C SER A 5 -13.12 -9.68 7.42
N LEU A 6 -13.59 -8.55 6.93
CA LEU A 6 -14.18 -7.54 7.78
C LEU A 6 -15.69 -7.61 7.73
N ARG A 7 -16.29 -7.56 8.93
CA ARG A 7 -17.74 -7.59 9.17
C ARG A 7 -18.45 -8.78 8.49
N LEU A 8 -18.82 -8.63 7.25
CA LEU A 8 -19.44 -9.70 6.51
C LEU A 8 -18.60 -9.97 5.29
N GLY A 9 -18.48 -8.98 4.45
CA GLY A 9 -17.71 -9.12 3.26
C GLY A 9 -17.51 -7.84 2.52
N PHE A 10 -16.69 -6.95 3.08
CA PHE A 10 -16.29 -5.76 2.34
C PHE A 10 -15.34 -6.23 1.26
N SER A 11 -15.75 -6.16 0.04
CA SER A 11 -14.95 -6.66 -1.06
C SER A 11 -13.70 -5.82 -1.27
N GLU A 12 -13.83 -4.54 -1.06
CA GLU A 12 -12.78 -3.59 -1.37
C GLU A 12 -11.62 -3.69 -0.41
N TYR A 13 -11.91 -3.81 0.88
CA TYR A 13 -10.85 -3.86 1.86
C TYR A 13 -9.99 -5.11 1.70
N SER A 14 -10.60 -6.21 1.33
CA SER A 14 -9.87 -7.42 1.08
C SER A 14 -9.05 -7.31 -0.22
N ARG A 15 -9.65 -6.72 -1.26
CA ARG A 15 -8.95 -6.48 -2.55
C ARG A 15 -7.69 -5.63 -2.37
N ILE A 16 -7.84 -4.51 -1.71
CA ILE A 16 -6.73 -3.61 -1.49
C ILE A 16 -5.65 -4.22 -0.60
N SER A 17 -6.06 -4.83 0.50
CA SER A 17 -5.09 -5.45 1.39
C SER A 17 -4.37 -6.63 0.70
N ASN A 18 -5.10 -7.35 -0.15
CA ASN A 18 -4.54 -8.46 -0.92
C ASN A 18 -3.46 -7.91 -1.86
N LEU A 19 -3.76 -6.76 -2.48
CA LEU A 19 -2.82 -6.01 -3.32
C LEU A 19 -1.52 -5.74 -2.58
N ILE A 20 -1.63 -5.32 -1.35
CA ILE A 20 -0.45 -5.03 -0.54
C ILE A 20 0.39 -6.28 -0.31
N VAL A 21 -0.26 -7.34 0.06
CA VAL A 21 0.43 -8.57 0.36
C VAL A 21 1.04 -9.16 -0.94
N LEU A 22 0.24 -9.21 -2.00
CA LEU A 22 0.66 -9.73 -3.30
C LEU A 22 1.78 -8.93 -3.89
N HIS A 23 1.68 -7.61 -3.82
CA HIS A 23 2.72 -6.74 -4.32
C HIS A 23 4.02 -7.07 -3.64
N LEU A 24 4.01 -7.07 -2.31
CA LEU A 24 5.20 -7.41 -1.55
C LEU A 24 5.72 -8.81 -1.92
N ARG A 25 4.81 -9.79 -2.02
CA ARG A 25 5.16 -11.15 -2.44
C ARG A 25 5.92 -11.16 -3.76
N LYS A 26 5.40 -10.44 -4.74
CA LYS A 26 6.02 -10.35 -6.05
C LYS A 26 7.35 -9.62 -5.97
N VAL A 27 7.35 -8.49 -5.30
CA VAL A 27 8.51 -7.65 -5.21
C VAL A 27 9.67 -8.32 -4.49
N GLU A 28 9.41 -8.92 -3.34
CA GLU A 28 10.47 -9.57 -2.56
C GLU A 28 11.04 -10.76 -3.33
N GLU A 29 10.20 -11.37 -4.14
CA GLU A 29 10.58 -12.50 -4.94
C GLU A 29 11.47 -12.06 -6.10
N GLU A 30 11.06 -11.00 -6.78
CA GLU A 30 11.76 -10.55 -7.96
C GLU A 30 12.93 -9.61 -7.68
N GLU A 31 12.65 -8.48 -7.03
CA GLU A 31 13.62 -7.39 -6.95
C GLU A 31 14.06 -7.02 -5.52
N ASP A 32 13.46 -7.68 -4.52
CA ASP A 32 13.82 -7.53 -3.07
C ASP A 32 13.38 -6.19 -2.45
N GLU A 33 13.91 -5.09 -2.95
CA GLU A 33 13.70 -3.76 -2.44
C GLU A 33 12.30 -3.27 -2.73
N SER A 34 11.47 -3.54 -1.80
CA SER A 34 10.06 -3.19 -1.84
C SER A 34 9.79 -1.77 -1.33
N ALA A 35 10.85 -1.01 -1.13
CA ALA A 35 10.72 0.35 -0.70
C ALA A 35 10.41 1.23 -1.89
N LEU A 36 9.14 1.45 -2.13
CA LEU A 36 8.68 2.19 -3.28
C LEU A 36 7.76 3.33 -2.88
N LYS A 37 7.47 4.18 -3.82
CA LYS A 37 6.62 5.35 -3.62
C LYS A 37 5.17 4.96 -3.38
N ARG A 38 4.49 5.73 -2.55
CA ARG A 38 3.10 5.44 -2.17
C ARG A 38 2.16 5.62 -3.33
N SER A 39 2.27 6.76 -3.99
CA SER A 39 1.40 7.10 -5.11
C SER A 39 1.60 6.10 -6.26
N GLU A 40 2.82 5.59 -6.38
CA GLU A 40 3.18 4.61 -7.39
C GLU A 40 2.42 3.30 -7.20
N LEU A 41 2.20 2.91 -5.94
CA LEU A 41 1.40 1.72 -5.62
C LEU A 41 0.00 1.87 -6.19
N VAL A 42 -0.58 3.03 -5.92
CA VAL A 42 -1.92 3.33 -6.37
C VAL A 42 -1.94 3.42 -7.88
N ASN A 43 -0.90 4.04 -8.42
CA ASN A 43 -0.73 4.29 -9.85
C ASN A 43 -0.88 3.00 -10.64
N TRP A 44 -0.04 2.01 -10.34
CA TRP A 44 -0.10 0.77 -11.10
C TRP A 44 -1.37 0.01 -10.77
N TYR A 45 -1.86 0.15 -9.54
CA TYR A 45 -3.03 -0.58 -9.07
C TYR A 45 -4.21 -0.26 -9.97
N LEU A 46 -4.44 1.02 -10.15
CA LEU A 46 -5.55 1.52 -10.95
C LEU A 46 -5.37 1.12 -12.41
N LYS A 47 -4.14 1.21 -12.88
CA LYS A 47 -3.81 0.91 -14.29
C LYS A 47 -3.91 -0.56 -14.64
N GLU A 48 -3.61 -1.37 -13.71
CA GLU A 48 -3.61 -2.80 -13.93
C GLU A 48 -5.00 -3.40 -13.79
N ILE A 49 -5.76 -2.92 -12.84
CA ILE A 49 -7.09 -3.51 -12.61
C ILE A 49 -8.15 -2.83 -13.44
N GLU A 50 -7.79 -1.74 -14.12
CA GLU A 50 -8.77 -0.97 -14.90
C GLU A 50 -9.49 -1.80 -15.96
N SER A 51 -8.85 -2.89 -16.38
CA SER A 51 -9.41 -3.80 -17.34
C SER A 51 -10.72 -4.45 -16.81
N GLU A 52 -10.81 -4.61 -15.49
CA GLU A 52 -12.00 -5.20 -14.89
C GLU A 52 -12.90 -4.10 -14.30
N ILE A 53 -12.52 -2.87 -14.53
CA ILE A 53 -13.26 -1.76 -14.02
C ILE A 53 -14.24 -1.28 -15.06
N ASP A 54 -15.47 -1.68 -14.90
CA ASP A 54 -16.54 -1.31 -15.84
C ASP A 54 -17.36 -0.15 -15.31
N SER A 55 -17.08 0.26 -14.10
CA SER A 55 -17.80 1.33 -13.48
C SER A 55 -16.83 2.34 -12.95
N GLU A 56 -17.12 3.62 -13.17
CA GLU A 56 -16.28 4.67 -12.68
C GLU A 56 -16.35 4.70 -11.17
N GLU A 57 -17.49 4.23 -10.63
CA GLU A 57 -17.69 4.16 -9.20
C GLU A 57 -16.66 3.24 -8.58
N GLU A 58 -16.44 2.10 -9.24
CA GLU A 58 -15.42 1.15 -8.82
C GLU A 58 -14.06 1.78 -8.75
N LEU A 59 -13.74 2.54 -9.76
CA LEU A 59 -12.45 3.20 -9.87
C LEU A 59 -12.27 4.23 -8.76
N ILE A 60 -13.24 5.13 -8.63
CA ILE A 60 -13.22 6.18 -7.62
C ILE A 60 -13.19 5.55 -6.21
N ASN A 61 -14.03 4.56 -6.02
CA ASN A 61 -14.09 3.79 -4.77
C ASN A 61 -12.76 3.14 -4.46
N LYS A 62 -12.19 2.50 -5.48
CA LYS A 62 -10.93 1.77 -5.33
C LYS A 62 -9.86 2.75 -4.87
N LYS A 63 -9.87 3.93 -5.49
CA LYS A 63 -8.93 4.99 -5.19
C LYS A 63 -9.11 5.47 -3.73
N ARG A 64 -10.36 5.60 -3.30
CA ARG A 64 -10.66 5.99 -1.93
C ARG A 64 -10.12 4.96 -0.95
N ILE A 65 -10.42 3.71 -1.21
CA ILE A 65 -10.04 2.62 -0.35
C ILE A 65 -8.52 2.45 -0.27
N ILE A 66 -7.85 2.44 -1.42
CA ILE A 66 -6.40 2.28 -1.45
C ILE A 66 -5.73 3.45 -0.70
N GLU A 67 -6.26 4.64 -0.89
CA GLU A 67 -5.76 5.84 -0.24
C GLU A 67 -5.94 5.72 1.28
N LYS A 68 -7.14 5.30 1.70
CA LYS A 68 -7.45 5.13 3.11
C LYS A 68 -6.62 4.05 3.77
N VAL A 69 -6.34 2.99 3.04
CA VAL A 69 -5.50 1.94 3.57
C VAL A 69 -4.06 2.42 3.71
N ILE A 70 -3.58 3.20 2.74
CA ILE A 70 -2.24 3.78 2.83
C ILE A 70 -2.19 4.79 3.99
N HIS A 71 -3.28 5.52 4.17
CA HIS A 71 -3.45 6.44 5.28
C HIS A 71 -3.41 5.66 6.60
N ARG A 72 -4.16 4.56 6.68
CA ARG A 72 -4.19 3.73 7.88
C ARG A 72 -2.78 3.18 8.16
N LEU A 73 -2.19 2.62 7.12
CA LEU A 73 -0.86 2.03 7.12
C LEU A 73 0.19 2.94 7.73
N THR A 74 0.23 4.16 7.28
CA THR A 74 1.24 5.08 7.67
C THR A 74 0.94 5.79 9.00
N HIS A 75 -0.32 5.80 9.40
CA HIS A 75 -0.73 6.60 10.57
C HIS A 75 -1.11 5.74 11.77
N TYR A 76 -1.93 4.75 11.56
CA TYR A 76 -2.47 3.94 12.64
C TYR A 76 -1.60 2.76 12.91
N ASP A 77 -1.44 1.94 11.89
CA ASP A 77 -0.70 0.70 11.97
C ASP A 77 0.74 0.99 12.26
N HIS A 78 1.29 1.91 11.47
CA HIS A 78 2.67 2.37 11.57
C HIS A 78 3.61 1.19 11.27
N VAL A 79 3.14 0.30 10.41
CA VAL A 79 3.91 -0.87 10.00
C VAL A 79 4.66 -0.56 8.72
N LEU A 80 4.91 0.70 8.52
CA LEU A 80 5.66 1.16 7.40
C LEU A 80 7.12 1.20 7.82
N ILE A 81 7.95 0.69 6.99
CA ILE A 81 9.34 0.67 7.21
C ILE A 81 9.93 1.68 6.27
N GLU A 82 10.57 2.65 6.78
CA GLU A 82 11.14 3.65 5.93
C GLU A 82 12.62 3.46 5.87
N LEU A 83 13.14 3.48 4.70
CA LEU A 83 14.54 3.48 4.55
C LEU A 83 14.93 4.93 4.55
N THR A 84 15.67 5.33 5.57
CA THR A 84 16.00 6.71 5.80
C THR A 84 16.75 7.35 4.64
N GLN A 85 16.00 8.13 3.87
CA GLN A 85 16.41 8.76 2.62
C GLN A 85 17.72 9.53 2.74
N ALA A 86 17.96 10.06 3.92
CA ALA A 86 19.11 10.91 4.20
C ALA A 86 20.43 10.24 3.85
N GLY A 87 20.78 9.20 4.59
CA GLY A 87 22.05 8.55 4.39
C GLY A 87 22.14 7.85 3.06
N LEU A 88 20.98 7.42 2.57
CA LEU A 88 20.90 6.68 1.31
C LEU A 88 21.35 7.54 0.12
N LYS A 89 21.18 8.85 0.23
CA LYS A 89 21.58 9.74 -0.83
C LYS A 89 23.02 10.20 -0.66
N GLY A 90 23.63 9.80 0.43
CA GLY A 90 24.98 10.22 0.73
C GLY A 90 24.98 11.51 1.52
N SER A 91 23.82 11.88 2.00
CA SER A 91 23.65 13.06 2.78
C SER A 91 23.95 12.70 4.24
N THR A 92 24.68 13.55 4.91
CA THR A 92 25.03 13.29 6.29
C THR A 92 23.92 13.82 7.22
N GLU A 93 24.15 13.81 8.52
CA GLU A 93 23.18 14.30 9.48
C GLU A 93 22.98 15.79 9.33
N GLY A 94 21.79 16.25 9.63
CA GLY A 94 21.44 17.62 9.40
C GLY A 94 20.78 17.77 8.05
N SER A 95 20.38 16.66 7.49
CA SER A 95 19.73 16.59 6.22
C SER A 95 18.22 16.63 6.35
N GLU A 96 17.55 17.01 5.30
CA GLU A 96 16.11 17.11 5.30
C GLU A 96 15.46 15.93 4.58
N SER A 97 14.24 15.66 4.94
CA SER A 97 13.38 14.68 4.27
C SER A 97 12.05 15.41 3.99
N TYR A 98 12.17 16.73 3.92
CA TYR A 98 11.06 17.69 3.86
C TYR A 98 10.11 17.49 2.69
N GLU A 99 10.62 16.95 1.61
CA GLU A 99 9.91 16.86 0.36
C GLU A 99 8.62 16.06 0.46
N GLU A 100 8.74 14.80 0.81
CA GLU A 100 7.64 13.87 0.75
C GLU A 100 8.05 12.57 1.41
N ASP A 101 7.26 11.54 1.19
CA ASP A 101 7.53 10.20 1.70
C ASP A 101 8.85 9.66 1.15
N PRO A 102 9.65 8.99 1.99
CA PRO A 102 10.90 8.39 1.57
C PRO A 102 10.67 7.01 0.92
N TYR A 103 11.68 6.16 0.95
CA TYR A 103 11.55 4.84 0.40
C TYR A 103 10.81 3.98 1.42
N LEU A 104 9.53 3.80 1.19
CA LEU A 104 8.68 3.08 2.11
C LEU A 104 8.44 1.64 1.70
N VAL A 105 8.66 0.78 2.64
CA VAL A 105 8.43 -0.62 2.51
C VAL A 105 7.50 -1.04 3.63
N VAL A 106 6.68 -2.02 3.42
CA VAL A 106 5.70 -2.39 4.40
C VAL A 106 6.09 -3.69 5.09
N ASN A 107 5.80 -3.75 6.37
CA ASN A 107 5.99 -4.92 7.19
C ASN A 107 5.12 -6.03 6.63
N PRO A 108 5.68 -7.22 6.32
CA PRO A 108 4.88 -8.37 5.84
C PRO A 108 3.78 -8.81 6.83
N ASN A 109 3.83 -8.29 8.04
CA ASN A 109 2.83 -8.56 9.05
C ASN A 109 1.87 -7.39 9.10
N TYR A 110 0.91 -7.43 8.23
CA TYR A 110 -0.07 -6.38 8.19
C TYR A 110 -1.46 -6.99 8.25
N LEU A 111 -2.23 -6.56 9.23
CA LEU A 111 -3.56 -7.06 9.48
C LEU A 111 -4.62 -6.00 9.25
N LEU A 112 -5.86 -6.41 9.28
CA LEU A 112 -6.97 -5.49 9.12
C LEU A 112 -7.58 -5.22 10.48
N GLU A 113 -8.69 -4.49 10.53
CA GLU A 113 -9.35 -4.15 11.78
C GLU A 113 -9.81 -5.40 12.53
N ASP A 114 -10.13 -6.45 11.81
CA ASP A 114 -10.54 -7.68 12.42
C ASP A 114 -9.92 -8.81 11.64
N ALA A 1 -16.37 -1.69 15.96
CA ALA A 1 -16.48 -2.64 14.89
C ALA A 1 -15.13 -3.19 14.50
N PRO A 2 -15.02 -4.53 14.35
CA PRO A 2 -13.80 -5.19 13.84
C PRO A 2 -13.43 -4.69 12.44
N LYS A 3 -14.47 -4.21 11.71
CA LYS A 3 -14.33 -3.58 10.39
C LYS A 3 -14.08 -4.60 9.28
N ALA A 4 -14.23 -4.13 8.05
CA ALA A 4 -14.01 -4.94 6.87
C ALA A 4 -12.56 -5.38 6.83
N SER A 5 -12.33 -6.62 7.09
CA SER A 5 -11.01 -7.15 7.21
C SER A 5 -10.94 -8.53 6.60
N LEU A 6 -9.73 -9.08 6.52
CA LEU A 6 -9.48 -10.41 5.97
C LEU A 6 -9.91 -11.45 7.02
N ARG A 7 -11.21 -11.51 7.24
CA ARG A 7 -11.83 -12.42 8.19
C ARG A 7 -13.17 -12.89 7.66
N LEU A 8 -14.11 -11.97 7.58
CA LEU A 8 -15.45 -12.29 7.13
C LEU A 8 -15.67 -11.89 5.67
N GLY A 9 -15.92 -10.63 5.45
CA GLY A 9 -16.15 -10.15 4.11
C GLY A 9 -14.99 -9.31 3.66
N PHE A 10 -14.19 -9.87 2.83
CA PHE A 10 -12.99 -9.24 2.39
C PHE A 10 -12.84 -9.31 0.89
N SER A 11 -13.95 -9.44 0.19
CA SER A 11 -13.98 -9.57 -1.27
C SER A 11 -13.22 -8.41 -1.96
N GLU A 12 -13.41 -7.20 -1.45
CA GLU A 12 -12.75 -6.01 -1.97
C GLU A 12 -11.31 -6.03 -1.53
N TYR A 13 -11.12 -6.41 -0.30
CA TYR A 13 -9.82 -6.45 0.30
C TYR A 13 -8.92 -7.48 -0.35
N SER A 14 -9.49 -8.56 -0.89
CA SER A 14 -8.72 -9.57 -1.61
C SER A 14 -8.02 -8.95 -2.83
N ARG A 15 -8.77 -8.20 -3.61
CA ARG A 15 -8.26 -7.58 -4.84
C ARG A 15 -7.17 -6.56 -4.47
N ILE A 16 -7.46 -5.77 -3.46
CA ILE A 16 -6.50 -4.76 -3.01
C ILE A 16 -5.26 -5.39 -2.33
N SER A 17 -5.47 -6.34 -1.45
CA SER A 17 -4.36 -7.03 -0.78
C SER A 17 -3.49 -7.76 -1.79
N ASN A 18 -4.12 -8.25 -2.87
CA ASN A 18 -3.38 -8.83 -3.98
C ASN A 18 -2.44 -7.85 -4.55
N LEU A 19 -2.89 -6.59 -4.74
CA LEU A 19 -1.98 -5.54 -5.18
C LEU A 19 -0.79 -5.48 -4.26
N ILE A 20 -1.04 -5.46 -2.97
CA ILE A 20 0.01 -5.32 -1.98
C ILE A 20 1.01 -6.48 -2.03
N VAL A 21 0.50 -7.69 -2.04
CA VAL A 21 1.37 -8.84 -2.04
C VAL A 21 2.12 -8.99 -3.38
N LEU A 22 1.41 -8.74 -4.48
CA LEU A 22 2.00 -8.81 -5.82
C LEU A 22 3.01 -7.70 -6.01
N HIS A 23 2.70 -6.54 -5.48
CA HIS A 23 3.59 -5.39 -5.46
C HIS A 23 4.85 -5.75 -4.70
N LEU A 24 4.68 -6.16 -3.46
CA LEU A 24 5.80 -6.52 -2.60
C LEU A 24 6.74 -7.56 -3.23
N ARG A 25 6.19 -8.66 -3.75
CA ARG A 25 7.02 -9.70 -4.36
C ARG A 25 7.73 -9.22 -5.63
N LYS A 26 7.07 -8.34 -6.37
CA LYS A 26 7.64 -7.76 -7.57
C LYS A 26 8.74 -6.76 -7.22
N VAL A 27 8.46 -5.96 -6.25
CA VAL A 27 9.35 -4.92 -5.81
C VAL A 27 10.60 -5.50 -5.14
N GLU A 28 10.45 -6.54 -4.31
CA GLU A 28 11.62 -7.18 -3.68
C GLU A 28 12.47 -7.89 -4.73
N GLU A 29 11.83 -8.33 -5.80
CA GLU A 29 12.51 -9.00 -6.88
C GLU A 29 13.40 -8.01 -7.62
N GLU A 30 12.87 -6.84 -7.94
CA GLU A 30 13.65 -5.86 -8.68
C GLU A 30 14.50 -4.96 -7.79
N GLU A 31 13.87 -4.09 -7.01
CA GLU A 31 14.64 -3.11 -6.24
C GLU A 31 14.93 -3.55 -4.82
N ASP A 32 14.49 -4.78 -4.48
CA ASP A 32 14.92 -5.48 -3.24
C ASP A 32 14.29 -4.94 -1.93
N GLU A 33 13.49 -3.90 -2.01
CA GLU A 33 12.88 -3.35 -0.89
C GLU A 33 11.63 -2.67 -1.37
N SER A 34 10.55 -2.88 -0.67
CA SER A 34 9.22 -2.37 -1.01
C SER A 34 9.04 -0.86 -0.74
N ALA A 35 10.13 -0.13 -0.70
CA ALA A 35 10.10 1.28 -0.39
C ALA A 35 9.65 2.11 -1.59
N LEU A 36 8.37 2.26 -1.71
CA LEU A 36 7.73 3.01 -2.77
C LEU A 36 6.67 3.90 -2.20
N LYS A 37 6.20 4.81 -2.99
CA LYS A 37 5.31 5.80 -2.49
C LYS A 37 3.85 5.41 -2.75
N ARG A 38 3.01 5.66 -1.77
CA ARG A 38 1.65 5.15 -1.76
C ARG A 38 0.60 5.79 -2.66
N SER A 39 0.66 7.09 -2.93
CA SER A 39 -0.30 7.70 -3.85
C SER A 39 -0.04 7.15 -5.26
N GLU A 40 1.24 6.95 -5.50
CA GLU A 40 1.80 6.33 -6.68
C GLU A 40 1.31 4.87 -6.80
N LEU A 41 1.24 4.20 -5.67
CA LEU A 41 0.72 2.83 -5.60
C LEU A 41 -0.74 2.81 -6.09
N VAL A 42 -1.53 3.75 -5.58
CA VAL A 42 -2.94 3.89 -5.97
C VAL A 42 -3.02 4.21 -7.45
N ASN A 43 -2.10 5.08 -7.88
CA ASN A 43 -2.02 5.57 -9.25
C ASN A 43 -1.94 4.41 -10.24
N TRP A 44 -0.91 3.59 -10.11
CA TRP A 44 -0.77 2.51 -11.06
C TRP A 44 -1.90 1.52 -10.89
N TYR A 45 -2.42 1.37 -9.67
CA TYR A 45 -3.48 0.41 -9.36
C TYR A 45 -4.70 0.71 -10.18
N LEU A 46 -5.12 1.94 -10.14
CA LEU A 46 -6.30 2.39 -10.84
C LEU A 46 -6.13 2.22 -12.33
N LYS A 47 -4.92 2.48 -12.79
CA LYS A 47 -4.63 2.47 -14.23
C LYS A 47 -4.55 1.05 -14.73
N GLU A 48 -4.17 0.22 -13.84
CA GLU A 48 -4.04 -1.18 -14.02
C GLU A 48 -5.41 -1.85 -14.04
N ILE A 49 -6.21 -1.59 -13.02
CA ILE A 49 -7.51 -2.25 -12.86
C ILE A 49 -8.56 -1.76 -13.81
N GLU A 50 -8.24 -0.70 -14.56
CA GLU A 50 -9.13 -0.17 -15.62
C GLU A 50 -9.67 -1.29 -16.55
N SER A 51 -8.92 -2.38 -16.65
CA SER A 51 -9.29 -3.53 -17.42
C SER A 51 -10.51 -4.29 -16.80
N GLU A 52 -10.55 -4.37 -15.48
CA GLU A 52 -11.62 -5.10 -14.78
C GLU A 52 -12.74 -4.17 -14.37
N ILE A 53 -12.44 -2.89 -14.38
CA ILE A 53 -13.41 -1.86 -14.04
C ILE A 53 -14.56 -1.88 -15.03
N ASP A 54 -15.68 -2.31 -14.54
CA ASP A 54 -16.92 -2.41 -15.30
C ASP A 54 -17.56 -1.04 -15.49
N SER A 55 -17.43 -0.23 -14.48
CA SER A 55 -18.04 1.06 -14.42
C SER A 55 -17.21 1.93 -13.52
N GLU A 56 -17.35 3.24 -13.64
CA GLU A 56 -16.62 4.20 -12.80
C GLU A 56 -16.85 3.91 -11.32
N GLU A 57 -18.06 3.43 -11.01
CA GLU A 57 -18.43 3.03 -9.64
C GLU A 57 -17.42 2.04 -9.07
N GLU A 58 -17.02 1.08 -9.89
CA GLU A 58 -16.01 0.09 -9.54
C GLU A 58 -14.68 0.76 -9.23
N LEU A 59 -14.30 1.70 -10.08
CA LEU A 59 -13.03 2.40 -9.95
C LEU A 59 -13.03 3.22 -8.66
N ILE A 60 -14.15 3.89 -8.41
CA ILE A 60 -14.37 4.68 -7.20
C ILE A 60 -14.31 3.79 -5.97
N ASN A 61 -14.96 2.64 -6.05
CA ASN A 61 -14.95 1.67 -4.98
C ASN A 61 -13.54 1.20 -4.68
N LYS A 62 -12.83 0.78 -5.72
CA LYS A 62 -11.47 0.32 -5.59
C LYS A 62 -10.58 1.42 -5.00
N LYS A 63 -10.78 2.66 -5.45
CA LYS A 63 -10.11 3.85 -4.99
C LYS A 63 -10.37 4.07 -3.48
N ARG A 64 -11.59 3.84 -3.07
CA ARG A 64 -11.99 3.97 -1.68
C ARG A 64 -11.26 2.95 -0.82
N ILE A 65 -11.26 1.72 -1.28
CA ILE A 65 -10.66 0.62 -0.55
C ILE A 65 -9.15 0.78 -0.46
N ILE A 66 -8.52 1.07 -1.60
CA ILE A 66 -7.07 1.23 -1.63
C ILE A 66 -6.63 2.38 -0.71
N GLU A 67 -7.44 3.43 -0.64
CA GLU A 67 -7.17 4.54 0.24
C GLU A 67 -7.25 4.08 1.68
N LYS A 68 -8.29 3.34 2.01
CA LYS A 68 -8.49 2.94 3.38
C LYS A 68 -7.53 1.87 3.83
N VAL A 69 -7.01 1.07 2.93
CA VAL A 69 -6.02 0.10 3.34
C VAL A 69 -4.71 0.81 3.65
N ILE A 70 -4.41 1.87 2.91
CA ILE A 70 -3.23 2.69 3.16
C ILE A 70 -3.42 3.42 4.49
N HIS A 71 -4.63 3.93 4.68
CA HIS A 71 -5.02 4.58 5.92
C HIS A 71 -4.88 3.61 7.10
N ARG A 72 -5.34 2.39 6.92
CA ARG A 72 -5.22 1.36 7.94
C ARG A 72 -3.74 1.04 8.18
N LEU A 73 -3.02 0.92 7.11
CA LEU A 73 -1.59 0.64 7.10
C LEU A 73 -0.79 1.61 7.98
N THR A 74 -0.91 2.90 7.67
CA THR A 74 -0.10 3.90 8.32
C THR A 74 -0.73 4.46 9.62
N HIS A 75 -1.95 4.08 9.93
CA HIS A 75 -2.61 4.65 11.10
C HIS A 75 -3.01 3.58 12.12
N TYR A 76 -3.68 2.55 11.66
CA TYR A 76 -4.21 1.52 12.56
C TYR A 76 -3.14 0.48 12.85
N ASP A 77 -2.59 -0.08 11.79
CA ASP A 77 -1.79 -1.29 11.87
C ASP A 77 -0.34 -1.04 12.24
N HIS A 78 0.24 0.07 11.73
CA HIS A 78 1.63 0.51 12.08
C HIS A 78 2.67 -0.52 11.56
N VAL A 79 2.29 -1.18 10.51
CA VAL A 79 3.10 -2.22 9.88
C VAL A 79 3.89 -1.63 8.68
N LEU A 80 3.92 -0.33 8.64
CA LEU A 80 4.59 0.39 7.60
C LEU A 80 5.85 0.99 8.15
N ILE A 81 6.87 1.02 7.37
CA ILE A 81 8.07 1.64 7.77
C ILE A 81 8.27 2.80 6.82
N GLU A 82 8.26 3.99 7.33
CA GLU A 82 8.44 5.15 6.50
C GLU A 82 9.85 5.65 6.59
N LEU A 83 10.56 5.56 5.51
CA LEU A 83 11.93 5.95 5.49
C LEU A 83 12.11 7.24 4.73
N THR A 84 13.04 8.00 5.18
CA THR A 84 13.43 9.21 4.58
C THR A 84 14.60 8.96 3.63
N GLN A 85 14.92 9.97 2.83
CA GLN A 85 15.86 9.86 1.69
C GLN A 85 17.24 9.21 2.00
N ALA A 86 17.67 9.23 3.23
CA ALA A 86 18.96 8.66 3.55
C ALA A 86 18.84 7.45 4.46
N GLY A 87 18.91 6.31 3.85
CA GLY A 87 18.77 5.08 4.57
C GLY A 87 17.52 4.38 4.14
N LEU A 88 17.30 4.35 2.84
CA LEU A 88 16.11 3.75 2.26
C LEU A 88 16.13 2.23 2.29
N LYS A 89 17.29 1.65 2.37
CA LYS A 89 17.34 0.22 2.44
C LYS A 89 17.42 -0.26 3.88
N GLY A 90 16.31 -0.08 4.58
CA GLY A 90 16.15 -0.52 5.97
C GLY A 90 16.91 0.31 6.98
N SER A 91 18.19 0.39 6.79
CA SER A 91 19.11 1.04 7.67
C SER A 91 18.99 2.57 7.58
N THR A 92 18.21 3.15 8.46
CA THR A 92 18.05 4.57 8.50
C THR A 92 19.33 5.16 9.10
N GLU A 93 20.00 5.97 8.36
CA GLU A 93 21.24 6.54 8.82
C GLU A 93 20.95 7.75 9.67
N GLY A 94 20.36 8.74 9.05
CA GLY A 94 20.05 9.94 9.73
C GLY A 94 19.30 10.87 8.85
N SER A 95 18.03 10.92 9.03
CA SER A 95 17.17 11.82 8.32
C SER A 95 15.95 12.09 9.17
N GLU A 96 15.56 13.33 9.25
CA GLU A 96 14.41 13.71 10.01
C GLU A 96 13.25 13.91 9.07
N SER A 97 12.06 13.91 9.61
CA SER A 97 10.81 14.01 8.86
C SER A 97 10.55 15.46 8.36
N TYR A 98 11.57 16.14 7.88
CA TYR A 98 11.40 17.46 7.34
C TYR A 98 11.21 17.38 5.85
N GLU A 99 11.43 16.20 5.32
CA GLU A 99 11.32 15.97 3.91
C GLU A 99 9.84 15.78 3.55
N GLU A 100 9.54 15.59 2.28
CA GLU A 100 8.17 15.46 1.83
C GLU A 100 7.68 14.00 1.94
N ASP A 101 6.74 13.60 1.05
CA ASP A 101 6.11 12.25 1.04
C ASP A 101 7.20 11.18 1.11
N PRO A 102 7.26 10.45 2.23
CA PRO A 102 8.32 9.50 2.47
C PRO A 102 8.17 8.22 1.68
N TYR A 103 9.17 7.41 1.75
CA TYR A 103 9.22 6.20 1.01
C TYR A 103 8.76 5.11 1.94
N LEU A 104 7.64 4.54 1.63
CA LEU A 104 7.03 3.58 2.50
C LEU A 104 7.44 2.19 2.12
N VAL A 105 7.87 1.47 3.07
CA VAL A 105 8.17 0.07 2.92
C VAL A 105 7.24 -0.71 3.82
N VAL A 106 6.80 -1.87 3.38
CA VAL A 106 5.79 -2.60 4.11
C VAL A 106 6.33 -3.91 4.70
N ASN A 107 5.90 -4.21 5.90
CA ASN A 107 6.22 -5.45 6.57
C ASN A 107 5.19 -6.50 6.19
N PRO A 108 5.64 -7.73 5.83
CA PRO A 108 4.76 -8.85 5.44
C PRO A 108 3.73 -9.30 6.52
N ASN A 109 3.64 -8.59 7.62
CA ASN A 109 2.59 -8.89 8.62
C ASN A 109 1.25 -8.34 8.15
N TYR A 110 1.33 -7.32 7.33
CA TYR A 110 0.19 -6.55 6.86
C TYR A 110 -0.72 -7.30 5.92
N LEU A 111 -0.14 -7.78 4.90
CA LEU A 111 -0.83 -8.39 3.82
C LEU A 111 -1.26 -9.82 4.10
N LEU A 112 -2.31 -10.23 3.45
CA LEU A 112 -2.84 -11.54 3.57
C LEU A 112 -3.31 -12.03 2.22
N GLU A 113 -3.57 -13.30 2.17
CA GLU A 113 -4.13 -13.99 1.03
C GLU A 113 -5.04 -15.05 1.62
N ASP A 114 -4.43 -15.90 2.42
CA ASP A 114 -5.09 -16.90 3.22
C ASP A 114 -4.11 -17.39 4.25
N ALA A 1 -22.25 -16.21 9.12
CA ALA A 1 -22.58 -15.06 9.92
C ALA A 1 -21.46 -14.03 9.76
N PRO A 2 -21.72 -12.74 10.00
CA PRO A 2 -20.68 -11.72 9.92
C PRO A 2 -19.62 -11.91 11.02
N LYS A 3 -18.39 -12.19 10.58
CA LYS A 3 -17.22 -12.32 11.45
C LYS A 3 -17.15 -11.14 12.41
N ALA A 4 -17.07 -9.97 11.83
CA ALA A 4 -17.04 -8.70 12.51
C ALA A 4 -17.22 -7.62 11.46
N SER A 5 -16.15 -6.97 11.08
CA SER A 5 -16.22 -6.01 10.00
C SER A 5 -15.86 -6.73 8.69
N LEU A 6 -15.07 -7.77 8.83
CA LEU A 6 -14.61 -8.53 7.71
C LEU A 6 -15.62 -9.60 7.33
N ARG A 7 -16.64 -9.18 6.59
CA ARG A 7 -17.70 -10.06 6.07
C ARG A 7 -18.70 -9.22 5.30
N LEU A 8 -18.95 -8.03 5.79
CA LEU A 8 -19.83 -7.11 5.13
C LEU A 8 -19.08 -5.83 4.93
N GLY A 9 -18.74 -5.56 3.69
CA GLY A 9 -17.91 -4.43 3.38
C GLY A 9 -16.47 -4.85 3.42
N PHE A 10 -16.23 -6.06 2.97
CA PHE A 10 -14.92 -6.66 3.02
C PHE A 10 -14.31 -6.84 1.64
N SER A 11 -15.16 -6.99 0.62
CA SER A 11 -14.72 -7.27 -0.76
C SER A 11 -13.63 -6.29 -1.22
N GLU A 12 -13.88 -5.02 -1.04
CA GLU A 12 -12.97 -3.98 -1.44
C GLU A 12 -11.69 -4.06 -0.63
N TYR A 13 -11.84 -4.12 0.68
CA TYR A 13 -10.71 -4.14 1.57
C TYR A 13 -9.83 -5.37 1.37
N SER A 14 -10.43 -6.48 1.00
CA SER A 14 -9.71 -7.70 0.75
C SER A 14 -8.85 -7.57 -0.52
N ARG A 15 -9.41 -6.97 -1.58
CA ARG A 15 -8.68 -6.77 -2.82
C ARG A 15 -7.43 -5.94 -2.58
N ILE A 16 -7.61 -4.86 -1.82
CA ILE A 16 -6.51 -3.99 -1.47
C ILE A 16 -5.50 -4.69 -0.55
N SER A 17 -5.98 -5.35 0.50
CA SER A 17 -5.08 -6.02 1.44
C SER A 17 -4.30 -7.17 0.76
N ASN A 18 -4.92 -7.83 -0.22
CA ASN A 18 -4.24 -8.88 -0.98
C ASN A 18 -3.08 -8.25 -1.73
N LEU A 19 -3.33 -7.05 -2.31
CA LEU A 19 -2.27 -6.26 -2.95
C LEU A 19 -1.11 -6.05 -2.01
N ILE A 20 -1.42 -5.76 -0.77
CA ILE A 20 -0.42 -5.51 0.26
C ILE A 20 0.47 -6.71 0.45
N VAL A 21 -0.16 -7.84 0.61
CA VAL A 21 0.55 -9.07 0.83
C VAL A 21 1.43 -9.40 -0.38
N LEU A 22 0.83 -9.37 -1.57
CA LEU A 22 1.53 -9.68 -2.81
C LEU A 22 2.64 -8.69 -3.15
N HIS A 23 2.34 -7.41 -3.01
CA HIS A 23 3.27 -6.35 -3.34
C HIS A 23 4.48 -6.42 -2.44
N LEU A 24 4.27 -6.66 -1.15
CA LEU A 24 5.39 -6.80 -0.23
C LEU A 24 6.27 -7.98 -0.65
N ARG A 25 5.62 -9.12 -0.95
CA ARG A 25 6.31 -10.32 -1.42
C ARG A 25 7.16 -9.99 -2.64
N LYS A 26 6.60 -9.20 -3.54
CA LYS A 26 7.28 -8.79 -4.74
C LYS A 26 8.44 -7.81 -4.45
N VAL A 27 8.22 -6.82 -3.63
CA VAL A 27 9.24 -5.81 -3.40
C VAL A 27 10.42 -6.32 -2.58
N GLU A 28 10.19 -7.23 -1.65
CA GLU A 28 11.32 -7.81 -0.92
C GLU A 28 12.11 -8.74 -1.84
N GLU A 29 11.40 -9.34 -2.77
CA GLU A 29 11.94 -10.26 -3.73
C GLU A 29 12.80 -9.53 -4.76
N GLU A 30 12.22 -8.58 -5.45
CA GLU A 30 12.93 -7.92 -6.53
C GLU A 30 13.62 -6.63 -6.14
N GLU A 31 12.92 -5.76 -5.45
CA GLU A 31 13.46 -4.44 -5.15
C GLU A 31 14.50 -4.50 -4.03
N ASP A 32 14.40 -5.56 -3.21
CA ASP A 32 15.32 -5.87 -2.08
C ASP A 32 15.13 -4.94 -0.88
N GLU A 33 14.94 -3.65 -1.16
CA GLU A 33 14.69 -2.61 -0.15
C GLU A 33 13.37 -2.85 0.56
N SER A 34 12.54 -3.61 -0.11
CA SER A 34 11.20 -4.00 0.34
C SER A 34 10.28 -2.77 0.51
N ALA A 35 10.68 -1.65 -0.04
CA ALA A 35 9.97 -0.42 0.14
C ALA A 35 9.78 0.28 -1.19
N LEU A 36 8.68 0.99 -1.31
CA LEU A 36 8.36 1.73 -2.52
C LEU A 36 7.53 2.95 -2.11
N LYS A 37 7.26 3.85 -3.04
CA LYS A 37 6.50 5.05 -2.76
C LYS A 37 5.00 4.75 -2.62
N ARG A 38 4.33 5.57 -1.82
CA ARG A 38 2.89 5.42 -1.52
C ARG A 38 2.11 5.60 -2.79
N SER A 39 2.34 6.75 -3.41
CA SER A 39 1.66 7.16 -4.61
C SER A 39 1.94 6.19 -5.76
N GLU A 40 3.13 5.58 -5.75
CA GLU A 40 3.51 4.63 -6.78
C GLU A 40 2.68 3.35 -6.63
N LEU A 41 2.44 2.94 -5.39
CA LEU A 41 1.63 1.78 -5.07
C LEU A 41 0.21 1.97 -5.59
N VAL A 42 -0.34 3.14 -5.29
CA VAL A 42 -1.67 3.49 -5.73
C VAL A 42 -1.69 3.60 -7.26
N ASN A 43 -0.61 4.12 -7.80
CA ASN A 43 -0.44 4.37 -9.22
C ASN A 43 -0.60 3.10 -10.04
N TRP A 44 0.21 2.08 -9.74
CA TRP A 44 0.12 0.85 -10.49
C TRP A 44 -1.19 0.14 -10.19
N TYR A 45 -1.71 0.35 -8.97
CA TYR A 45 -2.94 -0.30 -8.57
C TYR A 45 -4.09 0.15 -9.45
N LEU A 46 -4.21 1.46 -9.60
CA LEU A 46 -5.26 2.07 -10.41
C LEU A 46 -5.13 1.61 -11.85
N LYS A 47 -3.90 1.55 -12.32
CA LYS A 47 -3.61 1.09 -13.67
C LYS A 47 -3.96 -0.39 -13.90
N GLU A 48 -3.93 -1.17 -12.87
CA GLU A 48 -4.26 -2.58 -12.99
C GLU A 48 -5.75 -2.79 -12.93
N ILE A 49 -6.37 -2.18 -11.95
CA ILE A 49 -7.79 -2.38 -11.70
C ILE A 49 -8.64 -1.62 -12.69
N GLU A 50 -8.05 -0.71 -13.46
CA GLU A 50 -8.80 0.11 -14.40
C GLU A 50 -9.52 -0.76 -15.44
N SER A 51 -9.02 -1.96 -15.63
CA SER A 51 -9.59 -2.90 -16.55
C SER A 51 -10.96 -3.41 -16.06
N GLU A 52 -11.21 -3.41 -14.75
CA GLU A 52 -12.49 -3.88 -14.23
C GLU A 52 -13.41 -2.72 -13.95
N ILE A 53 -12.92 -1.52 -14.17
CA ILE A 53 -13.66 -0.34 -13.85
C ILE A 53 -14.68 -0.03 -14.93
N ASP A 54 -15.87 -0.50 -14.70
CA ASP A 54 -17.00 -0.23 -15.59
C ASP A 54 -17.60 1.12 -15.30
N SER A 55 -17.40 1.58 -14.10
CA SER A 55 -17.98 2.80 -13.66
C SER A 55 -17.00 3.52 -12.75
N GLU A 56 -17.03 4.83 -12.78
CA GLU A 56 -16.11 5.67 -12.02
C GLU A 56 -16.24 5.42 -10.52
N GLU A 57 -17.46 5.05 -10.05
CA GLU A 57 -17.72 4.70 -8.62
C GLU A 57 -16.73 3.66 -8.14
N GLU A 58 -16.54 2.66 -8.99
CA GLU A 58 -15.72 1.52 -8.69
C GLU A 58 -14.29 1.96 -8.47
N LEU A 59 -13.83 2.85 -9.34
CA LEU A 59 -12.47 3.35 -9.28
C LEU A 59 -12.32 4.27 -8.08
N ILE A 60 -13.30 5.16 -7.88
CA ILE A 60 -13.30 6.07 -6.72
C ILE A 60 -13.21 5.26 -5.45
N ASN A 61 -14.03 4.22 -5.37
CA ASN A 61 -14.05 3.31 -4.23
C ASN A 61 -12.68 2.68 -4.01
N LYS A 62 -12.14 2.05 -5.05
CA LYS A 62 -10.84 1.38 -4.96
C LYS A 62 -9.74 2.38 -4.56
N LYS A 63 -9.79 3.56 -5.17
CA LYS A 63 -8.83 4.62 -4.92
C LYS A 63 -8.93 5.11 -3.47
N ARG A 64 -10.14 5.21 -2.97
CA ARG A 64 -10.36 5.61 -1.61
C ARG A 64 -9.87 4.56 -0.65
N ILE A 65 -10.18 3.30 -0.94
CA ILE A 65 -9.78 2.20 -0.06
C ILE A 65 -8.26 2.08 0.01
N ILE A 66 -7.59 2.16 -1.14
CA ILE A 66 -6.14 2.05 -1.17
C ILE A 66 -5.49 3.22 -0.39
N GLU A 67 -6.09 4.41 -0.53
CA GLU A 67 -5.63 5.59 0.17
C GLU A 67 -5.86 5.40 1.68
N LYS A 68 -7.06 4.91 2.03
CA LYS A 68 -7.45 4.67 3.42
C LYS A 68 -6.57 3.65 4.11
N VAL A 69 -6.13 2.61 3.40
CA VAL A 69 -5.28 1.63 4.04
C VAL A 69 -3.88 2.18 4.26
N ILE A 70 -3.40 3.02 3.34
CA ILE A 70 -2.10 3.66 3.52
C ILE A 70 -2.18 4.57 4.73
N HIS A 71 -3.27 5.31 4.80
CA HIS A 71 -3.57 6.19 5.91
C HIS A 71 -3.65 5.39 7.24
N ARG A 72 -4.37 4.29 7.21
CA ARG A 72 -4.50 3.42 8.37
C ARG A 72 -3.11 2.90 8.81
N LEU A 73 -2.38 2.38 7.85
CA LEU A 73 -1.03 1.83 8.00
C LEU A 73 -0.08 2.82 8.66
N THR A 74 -0.06 4.02 8.14
CA THR A 74 0.89 5.03 8.56
C THR A 74 0.47 5.81 9.81
N HIS A 75 -0.76 5.60 10.28
CA HIS A 75 -1.25 6.39 11.41
C HIS A 75 -1.69 5.54 12.59
N TYR A 76 -2.80 4.86 12.42
CA TYR A 76 -3.48 4.21 13.54
C TYR A 76 -2.78 2.94 13.98
N ASP A 77 -2.59 2.04 13.05
CA ASP A 77 -1.97 0.75 13.35
C ASP A 77 -0.50 0.90 13.60
N HIS A 78 0.10 1.85 12.87
CA HIS A 78 1.52 2.20 12.98
C HIS A 78 2.40 0.95 12.67
N VAL A 79 1.85 0.10 11.84
CA VAL A 79 2.46 -1.16 11.46
C VAL A 79 3.29 -0.92 10.15
N LEU A 80 3.65 0.34 9.95
CA LEU A 80 4.44 0.78 8.80
C LEU A 80 5.90 0.80 9.18
N ILE A 81 6.75 0.82 8.19
CA ILE A 81 8.13 1.09 8.36
C ILE A 81 8.48 2.08 7.24
N GLU A 82 9.14 3.15 7.53
CA GLU A 82 9.51 4.06 6.49
C GLU A 82 11.01 4.15 6.36
N LEU A 83 11.49 3.86 5.19
CA LEU A 83 12.89 3.92 4.94
C LEU A 83 13.21 5.30 4.45
N THR A 84 13.88 6.03 5.29
CA THR A 84 14.28 7.36 5.02
C THR A 84 15.16 7.43 3.77
N GLN A 85 14.66 8.07 2.68
CA GLN A 85 15.39 8.15 1.41
C GLN A 85 16.74 8.81 1.54
N ALA A 86 16.87 9.56 2.60
CA ALA A 86 18.07 10.27 2.95
C ALA A 86 19.24 9.33 3.18
N GLY A 87 18.94 8.16 3.69
CA GLY A 87 19.99 7.20 3.96
C GLY A 87 19.96 6.07 2.98
N LEU A 88 19.21 6.24 1.93
CA LEU A 88 19.06 5.22 0.92
C LEU A 88 19.72 5.66 -0.35
N LYS A 89 19.21 6.73 -0.90
CA LYS A 89 19.62 7.20 -2.20
C LYS A 89 20.51 8.41 -2.01
N GLY A 90 21.37 8.66 -2.96
CA GLY A 90 22.26 9.81 -2.88
C GLY A 90 21.60 11.06 -3.40
N SER A 91 20.38 11.30 -2.95
CA SER A 91 19.62 12.46 -3.37
C SER A 91 19.90 13.62 -2.44
N THR A 92 20.58 13.33 -1.37
CA THR A 92 20.85 14.29 -0.35
C THR A 92 22.01 13.77 0.48
N GLU A 93 22.38 14.49 1.51
CA GLU A 93 23.47 14.11 2.38
C GLU A 93 23.09 12.89 3.21
N GLY A 94 21.96 12.97 3.84
CA GLY A 94 21.53 11.94 4.75
C GLY A 94 21.18 12.57 6.06
N SER A 95 20.28 13.51 5.99
CA SER A 95 19.88 14.31 7.12
C SER A 95 18.51 14.88 6.83
N GLU A 96 18.46 15.69 5.80
CA GLU A 96 17.22 16.26 5.33
C GLU A 96 16.49 15.25 4.46
N SER A 97 15.25 15.54 4.17
CA SER A 97 14.40 14.68 3.39
C SER A 97 13.43 15.55 2.58
N TYR A 98 13.96 16.60 2.01
CA TYR A 98 13.16 17.56 1.28
C TYR A 98 13.10 17.22 -0.20
N GLU A 99 13.81 16.20 -0.55
CA GLU A 99 13.96 15.79 -1.92
C GLU A 99 12.73 15.04 -2.38
N GLU A 100 12.39 13.98 -1.67
CA GLU A 100 11.26 13.14 -2.01
C GLU A 100 10.64 12.57 -0.77
N ASP A 101 9.49 11.98 -0.92
CA ASP A 101 8.84 11.26 0.18
C ASP A 101 9.54 9.90 0.26
N PRO A 102 9.82 9.40 1.48
CA PRO A 102 10.57 8.16 1.66
C PRO A 102 9.91 6.91 1.09
N TYR A 103 10.58 5.81 1.26
CA TYR A 103 10.12 4.56 0.74
C TYR A 103 9.40 3.82 1.84
N LEU A 104 8.16 3.55 1.61
CA LEU A 104 7.33 2.89 2.59
C LEU A 104 7.38 1.40 2.45
N VAL A 105 7.60 0.77 3.55
CA VAL A 105 7.64 -0.66 3.67
C VAL A 105 6.64 -1.10 4.71
N VAL A 106 5.97 -2.15 4.43
CA VAL A 106 4.94 -2.64 5.26
C VAL A 106 5.40 -3.93 5.94
N ASN A 107 4.98 -4.10 7.18
CA ASN A 107 5.24 -5.30 7.93
C ASN A 107 4.49 -6.44 7.26
N PRO A 108 5.11 -7.63 7.10
CA PRO A 108 4.45 -8.82 6.48
C PRO A 108 3.23 -9.26 7.27
N ASN A 109 3.10 -8.71 8.45
CA ASN A 109 2.01 -9.02 9.31
C ASN A 109 1.14 -7.81 9.51
N TYR A 110 0.87 -7.15 8.42
CA TYR A 110 -0.16 -6.14 8.37
C TYR A 110 -1.39 -6.82 7.82
N LEU A 111 -2.43 -6.84 8.59
CA LEU A 111 -3.59 -7.56 8.22
C LEU A 111 -4.85 -6.87 8.67
N LEU A 112 -5.93 -7.26 8.06
CA LEU A 112 -7.24 -6.96 8.56
C LEU A 112 -7.50 -8.10 9.54
N GLU A 113 -7.22 -9.29 9.02
CA GLU A 113 -7.15 -10.58 9.66
C GLU A 113 -6.92 -11.58 8.54
N ASP A 114 -8.02 -12.04 7.96
CA ASP A 114 -8.13 -12.91 6.80
C ASP A 114 -9.53 -13.48 6.93
N ALA A 1 -8.27 -10.90 19.10
CA ALA A 1 -8.54 -10.88 17.67
C ALA A 1 -8.46 -9.45 17.15
N PRO A 2 -7.79 -9.23 16.01
CA PRO A 2 -7.69 -7.90 15.41
C PRO A 2 -9.07 -7.32 15.13
N LYS A 3 -9.25 -6.05 15.43
CA LYS A 3 -10.51 -5.40 15.19
C LYS A 3 -10.60 -4.98 13.74
N ALA A 4 -10.98 -5.92 12.95
CA ALA A 4 -11.09 -5.74 11.54
C ALA A 4 -12.18 -6.64 11.00
N SER A 5 -13.28 -6.03 10.64
CA SER A 5 -14.40 -6.77 10.09
C SER A 5 -14.17 -6.96 8.60
N LEU A 6 -13.80 -8.15 8.23
CA LEU A 6 -13.58 -8.51 6.84
C LEU A 6 -14.35 -9.77 6.51
N ARG A 7 -15.35 -9.62 5.71
CA ARG A 7 -16.09 -10.73 5.15
C ARG A 7 -16.19 -10.50 3.67
N LEU A 8 -16.70 -11.45 2.93
CA LEU A 8 -16.89 -11.28 1.52
C LEU A 8 -18.15 -10.43 1.27
N GLY A 9 -18.07 -9.22 1.72
CA GLY A 9 -19.07 -8.22 1.52
C GLY A 9 -18.44 -7.13 0.75
N PHE A 10 -17.21 -6.82 1.11
CA PHE A 10 -16.42 -5.88 0.39
C PHE A 10 -15.52 -6.72 -0.53
N SER A 11 -16.09 -7.23 -1.60
CA SER A 11 -15.38 -8.13 -2.50
C SER A 11 -14.15 -7.45 -3.11
N GLU A 12 -14.32 -6.21 -3.50
CA GLU A 12 -13.27 -5.47 -4.13
C GLU A 12 -12.20 -5.03 -3.15
N TYR A 13 -12.57 -4.86 -1.89
CA TYR A 13 -11.60 -4.53 -0.83
C TYR A 13 -10.54 -5.63 -0.80
N SER A 14 -10.99 -6.87 -0.97
CA SER A 14 -10.14 -8.02 -1.01
C SER A 14 -9.21 -7.94 -2.24
N ARG A 15 -9.66 -7.28 -3.31
CA ARG A 15 -8.85 -7.11 -4.51
C ARG A 15 -7.79 -6.02 -4.27
N ILE A 16 -8.15 -5.01 -3.53
CA ILE A 16 -7.18 -3.98 -3.14
C ILE A 16 -6.11 -4.63 -2.19
N SER A 17 -6.59 -5.40 -1.24
CA SER A 17 -5.75 -6.14 -0.30
C SER A 17 -4.82 -7.08 -1.10
N ASN A 18 -5.38 -7.66 -2.14
CA ASN A 18 -4.68 -8.50 -3.10
C ASN A 18 -3.49 -7.77 -3.70
N LEU A 19 -3.70 -6.52 -4.10
CA LEU A 19 -2.64 -5.65 -4.59
C LEU A 19 -1.52 -5.56 -3.57
N ILE A 20 -1.90 -5.41 -2.32
CA ILE A 20 -0.94 -5.26 -1.23
C ILE A 20 -0.10 -6.48 -1.08
N VAL A 21 -0.76 -7.61 -0.98
CA VAL A 21 -0.09 -8.87 -0.80
C VAL A 21 0.82 -9.15 -2.00
N LEU A 22 0.25 -9.11 -3.18
CA LEU A 22 0.97 -9.42 -4.41
C LEU A 22 2.12 -8.51 -4.71
N HIS A 23 1.91 -7.21 -4.61
CA HIS A 23 2.94 -6.27 -4.98
C HIS A 23 4.12 -6.38 -4.04
N LEU A 24 3.85 -6.45 -2.72
CA LEU A 24 4.90 -6.59 -1.70
C LEU A 24 5.76 -7.81 -2.05
N ARG A 25 5.09 -8.94 -2.31
CA ARG A 25 5.74 -10.20 -2.68
C ARG A 25 6.70 -10.02 -3.85
N LYS A 26 6.29 -9.28 -4.85
CA LYS A 26 7.13 -9.05 -6.01
C LYS A 26 8.28 -8.08 -5.66
N VAL A 27 7.96 -7.07 -4.89
CA VAL A 27 8.91 -6.04 -4.50
C VAL A 27 10.06 -6.61 -3.67
N GLU A 28 9.76 -7.45 -2.70
CA GLU A 28 10.78 -8.08 -1.87
C GLU A 28 11.65 -9.03 -2.71
N GLU A 29 11.05 -9.59 -3.74
CA GLU A 29 11.69 -10.55 -4.62
C GLU A 29 12.69 -9.84 -5.55
N GLU A 30 12.21 -8.79 -6.21
CA GLU A 30 13.00 -8.05 -7.20
C GLU A 30 13.91 -6.99 -6.60
N GLU A 31 13.32 -6.07 -5.86
CA GLU A 31 14.05 -4.89 -5.37
C GLU A 31 14.56 -5.07 -3.94
N ASP A 32 14.00 -6.06 -3.24
CA ASP A 32 14.41 -6.43 -1.85
C ASP A 32 14.02 -5.43 -0.79
N GLU A 33 13.51 -4.31 -1.18
CA GLU A 33 13.13 -3.29 -0.26
C GLU A 33 11.69 -2.91 -0.54
N SER A 34 10.85 -3.38 0.31
CA SER A 34 9.42 -3.16 0.22
C SER A 34 9.04 -1.71 0.52
N ALA A 35 9.98 -0.93 1.00
CA ALA A 35 9.74 0.47 1.26
C ALA A 35 9.69 1.27 -0.05
N LEU A 36 8.49 1.54 -0.53
CA LEU A 36 8.30 2.30 -1.76
C LEU A 36 7.32 3.43 -1.49
N LYS A 37 6.88 4.09 -2.52
CA LYS A 37 5.96 5.21 -2.36
C LYS A 37 4.51 4.73 -2.38
N ARG A 38 3.70 5.29 -1.49
CA ARG A 38 2.33 4.82 -1.28
C ARG A 38 1.37 5.25 -2.39
N SER A 39 1.56 6.43 -2.91
CA SER A 39 0.67 6.94 -3.94
C SER A 39 0.90 6.19 -5.26
N GLU A 40 2.13 5.72 -5.44
CA GLU A 40 2.54 4.92 -6.58
C GLU A 40 1.68 3.66 -6.67
N LEU A 41 1.37 3.08 -5.50
CA LEU A 41 0.54 1.88 -5.42
C LEU A 41 -0.79 2.12 -6.10
N VAL A 42 -1.42 3.23 -5.74
CA VAL A 42 -2.68 3.64 -6.32
C VAL A 42 -2.49 3.88 -7.82
N ASN A 43 -1.40 4.57 -8.14
CA ASN A 43 -1.06 4.97 -9.50
C ASN A 43 -1.07 3.77 -10.48
N TRP A 44 -0.25 2.77 -10.20
CA TRP A 44 -0.18 1.61 -11.08
C TRP A 44 -1.46 0.79 -11.00
N TYR A 45 -2.12 0.84 -9.85
CA TYR A 45 -3.33 0.07 -9.62
C TYR A 45 -4.41 0.52 -10.55
N LEU A 46 -4.60 1.82 -10.60
CA LEU A 46 -5.60 2.42 -11.45
C LEU A 46 -5.31 2.06 -12.87
N LYS A 47 -4.06 2.16 -13.24
CA LYS A 47 -3.65 1.83 -14.58
C LYS A 47 -3.84 0.36 -14.94
N GLU A 48 -3.78 -0.55 -13.96
CA GLU A 48 -3.99 -1.95 -14.29
C GLU A 48 -5.45 -2.29 -14.32
N ILE A 49 -6.22 -1.68 -13.43
CA ILE A 49 -7.64 -1.96 -13.35
C ILE A 49 -8.35 -1.31 -14.49
N GLU A 50 -7.66 -0.44 -15.21
CA GLU A 50 -8.26 0.21 -16.38
C GLU A 50 -8.57 -0.76 -17.52
N SER A 51 -8.21 -2.02 -17.32
CA SER A 51 -8.56 -3.10 -18.21
C SER A 51 -10.05 -3.48 -18.00
N GLU A 52 -10.53 -3.33 -16.77
CA GLU A 52 -11.89 -3.69 -16.42
C GLU A 52 -12.76 -2.44 -16.23
N ILE A 53 -12.11 -1.29 -16.15
CA ILE A 53 -12.83 -0.04 -15.96
C ILE A 53 -13.58 0.33 -17.22
N ASP A 54 -14.87 0.15 -17.15
CA ASP A 54 -15.75 0.52 -18.25
C ASP A 54 -16.00 2.02 -18.22
N SER A 55 -16.08 2.55 -17.03
CA SER A 55 -16.46 3.91 -16.88
C SER A 55 -15.90 4.44 -15.59
N GLU A 56 -15.95 5.76 -15.46
CA GLU A 56 -15.43 6.53 -14.34
C GLU A 56 -15.92 5.97 -13.01
N GLU A 57 -17.17 5.55 -12.99
CA GLU A 57 -17.83 5.04 -11.79
C GLU A 57 -17.05 3.88 -11.18
N GLU A 58 -16.59 3.00 -12.04
CA GLU A 58 -15.87 1.81 -11.64
C GLU A 58 -14.48 2.22 -11.09
N LEU A 59 -13.89 3.21 -11.74
CA LEU A 59 -12.58 3.70 -11.36
C LEU A 59 -12.66 4.40 -10.02
N ILE A 60 -13.70 5.23 -9.84
CA ILE A 60 -13.95 5.91 -8.57
C ILE A 60 -14.16 4.90 -7.46
N ASN A 61 -14.78 3.79 -7.81
CA ASN A 61 -15.02 2.70 -6.87
C ASN A 61 -13.73 2.19 -6.26
N LYS A 62 -12.80 1.79 -7.12
CA LYS A 62 -11.55 1.28 -6.63
C LYS A 62 -10.69 2.36 -6.02
N LYS A 63 -10.81 3.60 -6.52
CA LYS A 63 -10.12 4.74 -5.92
C LYS A 63 -10.58 4.94 -4.49
N ARG A 64 -11.88 4.94 -4.30
CA ARG A 64 -12.51 5.12 -3.01
C ARG A 64 -11.97 4.11 -2.00
N ILE A 65 -11.88 2.87 -2.43
CA ILE A 65 -11.41 1.80 -1.57
C ILE A 65 -9.92 1.92 -1.32
N ILE A 66 -9.12 2.11 -2.38
CA ILE A 66 -7.67 2.16 -2.23
C ILE A 66 -7.24 3.33 -1.30
N GLU A 67 -7.94 4.47 -1.42
CA GLU A 67 -7.69 5.61 -0.53
C GLU A 67 -8.05 5.26 0.89
N LYS A 68 -9.22 4.66 1.05
CA LYS A 68 -9.71 4.27 2.38
C LYS A 68 -8.85 3.25 3.06
N VAL A 69 -8.33 2.27 2.31
CA VAL A 69 -7.49 1.27 2.92
C VAL A 69 -6.19 1.89 3.40
N ILE A 70 -5.62 2.81 2.59
CA ILE A 70 -4.40 3.53 2.96
C ILE A 70 -4.67 4.38 4.19
N HIS A 71 -5.85 4.99 4.22
CA HIS A 71 -6.30 5.79 5.36
C HIS A 71 -6.34 4.95 6.63
N ARG A 72 -7.03 3.84 6.57
CA ARG A 72 -7.15 2.96 7.72
C ARG A 72 -5.77 2.44 8.17
N LEU A 73 -5.02 1.96 7.19
CA LEU A 73 -3.71 1.35 7.34
C LEU A 73 -2.77 2.26 8.16
N THR A 74 -2.80 3.54 7.86
CA THR A 74 -1.88 4.50 8.45
C THR A 74 -2.41 5.14 9.75
N HIS A 75 -3.61 4.78 10.17
CA HIS A 75 -4.21 5.44 11.33
C HIS A 75 -4.60 4.50 12.44
N TYR A 76 -5.20 3.39 12.07
CA TYR A 76 -5.73 2.51 13.09
C TYR A 76 -4.81 1.33 13.29
N ASP A 77 -4.51 0.64 12.20
CA ASP A 77 -3.72 -0.59 12.27
C ASP A 77 -2.26 -0.31 12.49
N HIS A 78 -1.73 0.70 11.77
CA HIS A 78 -0.31 1.09 11.83
C HIS A 78 0.58 -0.05 11.33
N VAL A 79 0.07 -0.81 10.38
CA VAL A 79 0.82 -1.92 9.79
C VAL A 79 1.85 -1.43 8.78
N LEU A 80 1.86 -0.14 8.56
CA LEU A 80 2.82 0.48 7.67
C LEU A 80 4.01 0.96 8.46
N ILE A 81 5.16 0.54 8.06
CA ILE A 81 6.39 0.98 8.62
C ILE A 81 6.90 2.03 7.65
N GLU A 82 7.18 3.20 8.13
CA GLU A 82 7.57 4.26 7.24
C GLU A 82 8.94 4.80 7.54
N LEU A 83 9.73 4.88 6.49
CA LEU A 83 11.03 5.46 6.57
C LEU A 83 10.85 6.89 6.17
N THR A 84 10.84 7.76 7.15
CA THR A 84 10.49 9.15 6.99
C THR A 84 11.47 9.98 6.19
N GLN A 85 12.28 10.68 6.87
CA GLN A 85 13.33 11.45 6.32
C GLN A 85 14.54 11.27 7.19
N ALA A 86 14.28 10.66 8.34
CA ALA A 86 15.31 10.37 9.31
C ALA A 86 15.66 8.91 9.23
N GLY A 87 14.65 8.10 8.90
CA GLY A 87 14.84 6.67 8.73
C GLY A 87 15.38 6.33 7.36
N LEU A 88 15.84 7.34 6.66
CA LEU A 88 16.42 7.16 5.38
C LEU A 88 17.90 6.94 5.57
N LYS A 89 18.26 5.71 5.82
CA LYS A 89 19.62 5.35 6.11
C LYS A 89 20.19 4.53 4.95
N GLY A 90 19.75 4.86 3.75
CA GLY A 90 20.24 4.19 2.57
C GLY A 90 21.59 4.74 2.15
N SER A 91 21.97 5.82 2.77
CA SER A 91 23.21 6.47 2.55
C SER A 91 24.04 6.52 3.86
N THR A 92 25.35 6.47 3.74
CA THR A 92 26.23 6.46 4.90
C THR A 92 26.61 7.86 5.34
N GLU A 93 26.10 8.84 4.63
CA GLU A 93 26.38 10.24 4.94
C GLU A 93 25.80 10.57 6.31
N GLY A 94 24.53 10.30 6.48
CA GLY A 94 23.88 10.46 7.74
C GLY A 94 22.46 9.96 7.67
N SER A 95 21.53 10.86 7.74
CA SER A 95 20.14 10.56 7.62
C SER A 95 19.56 11.57 6.67
N GLU A 96 19.86 11.36 5.41
CA GLU A 96 19.53 12.28 4.35
C GLU A 96 18.05 12.45 4.15
N SER A 97 17.58 13.60 4.54
CA SER A 97 16.19 13.97 4.47
C SER A 97 15.88 14.59 3.09
N TYR A 98 16.26 13.89 2.04
CA TYR A 98 16.03 14.37 0.69
C TYR A 98 14.58 14.19 0.25
N GLU A 99 13.94 13.12 0.74
CA GLU A 99 12.56 12.84 0.38
C GLU A 99 11.62 13.63 1.24
N GLU A 100 10.58 14.16 0.66
CA GLU A 100 9.55 14.77 1.45
C GLU A 100 8.44 13.79 1.72
N ASP A 101 8.20 12.97 0.74
CA ASP A 101 7.28 11.84 0.89
C ASP A 101 8.13 10.61 1.17
N PRO A 102 7.80 9.88 2.23
CA PRO A 102 8.64 8.79 2.74
C PRO A 102 8.57 7.49 1.94
N TYR A 103 9.30 6.51 2.40
CA TYR A 103 9.26 5.19 1.82
C TYR A 103 8.49 4.29 2.76
N LEU A 104 7.44 3.73 2.25
CA LEU A 104 6.49 2.99 3.03
C LEU A 104 6.63 1.52 2.77
N VAL A 105 6.65 0.77 3.83
CA VAL A 105 6.69 -0.66 3.78
C VAL A 105 5.59 -1.21 4.68
N VAL A 106 4.90 -2.23 4.26
CA VAL A 106 3.78 -2.72 5.03
C VAL A 106 4.05 -4.11 5.58
N ASN A 107 3.49 -4.38 6.76
CA ASN A 107 3.55 -5.70 7.38
C ASN A 107 2.82 -6.68 6.50
N PRO A 108 3.46 -7.81 6.11
CA PRO A 108 2.86 -8.85 5.27
C PRO A 108 1.57 -9.50 5.86
N ASN A 109 1.16 -9.07 7.06
CA ASN A 109 -0.11 -9.54 7.64
C ASN A 109 -1.26 -8.70 7.13
N TYR A 110 -0.97 -7.41 6.92
CA TYR A 110 -1.95 -6.38 6.57
C TYR A 110 -2.96 -6.24 7.74
N LEU A 111 -4.15 -5.67 7.52
CA LEU A 111 -5.10 -5.51 8.62
C LEU A 111 -5.67 -6.81 9.17
N LEU A 112 -5.94 -7.76 8.29
CA LEU A 112 -6.47 -9.02 8.74
C LEU A 112 -5.88 -10.16 7.92
N GLU A 113 -6.50 -10.46 6.80
CA GLU A 113 -6.06 -11.51 5.90
C GLU A 113 -6.22 -10.98 4.51
N ASP A 114 -7.45 -10.73 4.16
CA ASP A 114 -7.82 -10.07 2.95
C ASP A 114 -8.50 -8.81 3.37
N ALA A 1 -11.14 -4.42 15.94
CA ALA A 1 -11.75 -4.37 14.64
C ALA A 1 -12.85 -3.29 14.63
N PRO A 2 -12.85 -2.41 13.62
CA PRO A 2 -13.87 -1.37 13.46
C PRO A 2 -15.24 -1.99 13.14
N LYS A 3 -16.19 -1.15 12.75
CA LYS A 3 -17.50 -1.64 12.38
C LYS A 3 -17.46 -2.23 10.97
N ALA A 4 -16.92 -3.41 10.89
CA ALA A 4 -16.79 -4.21 9.70
C ALA A 4 -16.17 -5.53 10.11
N SER A 5 -15.91 -6.36 9.17
CA SER A 5 -15.33 -7.65 9.38
C SER A 5 -15.00 -8.19 8.02
N LEU A 6 -13.91 -8.91 7.90
CA LEU A 6 -13.57 -9.47 6.63
C LEU A 6 -14.31 -10.78 6.51
N ARG A 7 -15.58 -10.64 6.30
CA ARG A 7 -16.51 -11.72 6.31
C ARG A 7 -17.68 -11.29 5.46
N LEU A 8 -18.20 -12.20 4.63
CA LEU A 8 -19.35 -11.94 3.75
C LEU A 8 -19.00 -10.97 2.60
N GLY A 9 -18.64 -11.53 1.48
CA GLY A 9 -18.28 -10.74 0.34
C GLY A 9 -16.84 -10.31 0.41
N PHE A 10 -16.59 -9.01 0.26
CA PHE A 10 -15.24 -8.43 0.36
C PHE A 10 -14.30 -8.95 -0.72
N SER A 11 -14.89 -9.25 -1.87
CA SER A 11 -14.16 -9.70 -3.04
C SER A 11 -13.23 -8.57 -3.50
N GLU A 12 -13.72 -7.36 -3.32
CA GLU A 12 -13.00 -6.13 -3.60
C GLU A 12 -11.71 -6.13 -2.79
N TYR A 13 -11.86 -6.38 -1.50
CA TYR A 13 -10.74 -6.37 -0.57
C TYR A 13 -9.74 -7.46 -0.94
N SER A 14 -10.23 -8.61 -1.35
CA SER A 14 -9.37 -9.72 -1.77
C SER A 14 -8.49 -9.29 -2.97
N ARG A 15 -9.04 -8.50 -3.87
CA ARG A 15 -8.31 -8.01 -5.04
C ARG A 15 -7.24 -7.01 -4.61
N ILE A 16 -7.63 -6.11 -3.74
CA ILE A 16 -6.70 -5.12 -3.21
C ILE A 16 -5.56 -5.79 -2.40
N SER A 17 -5.94 -6.73 -1.55
CA SER A 17 -4.99 -7.49 -0.75
C SER A 17 -4.02 -8.25 -1.66
N ASN A 18 -4.54 -8.72 -2.80
CA ASN A 18 -3.74 -9.43 -3.80
C ASN A 18 -2.66 -8.51 -4.33
N LEU A 19 -3.03 -7.23 -4.57
CA LEU A 19 -2.06 -6.21 -5.00
C LEU A 19 -0.93 -6.10 -4.00
N ILE A 20 -1.27 -6.07 -2.73
CA ILE A 20 -0.28 -5.96 -1.67
C ILE A 20 0.71 -7.08 -1.72
N VAL A 21 0.21 -8.27 -1.85
CA VAL A 21 1.05 -9.43 -1.90
C VAL A 21 1.90 -9.40 -3.18
N LEU A 22 1.25 -9.25 -4.33
CA LEU A 22 1.93 -9.23 -5.64
C LEU A 22 3.00 -8.17 -5.74
N HIS A 23 2.65 -6.96 -5.33
CA HIS A 23 3.54 -5.83 -5.39
C HIS A 23 4.76 -6.07 -4.55
N LEU A 24 4.56 -6.45 -3.28
CA LEU A 24 5.69 -6.66 -2.40
C LEU A 24 6.53 -7.85 -2.89
N ARG A 25 5.86 -8.89 -3.38
CA ARG A 25 6.53 -10.06 -3.99
C ARG A 25 7.47 -9.62 -5.10
N LYS A 26 6.96 -8.77 -5.98
CA LYS A 26 7.72 -8.29 -7.12
C LYS A 26 8.84 -7.38 -6.62
N VAL A 27 8.52 -6.54 -5.65
CA VAL A 27 9.47 -5.63 -5.04
C VAL A 27 10.67 -6.37 -4.43
N GLU A 28 10.40 -7.35 -3.58
CA GLU A 28 11.46 -8.11 -2.93
C GLU A 28 12.28 -8.91 -3.96
N GLU A 29 11.62 -9.29 -5.03
CA GLU A 29 12.23 -10.04 -6.10
C GLU A 29 13.14 -9.14 -6.97
N GLU A 30 12.64 -7.97 -7.37
CA GLU A 30 13.38 -7.10 -8.27
C GLU A 30 14.51 -6.31 -7.59
N GLU A 31 14.16 -5.35 -6.74
CA GLU A 31 15.20 -4.44 -6.22
C GLU A 31 15.25 -4.47 -4.71
N ASP A 32 14.18 -4.95 -4.09
CA ASP A 32 13.99 -5.01 -2.62
C ASP A 32 13.66 -3.65 -2.02
N GLU A 33 14.42 -2.64 -2.37
CA GLU A 33 14.27 -1.30 -1.80
C GLU A 33 13.17 -0.51 -2.51
N SER A 34 12.41 -1.18 -3.34
CA SER A 34 11.39 -0.55 -4.18
C SER A 34 10.12 -0.20 -3.38
N ALA A 35 10.30 0.33 -2.19
CA ALA A 35 9.19 0.78 -1.40
C ALA A 35 8.56 2.01 -2.06
N LEU A 36 7.38 1.81 -2.58
CA LEU A 36 6.71 2.81 -3.40
C LEU A 36 5.94 3.83 -2.53
N LYS A 37 5.29 4.78 -3.17
CA LYS A 37 4.53 5.80 -2.52
C LYS A 37 3.04 5.50 -2.74
N ARG A 38 2.19 5.91 -1.78
CA ARG A 38 0.74 5.60 -1.78
C ARG A 38 0.02 5.90 -3.10
N SER A 39 0.20 7.10 -3.60
CA SER A 39 -0.52 7.58 -4.76
C SER A 39 -0.13 6.80 -6.01
N GLU A 40 1.12 6.41 -6.08
CA GLU A 40 1.64 5.71 -7.21
C GLU A 40 1.17 4.24 -7.20
N LEU A 41 1.01 3.69 -6.00
CA LEU A 41 0.54 2.32 -5.83
C LEU A 41 -0.88 2.19 -6.40
N VAL A 42 -1.76 3.06 -5.96
CA VAL A 42 -3.10 3.07 -6.45
C VAL A 42 -3.15 3.49 -7.91
N ASN A 43 -2.18 4.30 -8.32
CA ASN A 43 -2.07 4.78 -9.71
C ASN A 43 -2.00 3.61 -10.69
N TRP A 44 -0.99 2.75 -10.51
CA TRP A 44 -0.83 1.63 -11.42
C TRP A 44 -1.97 0.64 -11.26
N TYR A 45 -2.54 0.57 -10.04
CA TYR A 45 -3.64 -0.35 -9.76
C TYR A 45 -4.85 -0.01 -10.61
N LEU A 46 -5.16 1.27 -10.67
CA LEU A 46 -6.29 1.75 -11.45
C LEU A 46 -6.06 1.44 -12.91
N LYS A 47 -4.83 1.63 -13.35
CA LYS A 47 -4.43 1.31 -14.72
C LYS A 47 -4.52 -0.18 -15.05
N GLU A 48 -4.50 -1.01 -14.04
CA GLU A 48 -4.62 -2.45 -14.23
C GLU A 48 -6.08 -2.82 -14.33
N ILE A 49 -6.85 -2.33 -13.38
CA ILE A 49 -8.25 -2.67 -13.24
C ILE A 49 -9.11 -1.98 -14.28
N GLU A 50 -8.59 -0.91 -14.89
CA GLU A 50 -9.36 -0.16 -15.88
C GLU A 50 -9.75 -1.02 -17.08
N SER A 51 -9.03 -2.11 -17.24
CA SER A 51 -9.27 -3.08 -18.27
C SER A 51 -10.66 -3.74 -18.10
N GLU A 52 -11.12 -3.85 -16.86
CA GLU A 52 -12.40 -4.52 -16.59
C GLU A 52 -13.50 -3.52 -16.29
N ILE A 53 -13.14 -2.27 -16.09
CA ILE A 53 -14.10 -1.27 -15.62
C ILE A 53 -15.23 -0.99 -16.63
N ASP A 54 -16.36 -1.58 -16.35
CA ASP A 54 -17.58 -1.40 -17.14
C ASP A 54 -18.38 -0.23 -16.59
N SER A 55 -18.17 0.05 -15.34
CA SER A 55 -18.95 1.04 -14.65
C SER A 55 -18.08 1.90 -13.78
N GLU A 56 -18.46 3.18 -13.67
CA GLU A 56 -17.75 4.13 -12.82
C GLU A 56 -17.79 3.65 -11.36
N GLU A 57 -18.88 2.94 -11.00
CA GLU A 57 -19.04 2.38 -9.65
C GLU A 57 -17.84 1.51 -9.28
N GLU A 58 -17.38 0.73 -10.24
CA GLU A 58 -16.25 -0.14 -10.08
C GLU A 58 -14.99 0.63 -9.84
N LEU A 59 -14.81 1.65 -10.64
CA LEU A 59 -13.63 2.47 -10.56
C LEU A 59 -13.57 3.16 -9.21
N ILE A 60 -14.70 3.70 -8.78
CA ILE A 60 -14.81 4.37 -7.49
C ILE A 60 -14.62 3.38 -6.34
N ASN A 61 -15.32 2.25 -6.41
CA ASN A 61 -15.23 1.22 -5.37
C ASN A 61 -13.81 0.70 -5.22
N LYS A 62 -13.23 0.29 -6.35
CA LYS A 62 -11.91 -0.32 -6.35
C LYS A 62 -10.88 0.71 -5.83
N LYS A 63 -11.08 1.98 -6.22
CA LYS A 63 -10.24 3.09 -5.77
C LYS A 63 -10.42 3.32 -4.27
N ARG A 64 -11.65 3.34 -3.82
CA ARG A 64 -11.95 3.63 -2.44
C ARG A 64 -11.37 2.55 -1.52
N ILE A 65 -11.42 1.31 -1.95
CA ILE A 65 -10.90 0.22 -1.15
C ILE A 65 -9.37 0.32 -1.05
N ILE A 66 -8.72 0.54 -2.18
CA ILE A 66 -7.27 0.59 -2.20
C ILE A 66 -6.74 1.78 -1.37
N GLU A 67 -7.39 2.95 -1.49
CA GLU A 67 -6.96 4.09 -0.70
C GLU A 67 -7.30 3.91 0.79
N LYS A 68 -8.41 3.21 1.07
CA LYS A 68 -8.82 2.94 2.44
C LYS A 68 -7.80 2.07 3.14
N VAL A 69 -7.39 1.01 2.48
CA VAL A 69 -6.47 0.07 3.09
C VAL A 69 -5.11 0.68 3.33
N ILE A 70 -4.58 1.43 2.36
CA ILE A 70 -3.24 2.02 2.51
C ILE A 70 -3.22 3.07 3.61
N HIS A 71 -4.33 3.76 3.74
CA HIS A 71 -4.53 4.69 4.85
C HIS A 71 -4.56 3.95 6.19
N ARG A 72 -5.41 2.94 6.27
CA ARG A 72 -5.58 2.15 7.48
C ARG A 72 -4.27 1.44 7.89
N LEU A 73 -3.62 0.90 6.90
CA LEU A 73 -2.38 0.18 7.01
C LEU A 73 -1.28 1.02 7.69
N THR A 74 -1.24 2.30 7.37
CA THR A 74 -0.21 3.17 7.89
C THR A 74 -0.63 3.89 9.19
N HIS A 75 -1.85 3.70 9.63
CA HIS A 75 -2.31 4.43 10.80
C HIS A 75 -2.82 3.54 11.91
N TYR A 76 -3.51 2.50 11.55
CA TYR A 76 -4.12 1.65 12.55
C TYR A 76 -3.41 0.32 12.64
N ASP A 77 -3.24 -0.34 11.52
CA ASP A 77 -2.68 -1.70 11.50
C ASP A 77 -1.21 -1.78 11.84
N HIS A 78 -0.43 -0.81 11.36
CA HIS A 78 1.00 -0.71 11.71
C HIS A 78 1.85 -1.86 11.18
N VAL A 79 1.36 -2.57 10.19
CA VAL A 79 2.15 -3.67 9.62
C VAL A 79 2.92 -3.18 8.37
N LEU A 80 2.86 -1.90 8.15
CA LEU A 80 3.62 -1.31 7.09
C LEU A 80 4.74 -0.51 7.72
N ILE A 81 5.91 -0.68 7.18
CA ILE A 81 7.09 -0.04 7.66
C ILE A 81 7.24 1.24 6.90
N GLU A 82 7.01 2.32 7.54
CA GLU A 82 7.18 3.57 6.88
C GLU A 82 8.45 4.22 7.33
N LEU A 83 9.47 4.04 6.53
CA LEU A 83 10.79 4.62 6.75
C LEU A 83 11.77 4.15 5.73
N THR A 84 12.47 5.10 5.25
CA THR A 84 13.45 4.91 4.25
C THR A 84 14.82 4.73 4.88
N GLN A 85 14.87 4.99 6.18
CA GLN A 85 16.11 5.09 6.98
C GLN A 85 16.92 6.33 6.59
N ALA A 86 17.21 6.46 5.31
CA ALA A 86 17.97 7.56 4.77
C ALA A 86 17.38 8.91 5.17
N GLY A 87 18.17 9.66 5.91
CA GLY A 87 17.82 10.98 6.37
C GLY A 87 17.00 10.94 7.63
N LEU A 88 15.82 10.42 7.49
CA LEU A 88 14.81 10.39 8.54
C LEU A 88 15.16 9.54 9.78
N LYS A 89 16.17 8.70 9.69
CA LYS A 89 16.58 7.89 10.85
C LYS A 89 17.60 8.69 11.68
N GLY A 90 18.26 9.64 11.05
CA GLY A 90 19.28 10.41 11.72
C GLY A 90 20.64 9.77 11.56
N SER A 91 20.80 9.00 10.51
CA SER A 91 22.05 8.34 10.21
C SER A 91 22.95 9.21 9.32
N THR A 92 22.41 10.32 8.89
CA THR A 92 23.07 11.21 7.97
C THR A 92 23.83 12.32 8.70
N GLU A 93 24.82 12.83 8.03
CA GLU A 93 25.51 14.04 8.40
C GLU A 93 25.61 14.89 7.16
N GLY A 94 26.06 14.28 6.07
CA GLY A 94 26.17 14.96 4.81
C GLY A 94 25.55 14.15 3.68
N SER A 95 24.52 13.41 4.00
CA SER A 95 23.82 12.59 3.02
C SER A 95 22.41 13.16 2.76
N GLU A 96 22.20 14.39 3.23
CA GLU A 96 20.97 15.13 3.11
C GLU A 96 19.86 14.64 4.03
N SER A 97 19.45 15.51 4.91
CA SER A 97 18.47 15.25 5.91
C SER A 97 17.10 15.86 5.54
N TYR A 98 16.96 16.34 4.30
CA TYR A 98 15.71 16.98 3.85
C TYR A 98 14.56 15.99 3.79
N GLU A 99 14.90 14.72 3.71
CA GLU A 99 13.93 13.68 3.59
C GLU A 99 13.32 13.43 4.95
N GLU A 100 12.22 14.03 5.19
CA GLU A 100 11.56 13.96 6.46
C GLU A 100 10.30 13.12 6.38
N ASP A 101 9.93 12.79 5.19
CA ASP A 101 8.78 11.96 4.95
C ASP A 101 9.27 10.56 4.56
N PRO A 102 8.71 9.52 5.16
CA PRO A 102 9.16 8.14 4.93
C PRO A 102 8.60 7.54 3.65
N TYR A 103 9.02 6.33 3.34
CA TYR A 103 8.51 5.66 2.18
C TYR A 103 7.77 4.40 2.60
N LEU A 104 6.94 3.85 1.75
CA LEU A 104 6.03 2.82 2.19
C LEU A 104 6.42 1.42 1.74
N VAL A 105 6.63 0.58 2.71
CA VAL A 105 6.90 -0.81 2.50
C VAL A 105 6.15 -1.62 3.54
N VAL A 106 5.57 -2.72 3.15
CA VAL A 106 4.77 -3.50 4.07
C VAL A 106 5.33 -4.90 4.13
N ASN A 107 5.09 -5.60 5.22
CA ASN A 107 5.49 -6.99 5.34
C ASN A 107 4.74 -7.78 4.29
N PRO A 108 5.46 -8.53 3.43
CA PRO A 108 4.89 -9.23 2.25
C PRO A 108 3.86 -10.32 2.53
N ASN A 109 3.46 -10.51 3.75
CA ASN A 109 2.42 -11.46 4.04
C ASN A 109 1.11 -10.73 4.22
N TYR A 110 1.16 -9.66 5.06
CA TYR A 110 0.00 -8.80 5.36
C TYR A 110 -1.04 -9.60 6.19
N LEU A 111 -2.07 -8.95 6.65
CA LEU A 111 -3.12 -9.59 7.38
C LEU A 111 -4.45 -8.97 7.03
N LEU A 112 -5.48 -9.74 7.15
CA LEU A 112 -6.80 -9.26 6.88
C LEU A 112 -7.44 -8.78 8.18
N GLU A 113 -8.61 -8.21 8.07
CA GLU A 113 -9.36 -7.75 9.23
C GLU A 113 -9.83 -8.97 10.04
N ASP A 114 -10.14 -10.03 9.34
CA ASP A 114 -10.46 -11.32 9.94
C ASP A 114 -9.42 -12.31 9.55
N ALA A 1 -5.35 -18.07 8.43
CA ALA A 1 -6.30 -17.30 9.20
C ALA A 1 -6.98 -16.27 8.31
N PRO A 2 -8.26 -15.96 8.53
CA PRO A 2 -8.98 -14.98 7.75
C PRO A 2 -8.63 -13.56 8.20
N LYS A 3 -7.35 -13.24 8.23
CA LYS A 3 -6.89 -11.93 8.67
C LYS A 3 -6.94 -10.89 7.55
N ALA A 4 -7.62 -11.28 6.50
CA ALA A 4 -7.94 -10.45 5.37
C ALA A 4 -9.36 -10.80 4.98
N SER A 5 -10.26 -10.41 5.83
CA SER A 5 -11.66 -10.74 5.69
C SER A 5 -12.43 -9.49 5.20
N LEU A 6 -13.69 -9.34 5.65
CA LEU A 6 -14.61 -8.23 5.30
C LEU A 6 -15.24 -8.47 3.96
N ARG A 7 -14.98 -9.67 3.45
CA ARG A 7 -15.45 -10.13 2.15
C ARG A 7 -16.98 -10.13 2.13
N LEU A 8 -17.56 -10.26 3.30
CA LEU A 8 -18.98 -10.23 3.47
C LEU A 8 -19.40 -8.75 3.61
N GLY A 9 -20.01 -8.23 2.58
CA GLY A 9 -20.51 -6.87 2.62
C GLY A 9 -19.54 -5.84 2.05
N PHE A 10 -18.35 -5.79 2.60
CA PHE A 10 -17.35 -4.79 2.21
C PHE A 10 -16.53 -5.31 1.02
N SER A 11 -17.23 -5.65 -0.03
CA SER A 11 -16.66 -6.25 -1.23
C SER A 11 -15.50 -5.41 -1.82
N GLU A 12 -15.72 -4.11 -1.91
CA GLU A 12 -14.73 -3.22 -2.49
C GLU A 12 -13.55 -3.01 -1.55
N TYR A 13 -13.86 -2.80 -0.28
CA TYR A 13 -12.86 -2.58 0.76
C TYR A 13 -11.93 -3.78 0.84
N SER A 14 -12.52 -4.95 0.73
CA SER A 14 -11.79 -6.21 0.79
C SER A 14 -10.83 -6.35 -0.37
N ARG A 15 -11.24 -6.00 -1.57
CA ARG A 15 -10.38 -6.18 -2.73
C ARG A 15 -9.18 -5.26 -2.68
N ILE A 16 -9.36 -4.10 -2.11
CA ILE A 16 -8.24 -3.20 -1.86
C ILE A 16 -7.33 -3.80 -0.78
N SER A 17 -7.95 -4.39 0.23
CA SER A 17 -7.22 -5.08 1.29
C SER A 17 -6.44 -6.30 0.72
N ASN A 18 -7.04 -7.00 -0.26
CA ASN A 18 -6.38 -8.10 -0.97
C ASN A 18 -5.13 -7.60 -1.63
N LEU A 19 -5.23 -6.44 -2.28
CA LEU A 19 -4.11 -5.74 -2.90
C LEU A 19 -2.98 -5.55 -1.89
N ILE A 20 -3.32 -5.12 -0.70
CA ILE A 20 -2.34 -4.91 0.33
C ILE A 20 -1.61 -6.20 0.68
N VAL A 21 -2.37 -7.23 0.97
CA VAL A 21 -1.79 -8.49 1.37
C VAL A 21 -1.00 -9.13 0.22
N LEU A 22 -1.60 -9.17 -0.96
CA LEU A 22 -1.00 -9.80 -2.14
C LEU A 22 0.26 -9.09 -2.58
N HIS A 23 0.22 -7.77 -2.60
CA HIS A 23 1.38 -6.97 -2.98
C HIS A 23 2.48 -7.16 -1.96
N LEU A 24 2.13 -7.06 -0.67
CA LEU A 24 3.09 -7.27 0.42
C LEU A 24 3.74 -8.65 0.28
N ARG A 25 2.92 -9.67 0.03
CA ARG A 25 3.40 -11.05 -0.19
C ARG A 25 4.42 -11.12 -1.31
N LYS A 26 4.10 -10.50 -2.41
CA LYS A 26 4.93 -10.56 -3.58
C LYS A 26 6.23 -9.75 -3.39
N VAL A 27 6.10 -8.57 -2.80
CA VAL A 27 7.24 -7.71 -2.60
C VAL A 27 8.17 -8.21 -1.51
N GLU A 28 7.63 -8.85 -0.46
CA GLU A 28 8.47 -9.37 0.63
C GLU A 28 9.38 -10.47 0.10
N GLU A 29 8.91 -11.16 -0.92
CA GLU A 29 9.62 -12.27 -1.50
C GLU A 29 10.62 -11.81 -2.57
N GLU A 30 10.16 -11.10 -3.59
CA GLU A 30 11.04 -10.74 -4.69
C GLU A 30 11.86 -9.50 -4.42
N GLU A 31 11.20 -8.43 -4.04
CA GLU A 31 11.89 -7.15 -3.87
C GLU A 31 12.60 -7.10 -2.53
N ASP A 32 12.05 -7.82 -1.58
CA ASP A 32 12.50 -7.91 -0.18
C ASP A 32 12.15 -6.63 0.58
N GLU A 33 12.44 -5.48 -0.01
CA GLU A 33 12.10 -4.22 0.52
C GLU A 33 10.70 -3.89 0.12
N SER A 34 9.86 -4.13 1.02
CA SER A 34 8.42 -3.90 0.90
C SER A 34 8.05 -2.39 1.05
N ALA A 35 8.90 -1.52 0.57
CA ALA A 35 8.69 -0.09 0.67
C ALA A 35 8.36 0.49 -0.69
N LEU A 36 7.24 1.14 -0.79
CA LEU A 36 6.81 1.72 -2.04
C LEU A 36 6.30 3.14 -1.79
N LYS A 37 6.06 3.87 -2.85
CA LYS A 37 5.55 5.23 -2.79
C LYS A 37 4.03 5.18 -2.65
N ARG A 38 3.48 6.08 -1.85
CA ARG A 38 2.03 6.16 -1.56
C ARG A 38 1.18 6.18 -2.82
N SER A 39 1.37 7.21 -3.61
CA SER A 39 0.60 7.45 -4.79
C SER A 39 0.87 6.40 -5.85
N GLU A 40 2.07 5.84 -5.83
CA GLU A 40 2.48 4.85 -6.80
C GLU A 40 1.73 3.53 -6.56
N LEU A 41 1.48 3.21 -5.29
CA LEU A 41 0.74 2.00 -4.91
C LEU A 41 -0.64 2.02 -5.54
N VAL A 42 -1.37 3.09 -5.27
CA VAL A 42 -2.68 3.27 -5.84
C VAL A 42 -2.60 3.42 -7.36
N ASN A 43 -1.52 4.03 -7.82
CA ASN A 43 -1.28 4.26 -9.24
C ASN A 43 -1.28 2.96 -10.01
N TRP A 44 -0.38 2.03 -9.63
CA TRP A 44 -0.29 0.77 -10.37
C TRP A 44 -1.56 -0.02 -10.19
N TYR A 45 -2.19 0.13 -9.02
CA TYR A 45 -3.39 -0.62 -8.69
C TYR A 45 -4.47 -0.37 -9.72
N LEU A 46 -4.71 0.89 -9.98
CA LEU A 46 -5.71 1.33 -10.94
C LEU A 46 -5.34 0.86 -12.34
N LYS A 47 -4.08 1.05 -12.69
CA LYS A 47 -3.57 0.72 -14.02
C LYS A 47 -3.57 -0.79 -14.31
N GLU A 48 -3.43 -1.57 -13.29
CA GLU A 48 -3.42 -3.00 -13.46
C GLU A 48 -4.81 -3.59 -13.51
N ILE A 49 -5.70 -3.11 -12.66
CA ILE A 49 -7.03 -3.70 -12.59
C ILE A 49 -8.03 -3.01 -13.49
N GLU A 50 -7.61 -1.93 -14.15
CA GLU A 50 -8.47 -1.12 -15.06
C GLU A 50 -9.24 -1.96 -16.11
N SER A 51 -8.83 -3.19 -16.31
CA SER A 51 -9.48 -4.12 -17.20
C SER A 51 -10.92 -4.44 -16.74
N GLU A 52 -11.18 -4.33 -15.42
CA GLU A 52 -12.51 -4.61 -14.86
C GLU A 52 -13.33 -3.32 -14.84
N ILE A 53 -12.66 -2.23 -15.13
CA ILE A 53 -13.29 -0.95 -15.03
C ILE A 53 -14.00 -0.60 -16.30
N ASP A 54 -15.28 -0.78 -16.26
CA ASP A 54 -16.14 -0.40 -17.37
C ASP A 54 -16.80 0.92 -17.06
N SER A 55 -16.83 1.24 -15.80
CA SER A 55 -17.54 2.37 -15.32
C SER A 55 -16.57 3.25 -14.56
N GLU A 56 -16.60 4.53 -14.86
CA GLU A 56 -15.70 5.50 -14.25
C GLU A 56 -15.89 5.54 -12.74
N GLU A 57 -17.11 5.30 -12.27
CA GLU A 57 -17.39 5.27 -10.84
C GLU A 57 -16.62 4.19 -10.13
N GLU A 58 -16.46 3.03 -10.77
CA GLU A 58 -15.63 1.96 -10.23
C GLU A 58 -14.24 2.46 -9.97
N LEU A 59 -13.70 3.16 -10.95
CA LEU A 59 -12.37 3.71 -10.86
C LEU A 59 -12.31 4.73 -9.73
N ILE A 60 -13.24 5.69 -9.74
CA ILE A 60 -13.33 6.74 -8.72
C ILE A 60 -13.46 6.15 -7.30
N ASN A 61 -14.39 5.22 -7.14
CA ASN A 61 -14.60 4.53 -5.88
C ASN A 61 -13.34 3.80 -5.45
N LYS A 62 -12.73 3.10 -6.40
CA LYS A 62 -11.53 2.31 -6.15
C LYS A 62 -10.47 3.22 -5.55
N LYS A 63 -10.26 4.37 -6.22
CA LYS A 63 -9.27 5.38 -5.84
C LYS A 63 -9.52 5.89 -4.42
N ARG A 64 -10.77 6.13 -4.12
CA ARG A 64 -11.15 6.62 -2.80
C ARG A 64 -10.89 5.56 -1.73
N ILE A 65 -11.28 4.33 -2.01
CA ILE A 65 -11.13 3.22 -1.07
C ILE A 65 -9.65 2.99 -0.78
N ILE A 66 -8.86 2.83 -1.84
CA ILE A 66 -7.44 2.56 -1.68
C ILE A 66 -6.75 3.71 -0.93
N GLU A 67 -7.10 4.95 -1.28
CA GLU A 67 -6.54 6.12 -0.62
C GLU A 67 -6.88 6.10 0.86
N LYS A 68 -8.15 5.79 1.17
CA LYS A 68 -8.59 5.73 2.55
C LYS A 68 -8.02 4.56 3.31
N VAL A 69 -7.76 3.46 2.66
CA VAL A 69 -7.13 2.33 3.31
C VAL A 69 -5.67 2.66 3.64
N ILE A 70 -4.98 3.31 2.70
CA ILE A 70 -3.60 3.77 2.93
C ILE A 70 -3.61 4.80 4.06
N HIS A 71 -4.63 5.63 4.05
CA HIS A 71 -4.86 6.65 5.06
C HIS A 71 -5.10 6.03 6.44
N ARG A 72 -5.99 5.04 6.48
CA ARG A 72 -6.33 4.37 7.72
C ARG A 72 -5.07 3.76 8.32
N LEU A 73 -4.36 3.06 7.46
CA LEU A 73 -3.12 2.38 7.77
C LEU A 73 -2.06 3.31 8.35
N THR A 74 -1.90 4.47 7.77
CA THR A 74 -0.88 5.39 8.20
C THR A 74 -1.29 6.24 9.41
N HIS A 75 -2.56 6.53 9.50
CA HIS A 75 -3.05 7.50 10.49
C HIS A 75 -3.60 6.81 11.73
N TYR A 76 -4.53 5.89 11.52
CA TYR A 76 -5.26 5.27 12.62
C TYR A 76 -4.49 4.09 13.15
N ASP A 77 -4.18 3.18 12.26
CA ASP A 77 -3.45 1.97 12.58
C ASP A 77 -2.06 2.31 13.00
N HIS A 78 -1.39 3.10 12.14
CA HIS A 78 -0.05 3.62 12.38
C HIS A 78 0.94 2.44 12.52
N VAL A 79 0.58 1.32 11.89
CA VAL A 79 1.37 0.08 11.93
C VAL A 79 2.29 0.02 10.69
N LEU A 80 2.26 1.08 9.94
CA LEU A 80 3.07 1.19 8.77
C LEU A 80 4.39 1.84 9.19
N ILE A 81 5.44 1.47 8.54
CA ILE A 81 6.74 1.95 8.87
C ILE A 81 7.20 2.92 7.79
N GLU A 82 7.73 4.04 8.20
CA GLU A 82 8.36 4.94 7.31
C GLU A 82 9.74 5.19 7.83
N LEU A 83 10.71 5.18 6.96
CA LEU A 83 12.06 5.27 7.42
C LEU A 83 12.57 6.70 7.50
N THR A 84 13.83 6.82 7.74
CA THR A 84 14.52 8.02 8.04
C THR A 84 14.46 9.09 6.94
N GLN A 85 14.03 10.29 7.34
CA GLN A 85 13.88 11.47 6.47
C GLN A 85 15.21 11.84 5.81
N ALA A 86 16.28 11.43 6.46
CA ALA A 86 17.63 11.65 6.01
C ALA A 86 17.94 10.90 4.70
N GLY A 87 17.06 10.01 4.31
CA GLY A 87 17.21 9.35 3.05
C GLY A 87 16.04 9.63 2.16
N LEU A 88 15.14 10.50 2.63
CA LEU A 88 13.90 10.76 1.91
C LEU A 88 13.90 12.12 1.24
N LYS A 89 14.47 13.10 1.92
CA LYS A 89 14.43 14.46 1.42
C LYS A 89 15.39 14.64 0.22
N GLY A 90 16.58 14.05 0.33
CA GLY A 90 17.52 14.07 -0.79
C GLY A 90 18.35 15.35 -0.90
N SER A 91 18.04 16.34 -0.12
CA SER A 91 18.75 17.60 -0.13
C SER A 91 19.91 17.54 0.88
N THR A 92 20.29 18.67 1.47
CA THR A 92 21.31 18.71 2.51
C THR A 92 20.86 17.93 3.76
N GLU A 93 19.55 17.78 3.90
CA GLU A 93 18.97 17.00 4.98
C GLU A 93 18.89 15.52 4.60
N GLY A 94 19.51 15.20 3.50
CA GLY A 94 19.63 13.86 3.05
C GLY A 94 21.08 13.47 2.98
N SER A 95 21.40 12.28 3.35
CA SER A 95 22.78 11.83 3.33
C SER A 95 22.87 10.36 2.97
N GLU A 96 22.30 9.51 3.79
CA GLU A 96 22.40 8.11 3.57
C GLU A 96 21.23 7.58 2.78
N SER A 97 21.52 6.85 1.75
CA SER A 97 20.53 6.26 0.89
C SER A 97 20.92 4.81 0.57
N TYR A 98 21.83 4.25 1.40
CA TYR A 98 22.28 2.86 1.28
C TYR A 98 21.15 1.90 1.71
N GLU A 99 20.19 2.45 2.44
CA GLU A 99 19.02 1.72 2.94
C GLU A 99 17.92 1.79 1.89
N GLU A 100 18.35 2.19 0.70
CA GLU A 100 17.53 2.55 -0.44
C GLU A 100 16.89 3.89 -0.12
N ASP A 101 16.02 4.38 -0.94
CA ASP A 101 15.31 5.56 -0.55
C ASP A 101 13.86 5.15 -0.29
N PRO A 102 13.53 4.89 0.99
CA PRO A 102 12.22 4.40 1.39
C PRO A 102 11.14 5.47 1.39
N TYR A 103 9.93 5.08 1.78
CA TYR A 103 8.76 5.94 1.77
C TYR A 103 7.77 5.40 2.77
N LEU A 104 7.07 4.35 2.34
CA LEU A 104 6.09 3.67 3.15
C LEU A 104 6.28 2.19 3.02
N VAL A 105 6.31 1.52 4.11
CA VAL A 105 6.40 0.07 4.15
C VAL A 105 5.46 -0.49 5.20
N VAL A 106 4.80 -1.57 4.89
CA VAL A 106 3.85 -2.18 5.80
C VAL A 106 4.34 -3.59 6.13
N ASN A 107 3.91 -4.11 7.25
CA ASN A 107 4.31 -5.44 7.68
C ASN A 107 3.11 -6.39 7.63
N PRO A 108 3.33 -7.74 7.72
CA PRO A 108 2.25 -8.73 7.73
C PRO A 108 1.44 -8.72 9.04
N ASN A 109 1.87 -7.86 9.96
CA ASN A 109 1.23 -7.71 11.26
C ASN A 109 0.00 -6.81 11.13
N TYR A 110 -0.16 -6.28 9.92
CA TYR A 110 -1.29 -5.47 9.55
C TYR A 110 -2.60 -6.24 9.75
N LEU A 111 -3.61 -5.53 10.18
CA LEU A 111 -4.93 -6.06 10.40
C LEU A 111 -5.95 -5.21 9.65
N LEU A 112 -7.17 -5.65 9.58
CA LEU A 112 -8.21 -4.91 8.90
C LEU A 112 -9.02 -4.08 9.87
N GLU A 113 -10.12 -3.53 9.41
CA GLU A 113 -10.91 -2.63 10.23
C GLU A 113 -11.88 -3.43 11.12
N ASP A 114 -11.99 -4.70 10.82
CA ASP A 114 -12.79 -5.65 11.56
C ASP A 114 -12.28 -7.00 11.23
N ALA A 1 -22.24 -12.61 14.25
CA ALA A 1 -21.26 -11.57 14.38
C ALA A 1 -21.91 -10.19 14.30
N PRO A 2 -21.48 -9.26 15.18
CA PRO A 2 -21.97 -7.89 15.15
C PRO A 2 -21.51 -7.19 13.87
N LYS A 3 -20.25 -7.40 13.53
CA LYS A 3 -19.66 -6.89 12.33
C LYS A 3 -18.84 -7.94 11.69
N ALA A 4 -19.15 -8.23 10.48
CA ALA A 4 -18.40 -9.19 9.73
C ALA A 4 -17.25 -8.47 9.08
N SER A 5 -16.16 -8.43 9.79
CA SER A 5 -14.94 -7.81 9.34
C SER A 5 -14.40 -8.51 8.10
N LEU A 6 -14.52 -9.81 8.08
CA LEU A 6 -14.14 -10.64 6.98
C LEU A 6 -15.24 -11.67 6.84
N ARG A 7 -15.11 -12.60 5.87
CA ARG A 7 -16.16 -13.59 5.56
C ARG A 7 -17.49 -12.88 5.28
N LEU A 8 -17.47 -12.07 4.24
CA LEU A 8 -18.58 -11.24 3.84
C LEU A 8 -18.26 -10.81 2.41
N GLY A 9 -19.04 -9.92 1.84
CA GLY A 9 -18.71 -9.36 0.57
C GLY A 9 -17.72 -8.22 0.72
N PHE A 10 -16.48 -8.57 0.98
CA PHE A 10 -15.41 -7.61 1.20
C PHE A 10 -14.39 -7.81 0.08
N SER A 11 -14.91 -8.19 -1.06
CA SER A 11 -14.15 -8.60 -2.24
C SER A 11 -13.07 -7.59 -2.63
N GLU A 12 -13.39 -6.32 -2.61
CA GLU A 12 -12.43 -5.33 -3.01
C GLU A 12 -11.36 -5.13 -1.96
N TYR A 13 -11.71 -5.32 -0.69
CA TYR A 13 -10.76 -5.20 0.41
C TYR A 13 -9.70 -6.24 0.25
N SER A 14 -10.12 -7.44 -0.13
CA SER A 14 -9.25 -8.54 -0.40
C SER A 14 -8.25 -8.15 -1.49
N ARG A 15 -8.73 -7.43 -2.49
CA ARG A 15 -7.90 -7.01 -3.61
C ARG A 15 -6.83 -6.02 -3.20
N ILE A 16 -7.19 -5.00 -2.42
CA ILE A 16 -6.18 -4.04 -1.96
C ILE A 16 -5.15 -4.75 -1.04
N SER A 17 -5.66 -5.51 -0.09
CA SER A 17 -4.83 -6.25 0.87
C SER A 17 -3.91 -7.25 0.13
N ASN A 18 -4.45 -7.98 -0.83
CA ASN A 18 -3.67 -8.97 -1.57
C ASN A 18 -2.68 -8.26 -2.47
N LEU A 19 -3.04 -7.08 -2.97
CA LEU A 19 -2.09 -6.25 -3.72
C LEU A 19 -0.82 -6.03 -2.93
N ILE A 20 -1.00 -5.75 -1.64
CA ILE A 20 0.11 -5.56 -0.72
C ILE A 20 0.95 -6.80 -0.64
N VAL A 21 0.30 -7.91 -0.39
CA VAL A 21 1.00 -9.18 -0.24
C VAL A 21 1.72 -9.56 -1.54
N LEU A 22 0.99 -9.53 -2.65
CA LEU A 22 1.50 -9.91 -3.97
C LEU A 22 2.67 -9.05 -4.40
N HIS A 23 2.52 -7.75 -4.32
CA HIS A 23 3.57 -6.87 -4.77
C HIS A 23 4.78 -7.02 -3.89
N LEU A 24 4.57 -7.11 -2.58
CA LEU A 24 5.68 -7.24 -1.64
C LEU A 24 6.43 -8.57 -1.88
N ARG A 25 5.69 -9.68 -1.96
CA ARG A 25 6.31 -11.00 -2.14
C ARG A 25 7.06 -11.07 -3.48
N LYS A 26 6.57 -10.35 -4.47
CA LYS A 26 7.24 -10.28 -5.72
C LYS A 26 8.49 -9.42 -5.66
N VAL A 27 8.39 -8.23 -5.10
CA VAL A 27 9.53 -7.32 -5.04
C VAL A 27 10.69 -7.85 -4.20
N GLU A 28 10.40 -8.57 -3.12
CA GLU A 28 11.48 -9.16 -2.33
C GLU A 28 12.28 -10.17 -3.13
N GLU A 29 11.63 -10.78 -4.09
CA GLU A 29 12.25 -11.76 -4.95
C GLU A 29 12.95 -11.05 -6.14
N GLU A 30 12.20 -10.29 -6.92
CA GLU A 30 12.72 -9.70 -8.15
C GLU A 30 13.54 -8.42 -7.93
N GLU A 31 13.04 -7.53 -7.11
CA GLU A 31 13.77 -6.29 -6.78
C GLU A 31 14.87 -6.62 -5.78
N ASP A 32 14.76 -7.82 -5.19
CA ASP A 32 15.73 -8.39 -4.21
C ASP A 32 15.55 -7.75 -2.83
N GLU A 33 14.54 -6.93 -2.69
CA GLU A 33 14.27 -6.25 -1.50
C GLU A 33 12.81 -5.90 -1.51
N SER A 34 12.23 -6.04 -0.39
CA SER A 34 10.81 -5.80 -0.14
C SER A 34 10.44 -4.28 -0.16
N ALA A 35 11.06 -3.52 -1.03
CA ALA A 35 10.86 -2.10 -1.07
C ALA A 35 9.59 -1.72 -1.81
N LEU A 36 8.93 -0.73 -1.30
CA LEU A 36 7.68 -0.26 -1.79
C LEU A 36 7.78 1.24 -2.07
N LYS A 37 7.03 1.70 -3.05
CA LYS A 37 6.99 3.09 -3.39
C LYS A 37 5.51 3.52 -3.38
N ARG A 38 5.15 4.42 -2.46
CA ARG A 38 3.76 4.81 -2.19
C ARG A 38 2.95 5.20 -3.45
N SER A 39 3.39 6.24 -4.13
CA SER A 39 2.70 6.78 -5.28
C SER A 39 2.58 5.72 -6.37
N GLU A 40 3.67 5.04 -6.59
CA GLU A 40 3.81 4.00 -7.58
C GLU A 40 2.82 2.86 -7.35
N LEU A 41 2.71 2.42 -6.09
CA LEU A 41 1.81 1.34 -5.71
C LEU A 41 0.38 1.67 -6.12
N VAL A 42 -0.05 2.87 -5.76
CA VAL A 42 -1.37 3.33 -6.08
C VAL A 42 -1.48 3.52 -7.59
N ASN A 43 -0.41 4.02 -8.16
CA ASN A 43 -0.32 4.33 -9.59
C ASN A 43 -0.58 3.11 -10.43
N TRP A 44 0.17 2.03 -10.20
CA TRP A 44 -0.02 0.86 -11.02
C TRP A 44 -1.34 0.19 -10.70
N TYR A 45 -1.79 0.34 -9.44
CA TYR A 45 -3.03 -0.27 -9.00
C TYR A 45 -4.16 0.26 -9.85
N LEU A 46 -4.23 1.56 -9.93
CA LEU A 46 -5.24 2.24 -10.70
C LEU A 46 -5.09 1.91 -12.17
N LYS A 47 -3.88 2.05 -12.68
CA LYS A 47 -3.59 1.83 -14.10
C LYS A 47 -3.94 0.43 -14.60
N GLU A 48 -3.73 -0.55 -13.78
CA GLU A 48 -4.05 -1.92 -14.12
C GLU A 48 -5.54 -2.16 -14.07
N ILE A 49 -6.23 -1.57 -13.10
CA ILE A 49 -7.65 -1.82 -12.93
C ILE A 49 -8.50 -0.90 -13.80
N GLU A 50 -7.88 0.10 -14.41
CA GLU A 50 -8.57 1.06 -15.31
C GLU A 50 -9.44 0.38 -16.41
N SER A 51 -9.13 -0.85 -16.71
CA SER A 51 -9.87 -1.64 -17.65
C SER A 51 -11.29 -1.94 -17.14
N GLU A 52 -11.37 -2.32 -15.88
CA GLU A 52 -12.62 -2.73 -15.28
C GLU A 52 -13.34 -1.53 -14.71
N ILE A 53 -12.60 -0.44 -14.59
CA ILE A 53 -13.16 0.77 -14.08
C ILE A 53 -13.93 1.47 -15.17
N ASP A 54 -15.21 1.23 -15.18
CA ASP A 54 -16.12 1.80 -16.16
C ASP A 54 -16.80 3.03 -15.57
N SER A 55 -16.65 3.22 -14.30
CA SER A 55 -17.27 4.29 -13.62
C SER A 55 -16.24 5.06 -12.81
N GLU A 56 -16.24 6.37 -12.95
CA GLU A 56 -15.33 7.28 -12.24
C GLU A 56 -15.43 7.05 -10.72
N GLU A 57 -16.65 6.80 -10.27
CA GLU A 57 -16.94 6.50 -8.87
C GLU A 57 -16.07 5.34 -8.36
N GLU A 58 -15.92 4.32 -9.18
CA GLU A 58 -15.13 3.14 -8.84
C GLU A 58 -13.66 3.48 -8.70
N LEU A 59 -13.17 4.34 -9.59
CA LEU A 59 -11.78 4.76 -9.56
C LEU A 59 -11.52 5.50 -8.27
N ILE A 60 -12.39 6.45 -7.97
CA ILE A 60 -12.32 7.24 -6.74
C ILE A 60 -12.43 6.32 -5.51
N ASN A 61 -13.34 5.37 -5.58
CA ASN A 61 -13.56 4.38 -4.52
C ASN A 61 -12.29 3.61 -4.20
N LYS A 62 -11.68 3.06 -5.23
CA LYS A 62 -10.48 2.28 -5.05
C LYS A 62 -9.36 3.14 -4.48
N LYS A 63 -9.30 4.42 -4.92
CA LYS A 63 -8.32 5.36 -4.39
C LYS A 63 -8.49 5.56 -2.89
N ARG A 64 -9.72 5.70 -2.46
CA ARG A 64 -10.01 5.92 -1.05
C ARG A 64 -9.59 4.74 -0.20
N ILE A 65 -9.76 3.55 -0.73
CA ILE A 65 -9.38 2.36 0.01
C ILE A 65 -7.87 2.15 -0.02
N ILE A 66 -7.26 2.24 -1.21
CA ILE A 66 -5.82 2.03 -1.34
C ILE A 66 -5.06 3.04 -0.46
N GLU A 67 -5.56 4.28 -0.43
CA GLU A 67 -5.01 5.33 0.40
C GLU A 67 -5.17 4.95 1.87
N LYS A 68 -6.39 4.56 2.24
CA LYS A 68 -6.75 4.16 3.62
C LYS A 68 -5.84 3.08 4.15
N VAL A 69 -5.64 2.05 3.35
CA VAL A 69 -4.85 0.91 3.74
C VAL A 69 -3.37 1.30 3.92
N ILE A 70 -2.84 2.09 2.98
CA ILE A 70 -1.43 2.55 3.08
C ILE A 70 -1.29 3.46 4.29
N HIS A 71 -2.24 4.37 4.44
CA HIS A 71 -2.31 5.31 5.54
C HIS A 71 -2.31 4.58 6.86
N ARG A 72 -3.14 3.58 6.96
CA ARG A 72 -3.27 2.83 8.20
C ARG A 72 -1.98 2.07 8.48
N LEU A 73 -1.44 1.50 7.42
CA LEU A 73 -0.23 0.70 7.45
C LEU A 73 0.96 1.49 8.03
N THR A 74 1.11 2.74 7.63
CA THR A 74 2.22 3.56 8.11
C THR A 74 1.86 4.34 9.41
N HIS A 75 0.60 4.68 9.59
CA HIS A 75 0.22 5.52 10.75
C HIS A 75 -0.14 4.72 11.98
N TYR A 76 -1.14 3.88 11.87
CA TYR A 76 -1.68 3.22 13.05
C TYR A 76 -1.02 1.89 13.29
N ASP A 77 -0.74 1.20 12.23
CA ASP A 77 -0.16 -0.13 12.32
C ASP A 77 1.33 -0.10 12.54
N HIS A 78 2.05 0.53 11.61
CA HIS A 78 3.51 0.60 11.63
C HIS A 78 4.04 -0.81 11.44
N VAL A 79 3.41 -1.51 10.51
CA VAL A 79 3.81 -2.88 10.16
C VAL A 79 4.86 -2.81 9.04
N LEU A 80 5.23 -1.60 8.73
CA LEU A 80 6.22 -1.32 7.74
C LEU A 80 7.51 -0.91 8.41
N ILE A 81 8.52 -0.82 7.62
CA ILE A 81 9.79 -0.39 8.03
C ILE A 81 10.10 0.82 7.15
N GLU A 82 10.44 1.91 7.75
CA GLU A 82 10.77 3.11 7.02
C GLU A 82 11.95 3.79 7.69
N LEU A 83 12.79 4.44 6.92
CA LEU A 83 14.00 5.05 7.47
C LEU A 83 13.85 6.55 7.73
N THR A 84 14.26 7.36 6.79
CA THR A 84 14.20 8.79 6.95
C THR A 84 13.02 9.39 6.19
N GLN A 85 12.13 10.04 6.95
CA GLN A 85 10.92 10.70 6.47
C GLN A 85 11.25 11.60 5.28
N ALA A 86 12.35 12.29 5.40
CA ALA A 86 12.85 13.24 4.40
C ALA A 86 12.97 12.65 3.00
N GLY A 87 13.31 11.39 2.91
CA GLY A 87 13.49 10.78 1.63
C GLY A 87 12.32 9.96 1.21
N LEU A 88 11.32 9.88 2.05
CA LEU A 88 10.14 9.10 1.74
C LEU A 88 9.22 10.00 0.94
N LYS A 89 9.04 11.19 1.47
CA LYS A 89 8.29 12.21 0.83
C LYS A 89 9.04 13.51 1.02
N GLY A 90 9.75 13.92 0.01
CA GLY A 90 10.54 15.11 0.07
C GLY A 90 10.83 15.63 -1.29
N SER A 91 9.78 15.86 -2.06
CA SER A 91 9.90 16.33 -3.40
C SER A 91 10.48 17.76 -3.40
N THR A 92 9.91 18.61 -2.58
CA THR A 92 10.38 19.96 -2.45
C THR A 92 10.97 20.16 -1.04
N GLU A 93 10.42 19.46 -0.08
CA GLU A 93 10.89 19.55 1.27
C GLU A 93 11.84 18.41 1.59
N GLY A 94 13.04 18.56 1.10
CA GLY A 94 14.08 17.60 1.31
C GLY A 94 15.34 18.32 1.65
N SER A 95 15.43 18.75 2.88
CA SER A 95 16.53 19.54 3.36
C SER A 95 17.89 18.84 3.21
N GLU A 96 17.98 17.62 3.65
CA GLU A 96 19.19 16.87 3.53
C GLU A 96 19.17 16.02 2.29
N SER A 97 20.26 16.01 1.57
CA SER A 97 20.40 15.19 0.40
C SER A 97 21.74 14.46 0.39
N TYR A 98 22.46 14.55 1.51
CA TYR A 98 23.73 13.87 1.66
C TYR A 98 23.50 12.46 2.18
N GLU A 99 22.34 12.26 2.75
CA GLU A 99 21.97 10.98 3.29
C GLU A 99 21.32 10.17 2.21
N GLU A 100 20.97 8.97 2.51
CA GLU A 100 20.32 8.15 1.57
C GLU A 100 18.84 8.35 1.73
N ASP A 101 18.23 8.80 0.69
CA ASP A 101 16.82 9.02 0.71
C ASP A 101 16.15 7.69 0.41
N PRO A 102 15.43 7.14 1.38
CA PRO A 102 14.92 5.80 1.29
C PRO A 102 13.48 5.70 0.79
N TYR A 103 12.79 4.71 1.29
CA TYR A 103 11.52 4.30 0.79
C TYR A 103 10.83 3.55 1.88
N LEU A 104 9.69 3.03 1.55
CA LEU A 104 8.94 2.24 2.49
C LEU A 104 9.20 0.80 2.16
N VAL A 105 9.16 -0.01 3.14
CA VAL A 105 9.26 -1.44 2.97
C VAL A 105 8.37 -2.08 4.01
N VAL A 106 7.64 -3.10 3.64
CA VAL A 106 6.70 -3.71 4.56
C VAL A 106 6.91 -5.21 4.62
N ASN A 107 6.37 -5.84 5.62
CA ASN A 107 6.42 -7.30 5.77
C ASN A 107 5.38 -7.91 4.82
N PRO A 108 5.69 -9.06 4.18
CA PRO A 108 4.77 -9.74 3.28
C PRO A 108 3.51 -10.25 3.98
N ASN A 109 3.58 -10.38 5.29
CA ASN A 109 2.46 -10.90 6.02
C ASN A 109 1.70 -9.79 6.68
N TYR A 110 0.84 -9.18 5.91
CA TYR A 110 0.01 -8.11 6.36
C TYR A 110 -1.16 -8.70 7.15
N LEU A 111 -1.46 -8.10 8.27
CA LEU A 111 -2.51 -8.60 9.13
C LEU A 111 -3.89 -8.17 8.68
N LEU A 112 -4.87 -8.93 9.07
CA LEU A 112 -6.24 -8.64 8.77
C LEU A 112 -6.93 -8.19 10.04
N GLU A 113 -8.21 -7.92 9.96
CA GLU A 113 -8.97 -7.43 11.09
C GLU A 113 -9.30 -8.54 12.09
N ASP A 114 -10.30 -9.31 11.76
CA ASP A 114 -10.77 -10.38 12.60
C ASP A 114 -11.50 -11.29 11.70
N ALA A 1 -7.83 -14.76 17.48
CA ALA A 1 -7.36 -14.03 16.35
C ALA A 1 -8.10 -12.71 16.32
N PRO A 2 -7.39 -11.59 16.16
CA PRO A 2 -7.99 -10.28 16.20
C PRO A 2 -9.00 -10.05 15.10
N LYS A 3 -10.10 -9.44 15.46
CA LYS A 3 -11.08 -9.08 14.50
C LYS A 3 -10.68 -7.76 13.91
N ALA A 4 -9.85 -7.87 12.90
CA ALA A 4 -9.29 -6.74 12.21
C ALA A 4 -10.35 -5.94 11.48
N SER A 5 -9.94 -4.84 10.91
CA SER A 5 -10.84 -3.95 10.22
C SER A 5 -11.25 -4.50 8.83
N LEU A 6 -11.87 -5.64 8.85
CA LEU A 6 -12.39 -6.27 7.68
C LEU A 6 -13.89 -6.05 7.72
N ARG A 7 -14.61 -6.60 6.80
CA ARG A 7 -16.02 -6.34 6.70
C ARG A 7 -16.64 -7.51 5.94
N LEU A 8 -17.95 -7.64 5.98
CA LEU A 8 -18.60 -8.68 5.16
C LEU A 8 -18.62 -8.20 3.73
N GLY A 9 -18.88 -6.92 3.58
CA GLY A 9 -18.72 -6.27 2.31
C GLY A 9 -17.26 -5.92 2.14
N PHE A 10 -16.46 -6.94 1.91
CA PHE A 10 -15.01 -6.84 1.86
C PHE A 10 -14.50 -7.06 0.44
N SER A 11 -15.42 -7.19 -0.48
CA SER A 11 -15.12 -7.52 -1.87
C SER A 11 -14.12 -6.54 -2.52
N GLU A 12 -14.32 -5.25 -2.33
CA GLU A 12 -13.39 -4.27 -2.87
C GLU A 12 -12.12 -4.22 -2.05
N TYR A 13 -12.27 -4.32 -0.75
CA TYR A 13 -11.13 -4.25 0.16
C TYR A 13 -10.13 -5.37 -0.09
N SER A 14 -10.63 -6.55 -0.44
CA SER A 14 -9.78 -7.66 -0.74
C SER A 14 -9.01 -7.44 -2.04
N ARG A 15 -9.61 -6.72 -3.00
CA ARG A 15 -8.96 -6.43 -4.28
C ARG A 15 -7.78 -5.50 -4.04
N ILE A 16 -8.01 -4.54 -3.20
CA ILE A 16 -7.00 -3.57 -2.84
C ILE A 16 -5.92 -4.21 -1.96
N SER A 17 -6.35 -5.00 -1.00
CA SER A 17 -5.41 -5.71 -0.14
C SER A 17 -4.58 -6.70 -1.00
N ASN A 18 -5.23 -7.22 -2.05
CA ASN A 18 -4.58 -8.10 -3.04
C ASN A 18 -3.44 -7.39 -3.73
N LEU A 19 -3.65 -6.11 -4.07
CA LEU A 19 -2.60 -5.25 -4.62
C LEU A 19 -1.43 -5.30 -3.68
N ILE A 20 -1.71 -5.06 -2.42
CA ILE A 20 -0.70 -5.01 -1.39
C ILE A 20 0.04 -6.30 -1.23
N VAL A 21 -0.68 -7.39 -1.22
CA VAL A 21 -0.06 -8.67 -1.06
C VAL A 21 0.79 -9.00 -2.28
N LEU A 22 0.26 -8.74 -3.47
CA LEU A 22 1.01 -8.96 -4.72
C LEU A 22 2.23 -8.07 -4.80
N HIS A 23 2.07 -6.83 -4.37
CA HIS A 23 3.16 -5.87 -4.33
C HIS A 23 4.24 -6.40 -3.42
N LEU A 24 3.84 -6.83 -2.23
CA LEU A 24 4.77 -7.37 -1.27
C LEU A 24 5.44 -8.62 -1.82
N ARG A 25 4.66 -9.52 -2.40
CA ARG A 25 5.17 -10.74 -3.06
C ARG A 25 6.21 -10.41 -4.12
N LYS A 26 5.98 -9.35 -4.84
CA LYS A 26 6.90 -8.92 -5.85
C LYS A 26 8.15 -8.36 -5.23
N VAL A 27 8.01 -7.44 -4.32
CA VAL A 27 9.15 -6.81 -3.77
C VAL A 27 9.99 -7.72 -2.88
N GLU A 28 9.35 -8.58 -2.10
CA GLU A 28 10.10 -9.47 -1.21
C GLU A 28 10.97 -10.44 -2.00
N GLU A 29 10.46 -10.92 -3.10
CA GLU A 29 11.12 -11.95 -3.83
C GLU A 29 11.98 -11.37 -4.96
N GLU A 30 11.39 -10.50 -5.75
CA GLU A 30 12.00 -10.04 -6.99
C GLU A 30 12.92 -8.85 -6.80
N GLU A 31 12.51 -7.90 -6.00
CA GLU A 31 13.24 -6.65 -5.92
C GLU A 31 14.12 -6.52 -4.69
N ASP A 32 13.63 -7.02 -3.57
CA ASP A 32 14.24 -6.92 -2.22
C ASP A 32 14.06 -5.51 -1.63
N GLU A 33 13.95 -4.54 -2.52
CA GLU A 33 13.64 -3.19 -2.16
C GLU A 33 12.14 -3.07 -1.96
N SER A 34 11.74 -3.41 -0.79
CA SER A 34 10.33 -3.44 -0.39
C SER A 34 9.71 -2.03 -0.21
N ALA A 35 10.48 -1.01 -0.46
CA ALA A 35 10.00 0.34 -0.32
C ALA A 35 9.64 0.93 -1.67
N LEU A 36 8.44 1.45 -1.78
CA LEU A 36 7.95 2.07 -2.99
C LEU A 36 7.15 3.31 -2.57
N LYS A 37 6.38 3.90 -3.47
CA LYS A 37 5.62 5.08 -3.14
C LYS A 37 4.12 4.86 -3.37
N ARG A 38 3.31 5.46 -2.51
CA ARG A 38 1.85 5.22 -2.51
C ARG A 38 1.17 5.73 -3.75
N SER A 39 1.58 6.89 -4.23
CA SER A 39 0.98 7.50 -5.40
C SER A 39 1.19 6.60 -6.62
N GLU A 40 2.36 5.96 -6.66
CA GLU A 40 2.72 5.04 -7.70
C GLU A 40 1.88 3.77 -7.59
N LEU A 41 1.67 3.30 -6.35
CA LEU A 41 0.82 2.12 -6.10
C LEU A 41 -0.55 2.30 -6.69
N VAL A 42 -1.19 3.43 -6.37
CA VAL A 42 -2.52 3.73 -6.87
C VAL A 42 -2.47 3.87 -8.39
N ASN A 43 -1.43 4.54 -8.86
CA ASN A 43 -1.22 4.83 -10.28
C ASN A 43 -1.29 3.55 -11.11
N TRP A 44 -0.43 2.60 -10.81
CA TRP A 44 -0.39 1.37 -11.58
C TRP A 44 -1.62 0.54 -11.33
N TYR A 45 -2.19 0.66 -10.13
CA TYR A 45 -3.34 -0.14 -9.74
C TYR A 45 -4.48 0.14 -10.68
N LEU A 46 -4.78 1.41 -10.84
CA LEU A 46 -5.86 1.86 -11.68
C LEU A 46 -5.61 1.44 -13.10
N LYS A 47 -4.40 1.67 -13.56
CA LYS A 47 -4.03 1.35 -14.94
C LYS A 47 -4.02 -0.16 -15.25
N GLU A 48 -3.66 -0.96 -14.28
CA GLU A 48 -3.56 -2.40 -14.49
C GLU A 48 -4.90 -3.08 -14.45
N ILE A 49 -5.80 -2.60 -13.62
CA ILE A 49 -7.08 -3.28 -13.47
C ILE A 49 -8.20 -2.59 -14.23
N GLU A 50 -7.92 -1.44 -14.82
CA GLU A 50 -8.95 -0.60 -15.47
C GLU A 50 -9.87 -1.32 -16.51
N SER A 51 -9.48 -2.49 -16.95
CA SER A 51 -10.27 -3.28 -17.87
C SER A 51 -11.53 -3.86 -17.18
N GLU A 52 -11.55 -3.89 -15.83
CA GLU A 52 -12.68 -4.45 -15.09
C GLU A 52 -13.74 -3.37 -14.86
N ILE A 53 -13.41 -2.17 -15.22
CA ILE A 53 -14.25 -1.04 -14.95
C ILE A 53 -15.44 -1.01 -15.90
N ASP A 54 -16.54 -1.49 -15.41
CA ASP A 54 -17.80 -1.51 -16.16
C ASP A 54 -18.32 -0.10 -16.36
N SER A 55 -18.15 0.72 -15.35
CA SER A 55 -18.68 2.03 -15.30
C SER A 55 -17.74 2.90 -14.49
N GLU A 56 -17.74 4.21 -14.75
CA GLU A 56 -16.88 5.18 -14.07
C GLU A 56 -17.00 5.06 -12.56
N GLU A 57 -18.22 4.77 -12.09
CA GLU A 57 -18.49 4.57 -10.66
C GLU A 57 -17.61 3.49 -10.04
N GLU A 58 -17.31 2.46 -10.82
CA GLU A 58 -16.47 1.36 -10.36
C GLU A 58 -15.04 1.84 -10.17
N LEU A 59 -14.60 2.70 -11.08
CA LEU A 59 -13.26 3.26 -11.03
C LEU A 59 -13.16 4.21 -9.86
N ILE A 60 -14.16 5.07 -9.72
CA ILE A 60 -14.24 6.02 -8.61
C ILE A 60 -14.21 5.26 -7.28
N ASN A 61 -15.04 4.23 -7.21
CA ASN A 61 -15.09 3.33 -6.04
C ASN A 61 -13.71 2.79 -5.70
N LYS A 62 -13.02 2.33 -6.73
CA LYS A 62 -11.71 1.73 -6.58
C LYS A 62 -10.72 2.74 -6.01
N LYS A 63 -10.80 3.97 -6.54
CA LYS A 63 -9.94 5.06 -6.11
C LYS A 63 -10.21 5.46 -4.66
N ARG A 64 -11.46 5.39 -4.27
CA ARG A 64 -11.83 5.75 -2.90
C ARG A 64 -11.36 4.68 -1.92
N ILE A 65 -11.49 3.43 -2.30
CA ILE A 65 -11.09 2.32 -1.44
C ILE A 65 -9.57 2.32 -1.25
N ILE A 66 -8.83 2.46 -2.36
CA ILE A 66 -7.38 2.47 -2.29
C ILE A 66 -6.89 3.67 -1.44
N GLU A 67 -7.54 4.82 -1.59
CA GLU A 67 -7.24 6.01 -0.81
C GLU A 67 -7.47 5.74 0.68
N LYS A 68 -8.63 5.15 0.99
CA LYS A 68 -8.99 4.84 2.38
C LYS A 68 -8.04 3.88 3.06
N VAL A 69 -7.61 2.84 2.36
CA VAL A 69 -6.72 1.87 2.97
C VAL A 69 -5.32 2.46 3.18
N ILE A 70 -4.87 3.32 2.27
CA ILE A 70 -3.58 3.96 2.41
C ILE A 70 -3.65 4.92 3.58
N HIS A 71 -4.76 5.61 3.69
CA HIS A 71 -5.04 6.49 4.80
C HIS A 71 -4.97 5.71 6.12
N ARG A 72 -5.67 4.58 6.16
CA ARG A 72 -5.68 3.70 7.33
C ARG A 72 -4.26 3.25 7.68
N LEU A 73 -3.56 2.80 6.67
CA LEU A 73 -2.22 2.27 6.77
C LEU A 73 -1.27 3.30 7.40
N THR A 74 -1.30 4.51 6.91
CA THR A 74 -0.37 5.54 7.31
C THR A 74 -0.78 6.24 8.61
N HIS A 75 -2.07 6.32 8.87
CA HIS A 75 -2.54 7.12 10.00
C HIS A 75 -2.97 6.30 11.19
N TYR A 76 -3.66 5.21 10.96
CA TYR A 76 -4.16 4.43 12.07
C TYR A 76 -3.21 3.31 12.41
N ASP A 77 -2.76 2.61 11.39
CA ASP A 77 -1.90 1.45 11.56
C ASP A 77 -0.47 1.79 11.89
N HIS A 78 0.20 2.54 11.01
CA HIS A 78 1.64 2.83 11.12
C HIS A 78 2.42 1.55 10.88
N VAL A 79 1.85 0.71 10.01
CA VAL A 79 2.39 -0.59 9.64
C VAL A 79 3.41 -0.38 8.51
N LEU A 80 3.51 0.86 8.10
CA LEU A 80 4.47 1.25 7.13
C LEU A 80 5.75 1.64 7.83
N ILE A 81 6.83 1.43 7.17
CA ILE A 81 8.11 1.80 7.66
C ILE A 81 8.65 2.89 6.77
N GLU A 82 8.97 3.99 7.34
CA GLU A 82 9.56 5.09 6.63
C GLU A 82 10.93 5.36 7.20
N LEU A 83 11.93 5.39 6.36
CA LEU A 83 13.30 5.59 6.80
C LEU A 83 13.57 7.05 7.02
N THR A 84 14.18 7.36 8.11
CA THR A 84 14.49 8.70 8.51
C THR A 84 15.62 9.30 7.65
N GLN A 85 15.22 9.88 6.54
CA GLN A 85 16.14 10.50 5.61
C GLN A 85 16.12 12.01 5.79
N ALA A 86 15.02 12.51 6.38
CA ALA A 86 14.79 13.94 6.64
C ALA A 86 14.48 14.74 5.37
N GLY A 87 14.20 14.02 4.32
CA GLY A 87 13.78 14.60 3.08
C GLY A 87 12.48 13.97 2.70
N LEU A 88 11.81 13.47 3.71
CA LEU A 88 10.59 12.77 3.57
C LEU A 88 9.84 12.87 4.87
N LYS A 89 8.56 13.05 4.75
CA LYS A 89 7.58 13.09 5.82
C LYS A 89 7.98 14.00 7.01
N GLY A 90 8.69 13.48 7.98
CA GLY A 90 9.06 14.27 9.13
C GLY A 90 10.03 13.55 10.02
N SER A 91 11.20 13.27 9.50
CA SER A 91 12.23 12.60 10.23
C SER A 91 12.93 13.61 11.16
N THR A 92 13.43 13.16 12.30
CA THR A 92 14.19 14.04 13.16
C THR A 92 15.64 13.98 12.67
N GLU A 93 16.16 12.78 12.56
CA GLU A 93 17.49 12.56 12.06
C GLU A 93 17.34 12.16 10.61
N GLY A 94 18.31 12.47 9.81
CA GLY A 94 18.26 12.15 8.42
C GLY A 94 19.61 11.85 7.89
N SER A 95 19.94 12.47 6.75
CA SER A 95 21.20 12.29 6.02
C SER A 95 21.45 10.81 5.67
N GLU A 96 22.69 10.46 5.29
CA GLU A 96 23.09 9.08 4.99
C GLU A 96 22.28 8.51 3.85
N SER A 97 22.08 9.33 2.86
CA SER A 97 21.32 8.98 1.67
C SER A 97 22.16 8.16 0.67
N TYR A 98 23.03 7.29 1.21
CA TYR A 98 23.84 6.40 0.40
C TYR A 98 22.98 5.21 -0.04
N GLU A 99 21.84 5.07 0.59
CA GLU A 99 20.89 4.07 0.23
C GLU A 99 19.92 4.61 -0.80
N GLU A 100 19.04 3.78 -1.28
CA GLU A 100 18.11 4.20 -2.32
C GLU A 100 16.88 4.87 -1.75
N ASP A 101 16.18 5.58 -2.61
CA ASP A 101 15.00 6.36 -2.28
C ASP A 101 13.85 5.44 -1.81
N PRO A 102 13.57 5.39 -0.50
CA PRO A 102 12.64 4.43 0.07
C PRO A 102 11.17 4.90 0.16
N TYR A 103 10.91 5.81 1.09
CA TYR A 103 9.59 6.32 1.40
C TYR A 103 8.71 5.32 2.14
N LEU A 104 8.03 4.42 1.44
CA LEU A 104 7.07 3.56 2.10
C LEU A 104 7.29 2.08 1.84
N VAL A 105 7.52 1.37 2.90
CA VAL A 105 7.59 -0.09 2.88
C VAL A 105 6.55 -0.63 3.87
N VAL A 106 5.85 -1.69 3.52
CA VAL A 106 4.76 -2.20 4.33
C VAL A 106 5.13 -3.50 5.06
N ASN A 107 4.77 -3.57 6.33
CA ASN A 107 4.95 -4.77 7.15
C ASN A 107 3.78 -5.73 6.90
N PRO A 108 4.07 -7.04 6.76
CA PRO A 108 3.05 -8.11 6.60
C PRO A 108 1.90 -8.12 7.66
N ASN A 109 1.94 -7.26 8.67
CA ASN A 109 0.85 -7.25 9.67
C ASN A 109 -0.34 -6.42 9.18
N TYR A 110 -0.23 -5.84 8.01
CA TYR A 110 -1.26 -4.97 7.46
C TYR A 110 -2.35 -5.74 6.74
N LEU A 111 -1.93 -6.37 5.69
CA LEU A 111 -2.76 -7.06 4.74
C LEU A 111 -3.54 -8.23 5.34
N LEU A 112 -4.29 -8.90 4.51
CA LEU A 112 -5.16 -9.94 4.98
C LEU A 112 -4.44 -11.26 5.18
N GLU A 113 -4.87 -11.96 6.18
CA GLU A 113 -4.36 -13.27 6.48
C GLU A 113 -5.39 -14.28 6.01
N ASP A 114 -6.60 -14.09 6.48
CA ASP A 114 -7.70 -14.94 6.07
C ASP A 114 -8.40 -14.29 4.89
N ALA A 1 -15.99 -4.78 17.00
CA ALA A 1 -16.43 -3.88 15.94
C ALA A 1 -17.63 -4.52 15.20
N PRO A 2 -18.71 -3.74 14.99
CA PRO A 2 -19.97 -4.24 14.38
C PRO A 2 -19.87 -4.52 12.86
N LYS A 3 -18.68 -4.86 12.42
CA LYS A 3 -18.44 -5.14 11.03
C LYS A 3 -17.74 -6.48 10.90
N ALA A 4 -17.77 -7.25 11.99
CA ALA A 4 -17.05 -8.53 12.09
C ALA A 4 -17.58 -9.57 11.09
N SER A 5 -17.06 -9.49 9.89
CA SER A 5 -17.39 -10.38 8.80
C SER A 5 -16.42 -10.09 7.64
N LEU A 6 -15.20 -9.59 7.99
CA LEU A 6 -14.22 -9.18 7.00
C LEU A 6 -13.63 -10.42 6.34
N ARG A 7 -14.31 -10.84 5.28
CA ARG A 7 -13.98 -11.98 4.46
C ARG A 7 -15.07 -12.13 3.42
N LEU A 8 -16.28 -11.78 3.82
CA LEU A 8 -17.44 -11.82 2.94
C LEU A 8 -17.98 -10.42 2.78
N GLY A 9 -18.26 -10.04 1.56
CA GLY A 9 -18.70 -8.69 1.29
C GLY A 9 -17.52 -7.74 1.26
N PHE A 10 -16.36 -8.30 1.07
CA PHE A 10 -15.11 -7.57 1.06
C PHE A 10 -14.28 -7.99 -0.15
N SER A 11 -14.97 -8.15 -1.27
CA SER A 11 -14.36 -8.54 -2.54
C SER A 11 -13.30 -7.53 -2.94
N GLU A 12 -13.60 -6.27 -2.70
CA GLU A 12 -12.71 -5.19 -3.07
C GLU A 12 -11.48 -5.25 -2.20
N TYR A 13 -11.68 -5.32 -0.89
CA TYR A 13 -10.57 -5.44 0.05
C TYR A 13 -9.70 -6.64 -0.30
N SER A 14 -10.33 -7.74 -0.65
CA SER A 14 -9.65 -8.95 -1.01
C SER A 14 -8.75 -8.72 -2.24
N ARG A 15 -9.27 -8.02 -3.23
CA ARG A 15 -8.54 -7.69 -4.45
C ARG A 15 -7.31 -6.81 -4.11
N ILE A 16 -7.55 -5.76 -3.35
CA ILE A 16 -6.49 -4.83 -2.95
C ILE A 16 -5.42 -5.50 -2.06
N SER A 17 -5.86 -6.24 -1.07
CA SER A 17 -4.93 -6.95 -0.17
C SER A 17 -4.10 -7.98 -0.95
N ASN A 18 -4.70 -8.53 -1.99
CA ASN A 18 -4.04 -9.49 -2.85
C ASN A 18 -2.93 -8.77 -3.62
N LEU A 19 -3.18 -7.49 -3.99
CA LEU A 19 -2.13 -6.66 -4.59
C LEU A 19 -0.95 -6.57 -3.66
N ILE A 20 -1.25 -6.38 -2.38
CA ILE A 20 -0.23 -6.26 -1.36
C ILE A 20 0.67 -7.49 -1.32
N VAL A 21 0.06 -8.64 -1.23
CA VAL A 21 0.83 -9.87 -1.17
C VAL A 21 1.55 -10.15 -2.51
N LEU A 22 0.85 -9.99 -3.62
CA LEU A 22 1.42 -10.23 -4.95
C LEU A 22 2.55 -9.28 -5.29
N HIS A 23 2.37 -8.02 -5.01
CA HIS A 23 3.35 -7.03 -5.34
C HIS A 23 4.57 -7.17 -4.45
N LEU A 24 4.36 -7.37 -3.16
CA LEU A 24 5.49 -7.52 -2.26
C LEU A 24 6.26 -8.81 -2.57
N ARG A 25 5.54 -9.89 -2.89
CA ARG A 25 6.20 -11.16 -3.17
C ARG A 25 7.06 -11.09 -4.42
N LYS A 26 6.62 -10.31 -5.42
CA LYS A 26 7.49 -10.12 -6.57
C LYS A 26 8.64 -9.22 -6.20
N VAL A 27 8.36 -8.18 -5.43
CA VAL A 27 9.36 -7.23 -4.95
C VAL A 27 10.55 -7.92 -4.26
N GLU A 28 10.29 -8.85 -3.38
CA GLU A 28 11.36 -9.55 -2.67
C GLU A 28 12.12 -10.50 -3.61
N GLU A 29 11.39 -10.98 -4.60
CA GLU A 29 11.94 -11.87 -5.60
C GLU A 29 12.88 -11.07 -6.53
N GLU A 30 12.38 -9.93 -6.97
CA GLU A 30 13.06 -9.03 -7.89
C GLU A 30 14.25 -8.32 -7.25
N GLU A 31 14.00 -7.64 -6.14
CA GLU A 31 15.00 -6.76 -5.54
C GLU A 31 15.15 -6.98 -4.06
N ASP A 32 14.01 -6.98 -3.37
CA ASP A 32 13.91 -6.93 -1.91
C ASP A 32 14.23 -5.53 -1.46
N GLU A 33 13.21 -4.87 -0.94
CA GLU A 33 13.24 -3.48 -0.51
C GLU A 33 13.38 -2.58 -1.71
N SER A 34 12.55 -2.86 -2.71
CA SER A 34 12.48 -2.07 -3.94
C SER A 34 12.20 -0.61 -3.64
N ALA A 35 11.50 -0.40 -2.50
CA ALA A 35 11.13 0.92 -2.00
C ALA A 35 10.11 1.56 -2.91
N LEU A 36 8.90 1.53 -2.46
CA LEU A 36 7.78 1.91 -3.24
C LEU A 36 7.25 3.24 -2.73
N LYS A 37 6.16 3.67 -3.29
CA LYS A 37 5.50 4.87 -2.86
C LYS A 37 4.03 4.65 -2.95
N ARG A 38 3.30 5.20 -2.00
CA ARG A 38 1.85 5.02 -1.94
C ARG A 38 1.16 5.56 -3.18
N SER A 39 1.65 6.70 -3.67
CA SER A 39 1.09 7.31 -4.85
C SER A 39 1.29 6.39 -6.05
N GLU A 40 2.46 5.77 -6.09
CA GLU A 40 2.86 4.84 -7.13
C GLU A 40 2.03 3.58 -7.08
N LEU A 41 1.79 3.07 -5.88
CA LEU A 41 0.99 1.86 -5.69
C LEU A 41 -0.40 2.05 -6.27
N VAL A 42 -1.03 3.14 -5.87
CA VAL A 42 -2.36 3.45 -6.37
C VAL A 42 -2.31 3.70 -7.88
N ASN A 43 -1.27 4.41 -8.30
CA ASN A 43 -1.03 4.78 -9.70
C ASN A 43 -1.07 3.57 -10.62
N TRP A 44 -0.18 2.61 -10.39
CA TRP A 44 -0.08 1.46 -11.26
C TRP A 44 -1.33 0.60 -11.13
N TYR A 45 -1.94 0.63 -9.96
CA TYR A 45 -3.12 -0.17 -9.67
C TYR A 45 -4.27 0.27 -10.53
N LEU A 46 -4.50 1.57 -10.55
CA LEU A 46 -5.58 2.16 -11.32
C LEU A 46 -5.40 1.85 -12.79
N LYS A 47 -4.17 1.93 -13.25
CA LYS A 47 -3.82 1.62 -14.64
C LYS A 47 -4.02 0.14 -15.03
N GLU A 48 -4.03 -0.72 -14.04
CA GLU A 48 -4.26 -2.14 -14.27
C GLU A 48 -5.76 -2.42 -14.30
N ILE A 49 -6.45 -1.84 -13.35
CA ILE A 49 -7.88 -2.07 -13.19
C ILE A 49 -8.71 -1.21 -14.13
N GLU A 50 -8.08 -0.31 -14.85
CA GLU A 50 -8.82 0.58 -15.75
C GLU A 50 -9.50 -0.16 -16.92
N SER A 51 -9.26 -1.46 -17.00
CA SER A 51 -9.91 -2.32 -17.95
C SER A 51 -11.38 -2.56 -17.53
N GLU A 52 -11.65 -2.55 -16.22
CA GLU A 52 -12.99 -2.83 -15.69
C GLU A 52 -13.71 -1.55 -15.31
N ILE A 53 -13.05 -0.44 -15.53
CA ILE A 53 -13.60 0.83 -15.14
C ILE A 53 -14.45 1.36 -16.24
N ASP A 54 -15.71 1.08 -16.15
CA ASP A 54 -16.67 1.57 -17.12
C ASP A 54 -17.15 2.95 -16.72
N SER A 55 -17.04 3.24 -15.44
CA SER A 55 -17.51 4.47 -14.89
C SER A 55 -16.52 4.95 -13.85
N GLU A 56 -16.45 6.26 -13.66
CA GLU A 56 -15.56 6.86 -12.69
C GLU A 56 -15.84 6.34 -11.28
N GLU A 57 -17.11 6.08 -10.99
CA GLU A 57 -17.49 5.53 -9.68
C GLU A 57 -16.75 4.23 -9.35
N GLU A 58 -16.56 3.40 -10.35
CA GLU A 58 -15.85 2.12 -10.20
C GLU A 58 -14.40 2.38 -9.81
N LEU A 59 -13.83 3.40 -10.43
CA LEU A 59 -12.46 3.80 -10.19
C LEU A 59 -12.34 4.34 -8.78
N ILE A 60 -13.30 5.17 -8.41
CA ILE A 60 -13.36 5.76 -7.07
C ILE A 60 -13.46 4.65 -6.01
N ASN A 61 -14.32 3.67 -6.27
CA ASN A 61 -14.49 2.50 -5.39
C ASN A 61 -13.16 1.82 -5.12
N LYS A 62 -12.47 1.47 -6.19
CA LYS A 62 -11.25 0.70 -6.07
C LYS A 62 -10.12 1.57 -5.54
N LYS A 63 -10.19 2.87 -5.84
CA LYS A 63 -9.22 3.84 -5.35
C LYS A 63 -9.39 4.02 -3.85
N ARG A 64 -10.63 4.13 -3.42
CA ARG A 64 -10.94 4.38 -2.02
C ARG A 64 -10.51 3.19 -1.17
N ILE A 65 -10.61 2.00 -1.73
CA ILE A 65 -10.20 0.81 -1.00
C ILE A 65 -8.67 0.73 -0.94
N ILE A 66 -8.01 1.00 -2.08
CA ILE A 66 -6.55 0.91 -2.12
C ILE A 66 -5.92 1.95 -1.17
N GLU A 67 -6.45 3.17 -1.14
CA GLU A 67 -5.93 4.19 -0.24
C GLU A 67 -6.23 3.85 1.22
N LYS A 68 -7.39 3.22 1.46
CA LYS A 68 -7.79 2.80 2.81
C LYS A 68 -6.79 1.78 3.36
N VAL A 69 -6.47 0.81 2.53
CA VAL A 69 -5.54 -0.25 2.88
C VAL A 69 -4.14 0.30 3.12
N ILE A 70 -3.70 1.21 2.24
CA ILE A 70 -2.40 1.87 2.40
C ILE A 70 -2.39 2.69 3.70
N HIS A 71 -3.49 3.39 3.95
CA HIS A 71 -3.63 4.17 5.16
C HIS A 71 -3.56 3.27 6.40
N ARG A 72 -4.30 2.16 6.38
CA ARG A 72 -4.36 1.29 7.54
C ARG A 72 -2.98 0.73 7.83
N LEU A 73 -2.30 0.38 6.75
CA LEU A 73 -0.93 -0.10 6.76
C LEU A 73 -0.01 0.84 7.54
N THR A 74 -0.08 2.09 7.20
CA THR A 74 0.80 3.09 7.75
C THR A 74 0.36 3.55 9.15
N HIS A 75 -0.90 3.35 9.50
CA HIS A 75 -1.43 3.93 10.72
C HIS A 75 -1.66 2.91 11.83
N TYR A 76 -2.15 1.75 11.49
CA TYR A 76 -2.52 0.76 12.51
C TYR A 76 -1.58 -0.43 12.49
N ASP A 77 -1.48 -1.07 11.32
CA ASP A 77 -0.69 -2.30 11.11
C ASP A 77 0.74 -2.14 11.52
N HIS A 78 1.35 -1.03 11.10
CA HIS A 78 2.73 -0.68 11.44
C HIS A 78 3.71 -1.69 10.79
N VAL A 79 3.26 -2.35 9.73
CA VAL A 79 4.11 -3.30 9.02
C VAL A 79 4.75 -2.62 7.81
N LEU A 80 4.77 -1.29 7.86
CA LEU A 80 5.36 -0.51 6.81
C LEU A 80 6.82 -0.26 7.14
N ILE A 81 7.65 -0.22 6.14
CA ILE A 81 9.00 0.18 6.32
C ILE A 81 9.12 1.51 5.63
N GLU A 82 9.47 2.52 6.34
CA GLU A 82 9.66 3.79 5.73
C GLU A 82 11.11 4.17 5.71
N LEU A 83 11.66 4.08 4.55
CA LEU A 83 13.07 4.29 4.37
C LEU A 83 13.40 5.76 4.46
N THR A 84 14.48 6.05 5.15
CA THR A 84 14.92 7.39 5.41
C THR A 84 15.34 8.10 4.13
N GLN A 85 14.45 9.00 3.70
CA GLN A 85 14.50 9.78 2.44
C GLN A 85 15.88 10.34 2.06
N ALA A 86 16.70 10.66 3.01
CA ALA A 86 18.00 11.19 2.74
C ALA A 86 19.06 10.13 2.97
N GLY A 87 19.12 9.62 4.18
CA GLY A 87 20.07 8.58 4.51
C GLY A 87 19.65 7.20 4.04
N LEU A 88 19.27 7.11 2.79
CA LEU A 88 18.91 5.84 2.18
C LEU A 88 20.15 4.98 2.07
N LYS A 89 21.26 5.64 1.82
CA LYS A 89 22.55 5.04 1.86
C LYS A 89 23.40 5.88 2.78
N GLY A 90 23.65 5.38 3.97
CA GLY A 90 24.38 6.14 4.96
C GLY A 90 23.49 7.17 5.60
N SER A 91 24.02 8.32 5.92
CA SER A 91 23.26 9.41 6.44
C SER A 91 23.59 10.63 5.60
N THR A 92 22.58 11.27 5.08
CA THR A 92 22.77 12.39 4.16
C THR A 92 21.66 13.42 4.46
N GLU A 93 21.33 13.50 5.72
CA GLU A 93 20.24 14.31 6.23
C GLU A 93 20.49 15.81 6.05
N GLY A 94 19.97 16.35 4.99
CA GLY A 94 20.01 17.79 4.76
C GLY A 94 18.61 18.33 4.83
N SER A 95 17.71 17.41 4.94
CA SER A 95 16.32 17.64 5.04
C SER A 95 15.94 17.79 6.51
N GLU A 96 14.68 18.04 6.77
CA GLU A 96 14.21 18.01 8.13
C GLU A 96 13.70 16.60 8.40
N SER A 97 13.34 15.94 7.30
CA SER A 97 13.03 14.52 7.24
C SER A 97 11.64 14.19 7.80
N TYR A 98 10.83 15.21 7.99
CA TYR A 98 9.47 15.01 8.40
C TYR A 98 8.55 15.54 7.29
N GLU A 99 9.09 16.46 6.51
CA GLU A 99 8.36 17.12 5.47
C GLU A 99 8.67 16.53 4.13
N GLU A 100 8.11 15.40 3.94
CA GLU A 100 8.34 14.58 2.76
C GLU A 100 7.59 13.27 2.91
N ASP A 101 7.30 12.67 1.80
CA ASP A 101 6.77 11.34 1.77
C ASP A 101 7.94 10.45 1.43
N PRO A 102 8.35 9.59 2.36
CA PRO A 102 9.53 8.74 2.16
C PRO A 102 9.22 7.56 1.22
N TYR A 103 10.04 6.55 1.27
CA TYR A 103 9.77 5.38 0.50
C TYR A 103 9.06 4.39 1.36
N LEU A 104 7.93 3.97 0.88
CA LEU A 104 7.06 3.10 1.60
C LEU A 104 7.27 1.67 1.14
N VAL A 105 7.60 0.83 2.05
CA VAL A 105 7.76 -0.56 1.78
C VAL A 105 6.80 -1.29 2.72
N VAL A 106 6.34 -2.45 2.36
CA VAL A 106 5.42 -3.17 3.21
C VAL A 106 5.96 -4.56 3.52
N ASN A 107 5.82 -4.96 4.74
CA ASN A 107 6.16 -6.32 5.13
C ASN A 107 4.96 -7.22 4.92
N PRO A 108 5.17 -8.47 4.44
CA PRO A 108 4.07 -9.43 4.10
C PRO A 108 3.33 -9.95 5.34
N ASN A 109 3.74 -9.41 6.46
CA ASN A 109 3.19 -9.66 7.78
C ASN A 109 1.74 -9.24 7.80
N TYR A 110 1.48 -8.20 6.99
CA TYR A 110 0.17 -7.53 6.80
C TYR A 110 -0.99 -8.49 6.95
N LEU A 111 -1.83 -8.16 7.86
CA LEU A 111 -2.90 -9.01 8.31
C LEU A 111 -4.27 -8.45 7.94
N LEU A 112 -5.30 -9.00 8.52
CA LEU A 112 -6.63 -8.50 8.35
C LEU A 112 -6.95 -7.65 9.55
N GLU A 113 -7.70 -6.60 9.34
CA GLU A 113 -8.10 -5.70 10.41
C GLU A 113 -8.97 -6.43 11.44
N ASP A 114 -10.17 -6.80 11.02
CA ASP A 114 -11.11 -7.55 11.83
C ASP A 114 -12.28 -7.84 10.97
N ALA A 1 -14.93 -9.44 19.09
CA ALA A 1 -13.89 -8.64 18.52
C ALA A 1 -14.36 -7.19 18.53
N PRO A 2 -13.49 -6.24 18.96
CA PRO A 2 -13.82 -4.80 19.01
C PRO A 2 -14.36 -4.33 17.66
N LYS A 3 -13.72 -4.78 16.63
CA LYS A 3 -14.10 -4.55 15.28
C LYS A 3 -13.37 -5.57 14.45
N ALA A 4 -14.03 -6.17 13.52
CA ALA A 4 -13.40 -7.15 12.67
C ALA A 4 -13.62 -6.74 11.24
N SER A 5 -12.66 -7.02 10.40
CA SER A 5 -12.79 -6.69 9.03
C SER A 5 -13.36 -7.91 8.32
N LEU A 6 -13.67 -7.78 7.03
CA LEU A 6 -14.27 -8.88 6.24
C LEU A 6 -15.68 -9.24 6.75
N ARG A 7 -16.21 -8.40 7.61
CA ARG A 7 -17.53 -8.59 8.19
C ARG A 7 -18.53 -7.75 7.38
N LEU A 8 -18.06 -7.30 6.26
CA LEU A 8 -18.78 -6.47 5.34
C LEU A 8 -18.47 -6.94 3.94
N GLY A 9 -18.97 -6.23 2.94
CA GLY A 9 -18.66 -6.55 1.56
C GLY A 9 -17.22 -6.20 1.26
N PHE A 10 -16.35 -7.16 1.37
CA PHE A 10 -14.93 -6.92 1.26
C PHE A 10 -14.39 -7.32 -0.09
N SER A 11 -15.27 -7.45 -1.06
CA SER A 11 -14.91 -7.87 -2.41
C SER A 11 -13.79 -6.97 -3.00
N GLU A 12 -13.85 -5.67 -2.73
CA GLU A 12 -12.83 -4.73 -3.20
C GLU A 12 -11.55 -4.91 -2.42
N TYR A 13 -11.69 -5.24 -1.16
CA TYR A 13 -10.56 -5.41 -0.27
C TYR A 13 -9.72 -6.60 -0.65
N SER A 14 -10.34 -7.64 -1.14
CA SER A 14 -9.62 -8.81 -1.63
C SER A 14 -8.75 -8.43 -2.84
N ARG A 15 -9.26 -7.50 -3.64
CA ARG A 15 -8.55 -7.02 -4.84
C ARG A 15 -7.35 -6.17 -4.43
N ILE A 16 -7.56 -5.33 -3.46
CA ILE A 16 -6.50 -4.47 -2.94
C ILE A 16 -5.45 -5.29 -2.17
N SER A 17 -5.92 -6.18 -1.33
CA SER A 17 -5.03 -7.09 -0.60
C SER A 17 -4.24 -7.96 -1.58
N ASN A 18 -4.87 -8.29 -2.72
CA ASN A 18 -4.21 -9.02 -3.81
C ASN A 18 -3.01 -8.23 -4.27
N LEU A 19 -3.19 -6.90 -4.44
CA LEU A 19 -2.09 -6.01 -4.77
C LEU A 19 -0.99 -6.11 -3.76
N ILE A 20 -1.35 -6.14 -2.48
CA ILE A 20 -0.36 -6.22 -1.40
C ILE A 20 0.49 -7.47 -1.49
N VAL A 21 -0.16 -8.56 -1.73
CA VAL A 21 0.52 -9.83 -1.84
C VAL A 21 1.42 -9.83 -3.09
N LEU A 22 0.82 -9.44 -4.22
CA LEU A 22 1.54 -9.36 -5.51
C LEU A 22 2.70 -8.40 -5.46
N HIS A 23 2.47 -7.28 -4.80
CA HIS A 23 3.46 -6.24 -4.61
C HIS A 23 4.69 -6.79 -3.95
N LEU A 24 4.53 -7.37 -2.78
CA LEU A 24 5.67 -7.83 -2.03
C LEU A 24 6.46 -8.90 -2.76
N ARG A 25 5.77 -9.91 -3.29
CA ARG A 25 6.43 -10.99 -4.01
C ARG A 25 7.19 -10.47 -5.25
N LYS A 26 6.66 -9.45 -5.88
CA LYS A 26 7.32 -8.81 -7.00
C LYS A 26 8.53 -7.98 -6.53
N VAL A 27 8.30 -7.13 -5.54
CA VAL A 27 9.29 -6.20 -5.04
C VAL A 27 10.52 -6.91 -4.48
N GLU A 28 10.30 -7.99 -3.72
CA GLU A 28 11.41 -8.74 -3.15
C GLU A 28 12.27 -9.35 -4.25
N GLU A 29 11.65 -9.76 -5.32
CA GLU A 29 12.33 -10.40 -6.40
C GLU A 29 13.08 -9.39 -7.25
N GLU A 30 12.40 -8.33 -7.65
CA GLU A 30 13.00 -7.36 -8.53
C GLU A 30 13.83 -6.32 -7.79
N GLU A 31 13.21 -5.56 -6.93
CA GLU A 31 13.86 -4.44 -6.29
C GLU A 31 14.71 -4.88 -5.11
N ASP A 32 14.42 -6.07 -4.58
CA ASP A 32 15.16 -6.74 -3.48
C ASP A 32 14.95 -6.09 -2.11
N GLU A 33 15.09 -4.78 -2.07
CA GLU A 33 15.07 -3.98 -0.84
C GLU A 33 13.72 -3.95 -0.12
N SER A 34 12.74 -4.64 -0.70
CA SER A 34 11.43 -4.93 -0.12
C SER A 34 10.52 -3.69 0.02
N ALA A 35 11.04 -2.54 -0.28
CA ALA A 35 10.29 -1.31 -0.12
C ALA A 35 10.07 -0.63 -1.46
N LEU A 36 8.93 0.00 -1.62
CA LEU A 36 8.59 0.72 -2.83
C LEU A 36 7.87 2.01 -2.44
N LYS A 37 7.74 2.96 -3.35
CA LYS A 37 7.08 4.23 -3.06
C LYS A 37 5.56 3.99 -2.90
N ARG A 38 4.98 4.51 -1.82
CA ARG A 38 3.56 4.28 -1.50
C ARG A 38 2.60 4.84 -2.55
N SER A 39 2.86 6.03 -3.04
CA SER A 39 2.00 6.64 -4.05
C SER A 39 2.07 5.84 -5.37
N GLU A 40 3.19 5.20 -5.59
CA GLU A 40 3.43 4.43 -6.78
C GLU A 40 2.57 3.18 -6.79
N LEU A 41 2.27 2.64 -5.60
CA LEU A 41 1.43 1.44 -5.46
C LEU A 41 0.09 1.65 -6.14
N VAL A 42 -0.61 2.69 -5.70
CA VAL A 42 -1.89 3.03 -6.28
C VAL A 42 -1.72 3.45 -7.74
N ASN A 43 -0.64 4.15 -8.02
CA ASN A 43 -0.29 4.61 -9.39
C ASN A 43 -0.33 3.45 -10.40
N TRP A 44 0.50 2.43 -10.18
CA TRP A 44 0.54 1.33 -11.12
C TRP A 44 -0.74 0.53 -11.08
N TYR A 45 -1.38 0.51 -9.91
CA TYR A 45 -2.60 -0.26 -9.70
C TYR A 45 -3.71 0.26 -10.58
N LEU A 46 -3.85 1.57 -10.59
CA LEU A 46 -4.88 2.23 -11.35
C LEU A 46 -4.65 2.04 -12.81
N LYS A 47 -3.41 2.13 -13.19
CA LYS A 47 -3.05 2.11 -14.62
C LYS A 47 -3.22 0.74 -15.19
N GLU A 48 -3.10 -0.18 -14.32
CA GLU A 48 -3.29 -1.54 -14.57
C GLU A 48 -4.81 -1.86 -14.65
N ILE A 49 -5.57 -1.47 -13.63
CA ILE A 49 -6.99 -1.80 -13.53
C ILE A 49 -7.82 -1.05 -14.55
N GLU A 50 -7.26 -0.05 -15.18
CA GLU A 50 -7.94 0.71 -16.22
C GLU A 50 -8.47 -0.19 -17.35
N SER A 51 -7.93 -1.38 -17.47
CA SER A 51 -8.38 -2.34 -18.44
C SER A 51 -9.76 -2.96 -18.02
N GLU A 52 -10.02 -3.06 -16.72
CA GLU A 52 -11.28 -3.68 -16.24
C GLU A 52 -12.34 -2.61 -16.00
N ILE A 53 -11.92 -1.36 -16.03
CA ILE A 53 -12.80 -0.27 -15.72
C ILE A 53 -13.77 0.01 -16.85
N ASP A 54 -14.99 -0.40 -16.64
CA ASP A 54 -16.08 -0.08 -17.56
C ASP A 54 -16.75 1.20 -17.15
N SER A 55 -16.68 1.48 -15.88
CA SER A 55 -17.37 2.59 -15.32
C SER A 55 -16.41 3.34 -14.44
N GLU A 56 -16.37 4.66 -14.57
CA GLU A 56 -15.46 5.51 -13.80
C GLU A 56 -15.66 5.31 -12.29
N GLU A 57 -16.88 4.98 -11.89
CA GLU A 57 -17.22 4.67 -10.50
C GLU A 57 -16.33 3.56 -9.95
N GLU A 58 -16.09 2.54 -10.77
CA GLU A 58 -15.22 1.41 -10.42
C GLU A 58 -13.82 1.91 -10.12
N LEU A 59 -13.35 2.80 -10.98
CA LEU A 59 -12.02 3.36 -10.87
C LEU A 59 -11.91 4.20 -9.60
N ILE A 60 -12.89 5.07 -9.38
CA ILE A 60 -12.94 5.93 -8.22
C ILE A 60 -12.97 5.09 -6.94
N ASN A 61 -13.83 4.09 -6.91
CA ASN A 61 -13.94 3.20 -5.77
C ASN A 61 -12.63 2.46 -5.51
N LYS A 62 -12.07 1.91 -6.56
CA LYS A 62 -10.87 1.11 -6.45
C LYS A 62 -9.73 1.97 -5.92
N LYS A 63 -9.61 3.19 -6.45
CA LYS A 63 -8.59 4.12 -5.99
C LYS A 63 -8.86 4.52 -4.55
N ARG A 64 -10.12 4.70 -4.23
CA ARG A 64 -10.55 5.04 -2.90
C ARG A 64 -10.11 3.97 -1.90
N ILE A 65 -10.35 2.70 -2.24
CA ILE A 65 -10.00 1.58 -1.36
C ILE A 65 -8.48 1.49 -1.20
N ILE A 66 -7.76 1.51 -2.31
CA ILE A 66 -6.32 1.37 -2.27
C ILE A 66 -5.65 2.55 -1.51
N GLU A 67 -6.16 3.76 -1.73
CA GLU A 67 -5.64 4.92 -1.03
C GLU A 67 -5.95 4.82 0.47
N LYS A 68 -7.17 4.39 0.79
CA LYS A 68 -7.58 4.25 2.18
C LYS A 68 -6.82 3.16 2.89
N VAL A 69 -6.44 2.09 2.20
CA VAL A 69 -5.67 1.06 2.86
C VAL A 69 -4.26 1.53 3.13
N ILE A 70 -3.71 2.38 2.24
CA ILE A 70 -2.39 2.96 2.47
C ILE A 70 -2.45 3.84 3.72
N HIS A 71 -3.54 4.58 3.85
CA HIS A 71 -3.80 5.39 5.04
C HIS A 71 -3.96 4.49 6.29
N ARG A 72 -4.76 3.46 6.16
CA ARG A 72 -5.01 2.57 7.29
C ARG A 72 -3.74 1.83 7.69
N LEU A 73 -2.96 1.45 6.69
CA LEU A 73 -1.68 0.78 6.85
C LEU A 73 -0.77 1.56 7.78
N THR A 74 -0.63 2.83 7.50
CA THR A 74 0.27 3.67 8.21
C THR A 74 -0.34 4.17 9.54
N HIS A 75 -1.66 4.22 9.62
CA HIS A 75 -2.32 4.90 10.76
C HIS A 75 -3.02 3.95 11.75
N TYR A 76 -3.72 2.97 11.24
CA TYR A 76 -4.49 2.09 12.11
C TYR A 76 -3.85 0.73 12.27
N ASP A 77 -3.36 0.19 11.18
CA ASP A 77 -2.76 -1.14 11.19
C ASP A 77 -1.39 -1.15 11.81
N HIS A 78 -0.55 -0.20 11.37
CA HIS A 78 0.85 -0.07 11.85
C HIS A 78 1.69 -1.27 11.44
N VAL A 79 1.22 -2.00 10.45
CA VAL A 79 1.90 -3.21 9.98
C VAL A 79 2.88 -2.83 8.84
N LEU A 80 3.16 -1.54 8.75
CA LEU A 80 4.08 -1.00 7.78
C LEU A 80 5.48 -0.96 8.35
N ILE A 81 6.42 -0.85 7.49
CA ILE A 81 7.76 -0.52 7.83
C ILE A 81 8.12 0.58 6.83
N GLU A 82 8.43 1.74 7.30
CA GLU A 82 8.79 2.81 6.41
C GLU A 82 10.25 3.13 6.54
N LEU A 83 10.95 2.97 5.45
CA LEU A 83 12.36 3.27 5.44
C LEU A 83 12.53 4.75 5.28
N THR A 84 12.77 5.41 6.38
CA THR A 84 12.96 6.83 6.39
C THR A 84 14.40 7.17 6.09
N GLN A 85 15.26 6.29 6.57
CA GLN A 85 16.73 6.23 6.38
C GLN A 85 17.55 7.52 6.70
N ALA A 86 17.00 8.67 6.36
CA ALA A 86 17.60 10.00 6.46
C ALA A 86 18.45 10.30 5.23
N GLY A 87 17.83 10.96 4.27
CA GLY A 87 18.51 11.30 3.04
C GLY A 87 18.18 10.38 1.90
N LEU A 88 16.98 9.80 1.96
CA LEU A 88 16.47 8.82 0.95
C LEU A 88 16.61 9.29 -0.47
N LYS A 89 16.27 10.53 -0.69
CA LYS A 89 16.19 11.07 -2.03
C LYS A 89 17.52 11.73 -2.41
N GLY A 90 18.57 11.46 -1.63
CA GLY A 90 19.87 12.08 -1.86
C GLY A 90 19.82 13.56 -1.57
N SER A 91 18.85 13.94 -0.78
CA SER A 91 18.60 15.31 -0.42
C SER A 91 19.66 15.82 0.55
N THR A 92 20.06 14.95 1.43
CA THR A 92 20.96 15.29 2.49
C THR A 92 21.80 14.06 2.82
N GLU A 93 22.84 14.26 3.59
CA GLU A 93 23.71 13.17 3.96
C GLU A 93 23.15 12.48 5.18
N GLY A 94 22.44 13.23 5.98
CA GLY A 94 21.87 12.70 7.16
C GLY A 94 21.12 13.76 7.92
N SER A 95 19.91 13.99 7.53
CA SER A 95 19.04 14.93 8.17
C SER A 95 17.62 14.45 8.06
N GLU A 96 16.69 15.19 8.62
CA GLU A 96 15.27 14.85 8.72
C GLU A 96 14.70 14.33 7.40
N SER A 97 14.02 13.22 7.48
CA SER A 97 13.36 12.64 6.33
C SER A 97 11.95 12.20 6.72
N TYR A 98 11.37 12.92 7.66
CA TYR A 98 10.03 12.60 8.12
C TYR A 98 9.02 13.40 7.33
N GLU A 99 9.48 14.50 6.76
CA GLU A 99 8.64 15.34 5.91
C GLU A 99 8.54 14.64 4.56
N GLU A 100 9.56 13.84 4.34
CA GLU A 100 9.80 13.14 3.12
C GLU A 100 8.83 11.96 2.95
N ASP A 101 8.63 11.57 1.72
CA ASP A 101 7.80 10.44 1.37
C ASP A 101 8.72 9.25 1.30
N PRO A 102 8.63 8.33 2.25
CA PRO A 102 9.55 7.23 2.36
C PRO A 102 9.20 6.03 1.48
N TYR A 103 10.03 5.03 1.56
CA TYR A 103 9.81 3.80 0.87
C TYR A 103 9.12 2.83 1.80
N LEU A 104 8.01 2.32 1.36
CA LEU A 104 7.16 1.50 2.18
C LEU A 104 7.34 0.04 1.91
N VAL A 105 7.51 -0.67 2.96
CA VAL A 105 7.54 -2.09 2.98
C VAL A 105 6.51 -2.56 3.99
N VAL A 106 5.82 -3.60 3.66
CA VAL A 106 4.78 -4.11 4.53
C VAL A 106 5.19 -5.48 5.02
N ASN A 107 4.78 -5.82 6.23
CA ASN A 107 5.07 -7.13 6.78
C ASN A 107 4.35 -8.17 5.93
N PRO A 108 5.01 -9.31 5.64
CA PRO A 108 4.43 -10.41 4.86
C PRO A 108 3.09 -10.88 5.42
N ASN A 109 2.87 -10.66 6.71
CA ASN A 109 1.65 -11.12 7.33
C ASN A 109 0.71 -9.99 7.57
N TYR A 110 -0.06 -9.69 6.58
CA TYR A 110 -1.11 -8.75 6.72
C TYR A 110 -2.31 -9.58 7.12
N LEU A 111 -2.88 -9.26 8.23
CA LEU A 111 -3.97 -10.03 8.86
C LEU A 111 -5.30 -10.12 8.05
N LEU A 112 -5.34 -9.61 6.84
CA LEU A 112 -6.53 -9.71 6.05
C LEU A 112 -6.33 -10.67 4.93
N GLU A 113 -7.23 -11.61 4.88
CA GLU A 113 -7.30 -12.65 3.89
C GLU A 113 -8.49 -13.44 4.31
N ASP A 114 -8.48 -13.70 5.60
CA ASP A 114 -9.54 -14.36 6.29
C ASP A 114 -9.39 -14.05 7.74
N ALA A 1 -20.19 -16.85 14.28
CA ALA A 1 -19.28 -17.91 13.91
C ALA A 1 -17.86 -17.39 13.92
N PRO A 2 -16.92 -18.11 14.53
CA PRO A 2 -15.55 -17.67 14.63
C PRO A 2 -14.76 -17.85 13.34
N LYS A 3 -14.20 -16.74 12.86
CA LYS A 3 -13.30 -16.67 11.69
C LYS A 3 -13.94 -17.02 10.35
N ALA A 4 -13.24 -16.60 9.32
CA ALA A 4 -13.55 -16.79 7.89
C ALA A 4 -12.66 -15.85 7.13
N SER A 5 -12.36 -14.75 7.80
CA SER A 5 -11.52 -13.67 7.34
C SER A 5 -12.25 -12.86 6.27
N LEU A 6 -12.93 -11.81 6.75
CA LEU A 6 -13.70 -10.86 5.91
C LEU A 6 -14.90 -11.56 5.27
N ARG A 7 -16.04 -11.42 5.90
CA ARG A 7 -17.23 -12.10 5.45
C ARG A 7 -18.12 -11.23 4.57
N LEU A 8 -18.88 -10.38 5.19
CA LEU A 8 -19.85 -9.57 4.48
C LEU A 8 -19.24 -8.22 4.20
N GLY A 9 -19.35 -7.79 2.98
CA GLY A 9 -18.78 -6.54 2.57
C GLY A 9 -17.33 -6.74 2.25
N PHE A 10 -16.54 -5.69 2.40
CA PHE A 10 -15.09 -5.73 2.23
C PHE A 10 -14.64 -6.11 0.82
N SER A 11 -15.54 -6.13 -0.14
CA SER A 11 -15.21 -6.56 -1.49
C SER A 11 -14.09 -5.71 -2.07
N GLU A 12 -14.18 -4.42 -1.84
CA GLU A 12 -13.18 -3.50 -2.30
C GLU A 12 -11.92 -3.57 -1.47
N TYR A 13 -12.09 -3.56 -0.15
CA TYR A 13 -10.96 -3.64 0.78
C TYR A 13 -10.12 -4.89 0.51
N SER A 14 -10.79 -5.99 0.19
CA SER A 14 -10.12 -7.24 -0.11
C SER A 14 -9.23 -7.11 -1.36
N ARG A 15 -9.65 -6.28 -2.32
CA ARG A 15 -8.90 -6.12 -3.58
C ARG A 15 -7.67 -5.25 -3.34
N ILE A 16 -7.81 -4.21 -2.53
CA ILE A 16 -6.67 -3.37 -2.18
C ILE A 16 -5.71 -4.15 -1.29
N SER A 17 -6.25 -4.87 -0.34
CA SER A 17 -5.49 -5.73 0.54
C SER A 17 -4.81 -6.84 -0.27
N ASN A 18 -5.46 -7.26 -1.34
CA ASN A 18 -4.95 -8.30 -2.23
C ASN A 18 -3.67 -7.81 -2.88
N LEU A 19 -3.67 -6.53 -3.34
CA LEU A 19 -2.49 -5.89 -3.90
C LEU A 19 -1.39 -6.00 -2.88
N ILE A 20 -1.70 -5.57 -1.68
CA ILE A 20 -0.76 -5.49 -0.59
C ILE A 20 -0.13 -6.81 -0.31
N VAL A 21 -0.94 -7.82 -0.16
CA VAL A 21 -0.41 -9.11 0.16
C VAL A 21 0.34 -9.71 -1.03
N LEU A 22 -0.20 -9.60 -2.24
CA LEU A 22 0.44 -10.14 -3.44
C LEU A 22 1.79 -9.49 -3.71
N HIS A 23 1.80 -8.17 -3.65
CA HIS A 23 3.01 -7.39 -3.83
C HIS A 23 4.02 -7.80 -2.79
N LEU A 24 3.61 -7.74 -1.54
CA LEU A 24 4.46 -8.09 -0.43
C LEU A 24 5.01 -9.53 -0.55
N ARG A 25 4.14 -10.49 -0.90
CA ARG A 25 4.54 -11.90 -1.12
C ARG A 25 5.65 -11.99 -2.16
N LYS A 26 5.43 -11.34 -3.30
CA LYS A 26 6.41 -11.34 -4.37
C LYS A 26 7.70 -10.65 -3.93
N VAL A 27 7.54 -9.56 -3.22
CA VAL A 27 8.66 -8.80 -2.78
C VAL A 27 9.51 -9.53 -1.74
N GLU A 28 8.89 -10.08 -0.70
CA GLU A 28 9.63 -10.77 0.35
C GLU A 28 10.28 -12.05 -0.18
N GLU A 29 9.66 -12.63 -1.19
CA GLU A 29 10.18 -13.82 -1.82
C GLU A 29 11.40 -13.48 -2.69
N GLU A 30 11.29 -12.42 -3.44
CA GLU A 30 12.31 -12.06 -4.41
C GLU A 30 13.24 -10.93 -3.97
N GLU A 31 12.68 -9.74 -3.88
CA GLU A 31 13.43 -8.49 -3.74
C GLU A 31 13.88 -8.17 -2.33
N ASP A 32 13.08 -8.57 -1.36
CA ASP A 32 13.28 -8.24 0.07
C ASP A 32 13.06 -6.76 0.30
N GLU A 33 11.82 -6.42 0.70
CA GLU A 33 11.40 -5.04 1.05
C GLU A 33 11.18 -4.18 -0.19
N SER A 34 9.94 -3.75 -0.33
CA SER A 34 9.45 -3.02 -1.48
C SER A 34 10.27 -1.75 -1.75
N ALA A 35 10.28 -0.85 -0.76
CA ALA A 35 10.87 0.47 -0.88
C ALA A 35 10.42 1.17 -2.17
N LEU A 36 9.20 1.64 -2.18
CA LEU A 36 8.63 2.28 -3.35
C LEU A 36 7.98 3.60 -2.99
N LYS A 37 7.46 4.25 -3.99
CA LYS A 37 6.80 5.51 -3.83
C LYS A 37 5.30 5.31 -3.67
N ARG A 38 4.72 6.04 -2.75
CA ARG A 38 3.30 5.93 -2.42
C ARG A 38 2.41 6.24 -3.63
N SER A 39 2.75 7.28 -4.37
CA SER A 39 1.96 7.68 -5.51
C SER A 39 2.12 6.65 -6.63
N GLU A 40 3.31 6.06 -6.71
CA GLU A 40 3.64 5.07 -7.73
C GLU A 40 2.84 3.77 -7.48
N LEU A 41 2.66 3.45 -6.21
CA LEU A 41 1.90 2.26 -5.81
C LEU A 41 0.46 2.39 -6.31
N VAL A 42 -0.12 3.53 -6.04
CA VAL A 42 -1.48 3.84 -6.47
C VAL A 42 -1.53 3.89 -7.99
N ASN A 43 -0.46 4.44 -8.57
CA ASN A 43 -0.33 4.64 -10.01
C ASN A 43 -0.52 3.35 -10.76
N TRP A 44 0.29 2.35 -10.44
CA TRP A 44 0.19 1.09 -11.16
C TRP A 44 -1.10 0.37 -10.80
N TYR A 45 -1.58 0.59 -9.58
CA TYR A 45 -2.78 -0.08 -9.12
C TYR A 45 -3.94 0.29 -9.98
N LEU A 46 -4.15 1.59 -10.11
CA LEU A 46 -5.25 2.13 -10.89
C LEU A 46 -5.17 1.66 -12.31
N LYS A 47 -4.00 1.81 -12.89
CA LYS A 47 -3.76 1.48 -14.27
C LYS A 47 -4.04 0.00 -14.57
N GLU A 48 -3.69 -0.86 -13.65
CA GLU A 48 -3.92 -2.29 -13.83
C GLU A 48 -5.38 -2.65 -13.60
N ILE A 49 -6.03 -2.00 -12.64
CA ILE A 49 -7.41 -2.35 -12.30
C ILE A 49 -8.41 -1.62 -13.17
N GLU A 50 -7.92 -0.70 -14.00
CA GLU A 50 -8.78 0.05 -14.91
C GLU A 50 -9.62 -0.83 -15.84
N SER A 51 -9.25 -2.08 -15.96
CA SER A 51 -9.99 -3.02 -16.73
C SER A 51 -11.31 -3.40 -16.05
N GLU A 52 -11.34 -3.44 -14.72
CA GLU A 52 -12.57 -3.80 -14.00
C GLU A 52 -13.38 -2.55 -13.72
N ILE A 53 -12.81 -1.42 -14.07
CA ILE A 53 -13.43 -0.15 -13.87
C ILE A 53 -14.53 0.03 -14.92
N ASP A 54 -15.74 -0.16 -14.49
CA ASP A 54 -16.91 -0.05 -15.33
C ASP A 54 -17.41 1.38 -15.37
N SER A 55 -17.07 2.12 -14.37
CA SER A 55 -17.54 3.45 -14.19
C SER A 55 -16.50 4.25 -13.46
N GLU A 56 -16.54 5.56 -13.60
CA GLU A 56 -15.59 6.44 -12.97
C GLU A 56 -15.71 6.34 -11.45
N GLU A 57 -16.93 6.07 -10.98
CA GLU A 57 -17.22 5.93 -9.57
C GLU A 57 -16.37 4.81 -8.98
N GLU A 58 -16.28 3.72 -9.74
CA GLU A 58 -15.49 2.55 -9.38
C GLU A 58 -14.04 2.94 -9.16
N LEU A 59 -13.53 3.77 -10.06
CA LEU A 59 -12.14 4.20 -10.03
C LEU A 59 -11.90 5.17 -8.88
N ILE A 60 -12.83 6.11 -8.69
CA ILE A 60 -12.76 7.06 -7.59
C ILE A 60 -12.76 6.29 -6.27
N ASN A 61 -13.65 5.33 -6.16
CA ASN A 61 -13.75 4.43 -5.01
C ASN A 61 -12.44 3.70 -4.77
N LYS A 62 -11.90 3.06 -5.81
CA LYS A 62 -10.64 2.33 -5.72
C LYS A 62 -9.52 3.25 -5.25
N LYS A 63 -9.47 4.43 -5.82
CA LYS A 63 -8.46 5.42 -5.50
C LYS A 63 -8.61 5.90 -4.05
N ARG A 64 -9.84 6.13 -3.65
CA ARG A 64 -10.15 6.58 -2.30
C ARG A 64 -9.77 5.52 -1.27
N ILE A 65 -10.00 4.27 -1.61
CA ILE A 65 -9.67 3.18 -0.71
C ILE A 65 -8.18 2.94 -0.64
N ILE A 66 -7.50 2.90 -1.79
CA ILE A 66 -6.05 2.69 -1.77
C ILE A 66 -5.36 3.83 -1.00
N GLU A 67 -5.89 5.04 -1.14
CA GLU A 67 -5.45 6.20 -0.38
C GLU A 67 -5.66 5.95 1.12
N LYS A 68 -6.89 5.57 1.47
CA LYS A 68 -7.26 5.28 2.86
C LYS A 68 -6.41 4.18 3.45
N VAL A 69 -6.12 3.16 2.66
CA VAL A 69 -5.32 2.06 3.13
C VAL A 69 -3.85 2.47 3.32
N ILE A 70 -3.32 3.31 2.43
CA ILE A 70 -1.96 3.84 2.60
C ILE A 70 -1.90 4.71 3.87
N HIS A 71 -2.97 5.47 4.07
CA HIS A 71 -3.15 6.28 5.27
C HIS A 71 -3.17 5.36 6.51
N ARG A 72 -3.99 4.34 6.45
CA ARG A 72 -4.13 3.37 7.52
C ARG A 72 -2.79 2.68 7.82
N LEU A 73 -2.08 2.35 6.76
CA LEU A 73 -0.76 1.75 6.77
C LEU A 73 0.23 2.56 7.63
N THR A 74 0.27 3.86 7.41
CA THR A 74 1.21 4.72 8.11
C THR A 74 0.65 5.24 9.45
N HIS A 75 -0.59 4.95 9.76
CA HIS A 75 -1.16 5.49 11.00
C HIS A 75 -1.72 4.43 11.92
N TYR A 76 -2.79 3.79 11.51
CA TYR A 76 -3.54 2.90 12.39
C TYR A 76 -2.87 1.55 12.56
N ASP A 77 -2.42 0.96 11.46
CA ASP A 77 -1.77 -0.35 11.53
C ASP A 77 -0.34 -0.18 11.94
N HIS A 78 0.32 0.74 11.26
CA HIS A 78 1.73 1.09 11.49
C HIS A 78 2.63 -0.14 11.25
N VAL A 79 2.49 -0.68 10.06
CA VAL A 79 3.29 -1.82 9.61
C VAL A 79 4.16 -1.37 8.45
N LEU A 80 4.39 -0.08 8.44
CA LEU A 80 5.13 0.58 7.42
C LEU A 80 6.52 0.91 7.92
N ILE A 81 7.47 0.85 7.05
CA ILE A 81 8.79 1.31 7.32
C ILE A 81 9.09 2.32 6.25
N GLU A 82 9.53 3.48 6.61
CA GLU A 82 9.88 4.43 5.64
C GLU A 82 11.37 4.66 5.60
N LEU A 83 11.94 4.45 4.46
CA LEU A 83 13.33 4.65 4.28
C LEU A 83 13.53 6.09 3.99
N THR A 84 13.73 6.82 5.07
CA THR A 84 13.89 8.24 5.07
C THR A 84 14.92 8.68 4.05
N GLN A 85 14.52 9.65 3.23
CA GLN A 85 15.34 10.16 2.13
C GLN A 85 16.60 10.84 2.61
N ALA A 86 16.66 11.09 3.90
CA ALA A 86 17.79 11.73 4.53
C ALA A 86 19.07 10.92 4.35
N GLY A 87 18.95 9.61 4.33
CA GLY A 87 20.12 8.78 4.20
C GLY A 87 20.00 7.79 3.07
N LEU A 88 19.64 8.28 1.90
CA LEU A 88 19.50 7.41 0.73
C LEU A 88 20.57 7.74 -0.28
N LYS A 89 21.55 8.44 0.18
CA LYS A 89 22.68 8.84 -0.60
C LYS A 89 23.74 9.18 0.43
N GLY A 90 24.95 9.50 -0.01
CA GLY A 90 26.02 9.87 0.90
C GLY A 90 25.81 11.26 1.47
N SER A 91 24.83 11.36 2.31
CA SER A 91 24.47 12.57 2.98
C SER A 91 24.46 12.29 4.48
N THR A 92 25.45 12.82 5.17
CA THR A 92 25.57 12.63 6.59
C THR A 92 24.50 13.45 7.30
N GLU A 93 24.25 14.61 6.78
CA GLU A 93 23.24 15.46 7.30
C GLU A 93 22.01 15.22 6.47
N GLY A 94 20.91 14.92 7.13
CA GLY A 94 19.69 14.66 6.43
C GLY A 94 19.15 15.93 5.84
N SER A 95 19.06 15.98 4.53
CA SER A 95 18.63 17.18 3.87
C SER A 95 17.09 17.27 3.80
N GLU A 96 16.47 17.20 4.98
CA GLU A 96 15.04 17.43 5.22
C GLU A 96 14.07 16.58 4.34
N SER A 97 12.79 16.89 4.40
CA SER A 97 11.78 16.16 3.65
C SER A 97 10.99 17.06 2.70
N TYR A 98 11.50 18.27 2.51
CA TYR A 98 10.87 19.31 1.70
C TYR A 98 10.63 18.88 0.24
N GLU A 99 11.51 18.04 -0.29
CA GLU A 99 11.41 17.62 -1.67
C GLU A 99 10.18 16.73 -1.96
N GLU A 100 10.06 15.58 -1.29
CA GLU A 100 8.90 14.70 -1.43
C GLU A 100 8.94 13.62 -0.35
N ASP A 101 8.11 12.59 -0.52
CA ASP A 101 8.05 11.46 0.39
C ASP A 101 9.29 10.58 0.24
N PRO A 102 9.60 9.76 1.25
CA PRO A 102 10.72 8.81 1.18
C PRO A 102 10.32 7.50 0.45
N TYR A 103 11.04 6.43 0.69
CA TYR A 103 10.68 5.15 0.13
C TYR A 103 9.91 4.32 1.15
N LEU A 104 8.72 3.93 0.77
CA LEU A 104 7.80 3.22 1.65
C LEU A 104 7.97 1.74 1.54
N VAL A 105 8.00 1.09 2.67
CA VAL A 105 8.13 -0.34 2.73
C VAL A 105 7.00 -0.89 3.59
N VAL A 106 6.41 -1.97 3.19
CA VAL A 106 5.42 -2.62 4.01
C VAL A 106 6.03 -3.89 4.56
N ASN A 107 5.86 -4.11 5.84
CA ASN A 107 6.41 -5.28 6.50
C ASN A 107 5.59 -6.49 6.16
N PRO A 108 6.25 -7.68 6.01
CA PRO A 108 5.59 -8.97 5.79
C PRO A 108 4.34 -9.19 6.66
N ASN A 109 4.35 -8.64 7.88
CA ASN A 109 3.24 -8.86 8.75
C ASN A 109 2.25 -7.71 8.69
N TYR A 110 1.35 -7.80 7.77
CA TYR A 110 0.24 -6.88 7.70
C TYR A 110 -0.96 -7.66 8.18
N LEU A 111 -1.46 -7.29 9.32
CA LEU A 111 -2.61 -7.93 9.90
C LEU A 111 -3.87 -7.55 9.14
N LEU A 112 -4.77 -8.48 8.97
CA LEU A 112 -5.97 -8.21 8.25
C LEU A 112 -7.03 -7.66 9.19
N GLU A 113 -8.17 -7.32 8.65
CA GLU A 113 -9.21 -6.75 9.45
C GLU A 113 -9.86 -7.83 10.32
N ASP A 114 -9.96 -9.01 9.75
CA ASP A 114 -10.60 -10.14 10.36
C ASP A 114 -9.88 -11.37 9.89
#